data_1ZR9
#
_entry.id   1ZR9
#
loop_
_entity.id
_entity.type
_entity.pdbx_description
1 polymer 'Zinc finger protein 593'
2 non-polymer 'ZINC ION'
#
_entity_poly.entity_id   1
_entity_poly.type   'polypeptide(L)'
_entity_poly.pdbx_seq_one_letter_code
;GHHHHHHLEKAKRRRPDLDEIHRELRPQGSARPQPDPNAEFDPDLPGGGLHRCLACARYFIDSTNLKTHFRSKDHKKRLK
QLSVEPYSQEEAERAAGMGSYVPPRRLAVPTEVSTEVPEMDTST
;
_entity_poly.pdbx_strand_id   A
#
loop_
_chem_comp.id
_chem_comp.type
_chem_comp.name
_chem_comp.formula
ZN non-polymer 'ZINC ION' 'Zn 2'
#
# COMPACT_ATOMS: atom_id res chain seq x y z
N ASP A 36 -14.75 14.39 17.74
CA ASP A 36 -14.06 15.68 17.79
C ASP A 36 -14.56 16.57 16.68
N PRO A 37 -14.96 17.82 17.00
CA PRO A 37 -15.45 18.76 16.00
C PRO A 37 -14.39 19.08 14.95
N ASN A 38 -14.79 19.04 13.70
CA ASN A 38 -13.94 19.28 12.54
C ASN A 38 -12.69 18.39 12.55
N ALA A 39 -12.86 17.15 12.16
CA ALA A 39 -11.77 16.19 12.06
C ALA A 39 -12.20 14.94 11.32
N GLU A 40 -12.03 14.96 10.01
CA GLU A 40 -12.28 13.80 9.21
C GLU A 40 -11.05 12.90 9.23
N PHE A 41 -9.99 13.51 9.64
CA PHE A 41 -8.70 12.88 9.77
C PHE A 41 -8.41 12.62 11.24
N ASP A 42 -7.38 11.87 11.51
CA ASP A 42 -6.94 11.62 12.86
C ASP A 42 -5.68 12.45 13.13
N PRO A 43 -5.59 13.13 14.30
CA PRO A 43 -4.44 13.97 14.62
C PRO A 43 -3.24 13.24 15.23
N ASP A 44 -3.33 11.95 15.39
CA ASP A 44 -2.20 11.21 15.93
C ASP A 44 -1.49 10.48 14.83
N LEU A 45 -2.25 10.09 13.85
CA LEU A 45 -1.74 9.33 12.76
C LEU A 45 -1.24 10.22 11.62
N PRO A 46 -0.04 9.92 11.09
CA PRO A 46 0.53 10.66 9.96
C PRO A 46 -0.38 10.58 8.75
N GLY A 47 -0.68 11.73 8.16
CA GLY A 47 -1.53 11.77 7.00
C GLY A 47 -2.96 11.60 7.39
N GLY A 48 -3.24 11.89 8.66
CA GLY A 48 -4.57 11.77 9.18
C GLY A 48 -5.01 10.34 9.30
N GLY A 49 -4.07 9.43 9.06
CA GLY A 49 -4.37 8.03 9.04
C GLY A 49 -5.14 7.65 7.78
N LEU A 50 -5.20 8.60 6.84
CA LEU A 50 -5.99 8.46 5.65
C LEU A 50 -5.17 7.93 4.47
N HIS A 51 -3.87 7.88 4.62
CA HIS A 51 -2.99 7.42 3.55
C HIS A 51 -2.18 6.30 4.09
N ARG A 52 -2.57 5.11 3.79
CA ARG A 52 -1.89 3.96 4.31
C ARG A 52 -1.55 2.99 3.22
N CYS A 53 -0.47 2.32 3.40
CA CYS A 53 -0.22 1.14 2.63
C CYS A 53 -0.67 0.02 3.52
N LEU A 54 -1.65 -0.71 3.10
CA LEU A 54 -2.26 -1.75 3.93
C LEU A 54 -1.27 -2.88 4.17
N ALA A 55 -0.50 -3.17 3.16
CA ALA A 55 0.52 -4.21 3.23
C ALA A 55 1.64 -3.84 4.21
N CYS A 56 1.74 -2.56 4.55
CA CYS A 56 2.76 -2.14 5.49
C CYS A 56 2.19 -1.62 6.80
N ALA A 57 0.88 -1.37 6.84
CA ALA A 57 0.19 -0.86 8.04
C ALA A 57 0.82 0.48 8.49
N ARG A 58 1.44 1.15 7.53
CA ARG A 58 2.12 2.40 7.79
C ARG A 58 1.31 3.53 7.24
N TYR A 59 1.35 4.60 7.96
CA TYR A 59 0.61 5.76 7.68
C TYR A 59 1.56 6.80 7.13
N PHE A 60 1.22 7.34 6.01
CA PHE A 60 2.04 8.33 5.35
C PHE A 60 1.35 9.66 5.39
N ILE A 61 2.13 10.71 5.51
CA ILE A 61 1.62 12.05 5.62
C ILE A 61 0.81 12.49 4.40
N ASP A 62 1.15 11.97 3.23
CA ASP A 62 0.51 12.39 2.01
C ASP A 62 0.46 11.24 1.03
N SER A 63 -0.49 11.29 0.11
CA SER A 63 -0.67 10.26 -0.90
C SER A 63 0.57 10.14 -1.78
N THR A 64 1.25 11.26 -2.01
CA THR A 64 2.46 11.26 -2.83
C THR A 64 3.55 10.42 -2.15
N ASN A 65 3.65 10.54 -0.83
CA ASN A 65 4.61 9.79 -0.06
C ASN A 65 4.27 8.32 -0.07
N LEU A 66 3.00 8.04 -0.02
CA LEU A 66 2.50 6.70 -0.04
C LEU A 66 2.76 6.03 -1.40
N LYS A 67 2.39 6.70 -2.46
CA LYS A 67 2.60 6.17 -3.81
C LYS A 67 4.11 6.01 -4.14
N THR A 68 4.93 6.93 -3.63
CA THR A 68 6.39 6.84 -3.81
C THR A 68 6.92 5.57 -3.11
N HIS A 69 6.25 5.19 -2.06
CA HIS A 69 6.55 4.00 -1.30
C HIS A 69 6.36 2.71 -2.14
N PHE A 70 5.47 2.72 -3.10
CA PHE A 70 5.26 1.49 -3.87
C PHE A 70 6.25 1.39 -5.00
N ARG A 71 7.20 2.31 -5.04
CA ARG A 71 8.22 2.27 -6.09
C ARG A 71 9.26 1.17 -5.83
N SER A 72 9.04 0.42 -4.78
CA SER A 72 9.82 -0.74 -4.49
C SER A 72 9.20 -1.91 -5.29
N LYS A 73 9.86 -2.30 -6.38
CA LYS A 73 9.34 -3.36 -7.26
C LYS A 73 9.12 -4.70 -6.55
N ASP A 74 9.93 -4.98 -5.56
CA ASP A 74 9.89 -6.26 -4.84
C ASP A 74 8.64 -6.35 -3.97
N HIS A 75 8.19 -5.20 -3.51
CA HIS A 75 7.01 -5.07 -2.66
C HIS A 75 5.78 -5.48 -3.40
N LYS A 76 5.61 -4.89 -4.53
CA LYS A 76 4.42 -5.11 -5.32
C LYS A 76 4.44 -6.52 -5.88
N LYS A 77 5.63 -7.00 -6.08
CA LYS A 77 5.90 -8.38 -6.40
C LYS A 77 5.34 -9.29 -5.30
N ARG A 78 5.58 -8.91 -4.04
CA ARG A 78 5.10 -9.70 -2.93
C ARG A 78 3.58 -9.60 -2.86
N LEU A 79 3.07 -8.47 -3.28
CA LEU A 79 1.66 -8.20 -3.27
C LEU A 79 0.97 -9.08 -4.29
N LYS A 80 1.62 -9.27 -5.42
CA LYS A 80 1.14 -10.12 -6.48
C LYS A 80 1.07 -11.57 -6.01
N GLN A 81 2.09 -11.99 -5.28
CA GLN A 81 2.15 -13.36 -4.74
C GLN A 81 1.09 -13.58 -3.66
N LEU A 82 0.90 -12.57 -2.83
CA LEU A 82 -0.03 -12.63 -1.72
C LEU A 82 -1.50 -12.42 -2.18
N SER A 83 -1.66 -11.88 -3.40
CA SER A 83 -2.97 -11.61 -4.03
C SER A 83 -3.62 -10.33 -3.44
N VAL A 84 -2.78 -9.46 -2.89
CA VAL A 84 -3.23 -8.19 -2.32
C VAL A 84 -3.86 -7.33 -3.41
N GLU A 85 -3.07 -7.03 -4.43
CA GLU A 85 -3.52 -6.26 -5.55
C GLU A 85 -2.91 -6.76 -6.86
N PRO A 86 -3.65 -7.60 -7.60
CA PRO A 86 -3.23 -8.04 -8.94
C PRO A 86 -3.24 -6.83 -9.87
N TYR A 87 -2.12 -6.60 -10.52
CA TYR A 87 -1.90 -5.43 -11.37
C TYR A 87 -1.79 -4.18 -10.51
N SER A 88 -0.57 -3.88 -10.15
CA SER A 88 -0.26 -2.81 -9.26
C SER A 88 0.30 -1.63 -10.07
N GLN A 89 0.88 -0.69 -9.37
CA GLN A 89 1.44 0.50 -9.97
C GLN A 89 2.68 0.11 -10.77
N GLU A 90 2.95 0.88 -11.82
CA GLU A 90 4.06 0.66 -12.78
C GLU A 90 3.66 -0.42 -13.80
N GLU A 91 2.45 -0.93 -13.63
CA GLU A 91 1.92 -1.92 -14.52
C GLU A 91 0.53 -1.49 -15.01
N ALA A 92 -0.40 -1.32 -14.08
CA ALA A 92 -1.76 -0.88 -14.42
C ALA A 92 -1.91 0.62 -14.19
N GLU A 93 -0.78 1.24 -14.21
CA GLU A 93 -0.59 2.62 -14.03
C GLU A 93 0.88 2.83 -14.33
N ARG A 94 1.18 3.17 -15.55
CA ARG A 94 2.55 3.28 -15.98
C ARG A 94 2.92 4.63 -16.57
N ALA A 95 4.16 4.99 -16.38
CA ALA A 95 4.73 6.23 -16.88
C ALA A 95 5.56 5.89 -18.11
N ALA A 96 5.02 4.99 -18.90
CA ALA A 96 5.68 4.48 -20.06
C ALA A 96 4.75 4.57 -21.23
N GLY A 97 4.68 5.74 -21.75
CA GLY A 97 3.90 6.02 -22.92
C GLY A 97 4.32 7.32 -23.54
N MET A 98 3.38 8.26 -23.64
CA MET A 98 3.59 9.60 -24.20
C MET A 98 4.01 9.48 -25.66
N GLY A 99 3.03 9.53 -26.52
CA GLY A 99 3.28 9.47 -27.92
C GLY A 99 2.73 10.69 -28.58
N SER A 100 3.32 11.82 -28.27
CA SER A 100 2.88 13.06 -28.79
C SER A 100 3.94 13.68 -29.69
N TYR A 101 3.60 13.82 -30.94
CA TYR A 101 4.46 14.42 -31.93
C TYR A 101 3.76 15.71 -32.37
N VAL A 102 4.51 16.63 -32.96
CA VAL A 102 3.93 17.87 -33.47
C VAL A 102 2.87 17.62 -34.55
ZN ZN B . 3.97 -1.03 1.55
N ASP A 36 -4.36 27.10 10.05
CA ASP A 36 -4.66 25.68 9.84
C ASP A 36 -6.05 25.56 9.21
N PRO A 37 -6.21 24.66 8.20
CA PRO A 37 -7.51 24.41 7.55
C PRO A 37 -8.51 23.80 8.55
N ASN A 38 -9.69 23.49 8.06
CA ASN A 38 -10.70 22.81 8.88
C ASN A 38 -10.17 21.49 9.36
N ALA A 39 -9.39 20.84 8.49
CA ALA A 39 -8.74 19.57 8.75
C ALA A 39 -9.76 18.46 8.89
N GLU A 40 -10.09 17.84 7.79
CA GLU A 40 -11.00 16.74 7.77
C GLU A 40 -10.31 15.49 8.28
N PHE A 41 -9.01 15.50 8.14
CA PHE A 41 -8.15 14.43 8.59
C PHE A 41 -7.85 14.57 10.07
N ASP A 42 -7.29 13.56 10.67
CA ASP A 42 -6.90 13.64 12.06
C ASP A 42 -5.45 14.10 12.12
N PRO A 43 -5.14 15.22 12.81
CA PRO A 43 -3.79 15.77 12.88
C PRO A 43 -2.81 14.96 13.75
N ASP A 44 -3.33 14.00 14.49
CA ASP A 44 -2.49 13.18 15.34
C ASP A 44 -1.98 12.00 14.54
N LEU A 45 -2.81 11.54 13.63
CA LEU A 45 -2.47 10.41 12.79
C LEU A 45 -1.78 10.88 11.51
N PRO A 46 -0.73 10.16 11.05
CA PRO A 46 -0.01 10.54 9.83
C PRO A 46 -0.91 10.49 8.61
N GLY A 47 -1.13 11.67 8.01
CA GLY A 47 -2.00 11.78 6.85
C GLY A 47 -3.43 11.52 7.22
N GLY A 48 -3.74 11.65 8.52
CA GLY A 48 -5.06 11.38 9.03
C GLY A 48 -5.37 9.90 8.99
N GLY A 49 -4.36 9.10 8.68
CA GLY A 49 -4.54 7.69 8.52
C GLY A 49 -5.20 7.35 7.19
N LEU A 50 -5.43 8.36 6.36
CA LEU A 50 -6.14 8.24 5.11
C LEU A 50 -5.22 7.79 3.99
N HIS A 51 -3.94 7.78 4.25
CA HIS A 51 -2.98 7.38 3.28
C HIS A 51 -2.12 6.31 3.87
N ARG A 52 -2.41 5.09 3.57
CA ARG A 52 -1.66 4.01 4.12
C ARG A 52 -1.51 2.86 3.17
N CYS A 53 -0.44 2.17 3.35
CA CYS A 53 -0.19 0.93 2.67
C CYS A 53 -0.59 -0.19 3.61
N LEU A 54 -1.57 -0.98 3.22
CA LEU A 54 -2.10 -2.05 4.06
C LEU A 54 -1.04 -3.09 4.33
N ALA A 55 -0.22 -3.36 3.33
CA ALA A 55 0.84 -4.34 3.43
C ALA A 55 1.91 -3.95 4.45
N CYS A 56 2.03 -2.65 4.74
CA CYS A 56 3.04 -2.19 5.68
C CYS A 56 2.45 -1.68 6.97
N ALA A 57 1.12 -1.44 6.95
CA ALA A 57 0.34 -1.02 8.11
C ALA A 57 0.76 0.37 8.61
N ARG A 58 1.54 1.08 7.84
CA ARG A 58 1.99 2.37 8.26
C ARG A 58 1.27 3.44 7.50
N TYR A 59 1.18 4.59 8.10
CA TYR A 59 0.46 5.68 7.56
C TYR A 59 1.45 6.70 7.01
N PHE A 60 1.06 7.34 5.95
CA PHE A 60 1.90 8.31 5.29
C PHE A 60 1.22 9.65 5.29
N ILE A 61 2.00 10.71 5.24
CA ILE A 61 1.49 12.05 5.31
C ILE A 61 0.57 12.39 4.13
N ASP A 62 0.92 11.95 2.94
CA ASP A 62 0.08 12.23 1.79
C ASP A 62 0.14 11.06 0.83
N SER A 63 -0.61 11.15 -0.24
CA SER A 63 -0.69 10.09 -1.21
C SER A 63 0.62 9.98 -2.01
N THR A 64 1.31 11.10 -2.22
CA THR A 64 2.54 11.10 -2.99
C THR A 64 3.61 10.28 -2.27
N ASN A 65 3.76 10.51 -0.97
CA ASN A 65 4.69 9.78 -0.15
C ASN A 65 4.33 8.32 -0.09
N LEU A 66 3.06 8.04 0.01
CA LEU A 66 2.57 6.69 0.02
C LEU A 66 2.88 5.99 -1.32
N LYS A 67 2.54 6.63 -2.40
CA LYS A 67 2.86 6.09 -3.74
C LYS A 67 4.37 5.98 -3.98
N THR A 68 5.16 6.91 -3.45
CA THR A 68 6.63 6.85 -3.53
C THR A 68 7.12 5.57 -2.83
N HIS A 69 6.37 5.17 -1.83
CA HIS A 69 6.64 3.97 -1.08
C HIS A 69 6.49 2.69 -1.94
N PHE A 70 5.64 2.71 -2.95
CA PHE A 70 5.46 1.50 -3.75
C PHE A 70 6.43 1.50 -4.92
N ARG A 71 7.42 2.38 -4.88
CA ARG A 71 8.43 2.41 -5.92
C ARG A 71 9.44 1.26 -5.79
N SER A 72 9.20 0.42 -4.82
CA SER A 72 9.95 -0.78 -4.63
C SER A 72 9.24 -1.92 -5.39
N LYS A 73 9.84 -2.35 -6.48
CA LYS A 73 9.26 -3.36 -7.37
C LYS A 73 8.97 -4.67 -6.64
N ASP A 74 9.84 -5.01 -5.71
CA ASP A 74 9.74 -6.21 -4.91
C ASP A 74 8.52 -6.18 -4.02
N HIS A 75 8.11 -5.02 -3.62
CA HIS A 75 6.99 -4.88 -2.70
C HIS A 75 5.72 -5.19 -3.38
N LYS A 76 5.47 -4.50 -4.44
CA LYS A 76 4.26 -4.69 -5.17
C LYS A 76 4.21 -6.10 -5.76
N LYS A 77 5.40 -6.64 -6.03
CA LYS A 77 5.55 -8.04 -6.40
C LYS A 77 4.92 -8.94 -5.33
N ARG A 78 5.24 -8.65 -4.05
CA ARG A 78 4.75 -9.47 -2.96
C ARG A 78 3.23 -9.42 -2.90
N LEU A 79 2.69 -8.26 -3.23
CA LEU A 79 1.27 -8.04 -3.26
C LEU A 79 0.61 -8.85 -4.35
N LYS A 80 1.29 -9.00 -5.45
CA LYS A 80 0.79 -9.82 -6.56
C LYS A 80 0.92 -11.30 -6.26
N GLN A 81 1.89 -11.67 -5.42
CA GLN A 81 2.04 -13.06 -5.01
C GLN A 81 0.87 -13.45 -4.13
N LEU A 82 0.46 -12.53 -3.26
CA LEU A 82 -0.71 -12.72 -2.42
C LEU A 82 -1.96 -12.57 -3.29
N SER A 83 -1.80 -11.73 -4.30
CA SER A 83 -2.79 -11.42 -5.30
C SER A 83 -3.89 -10.57 -4.71
N VAL A 84 -3.68 -9.27 -4.73
CA VAL A 84 -4.61 -8.34 -4.21
C VAL A 84 -5.80 -8.18 -5.15
N GLU A 85 -5.52 -8.20 -6.44
CA GLU A 85 -6.56 -8.25 -7.45
C GLU A 85 -6.95 -9.71 -7.62
N PRO A 86 -8.18 -10.00 -8.06
CA PRO A 86 -8.57 -11.36 -8.39
C PRO A 86 -7.80 -11.86 -9.61
N TYR A 87 -7.20 -13.05 -9.47
CA TYR A 87 -6.38 -13.69 -10.51
C TYR A 87 -5.07 -12.94 -10.79
N SER A 88 -4.19 -13.58 -11.53
CA SER A 88 -2.98 -12.98 -11.89
C SER A 88 -3.15 -12.21 -13.19
N GLN A 89 -2.08 -11.60 -13.63
CA GLN A 89 -2.08 -10.69 -14.77
C GLN A 89 -2.52 -11.34 -16.05
N GLU A 90 -2.12 -12.52 -16.23
CA GLU A 90 -2.46 -13.27 -17.41
C GLU A 90 -3.76 -14.03 -17.15
N GLU A 91 -4.78 -13.23 -17.02
CA GLU A 91 -6.17 -13.63 -16.78
C GLU A 91 -6.95 -12.36 -16.50
N ALA A 92 -6.34 -11.48 -15.72
CA ALA A 92 -6.95 -10.23 -15.38
C ALA A 92 -5.92 -9.11 -15.35
N GLU A 93 -5.91 -8.29 -16.38
CA GLU A 93 -5.05 -7.13 -16.39
C GLU A 93 -5.82 -5.94 -15.89
N ARG A 94 -6.80 -5.55 -16.70
CA ARG A 94 -7.68 -4.43 -16.46
C ARG A 94 -6.90 -3.10 -16.42
N ALA A 95 -6.39 -2.69 -17.58
CA ALA A 95 -5.66 -1.43 -17.71
C ALA A 95 -5.44 -1.09 -19.19
N ALA A 96 -4.34 -1.63 -19.75
CA ALA A 96 -3.91 -1.43 -21.14
C ALA A 96 -2.51 -1.98 -21.28
N GLY A 97 -2.40 -3.18 -21.77
CA GLY A 97 -1.12 -3.78 -21.95
C GLY A 97 -0.80 -3.98 -23.40
N MET A 98 -0.61 -5.22 -23.77
CA MET A 98 -0.31 -5.54 -25.14
C MET A 98 -1.60 -5.66 -25.92
N GLY A 99 -1.97 -4.60 -26.59
CA GLY A 99 -3.18 -4.58 -27.38
C GLY A 99 -2.87 -4.80 -28.83
N SER A 100 -1.62 -4.49 -29.20
CA SER A 100 -1.09 -4.65 -30.56
C SER A 100 -1.73 -3.70 -31.57
N TYR A 101 -0.91 -3.02 -32.33
CA TYR A 101 -1.42 -2.14 -33.33
C TYR A 101 -1.72 -2.92 -34.57
N VAL A 102 -2.93 -3.27 -34.65
CA VAL A 102 -3.48 -4.03 -35.75
C VAL A 102 -4.77 -3.36 -36.16
ZN ZN B . 4.10 -1.06 1.71
N ASP A 36 -9.85 23.89 -0.40
CA ASP A 36 -9.72 23.18 0.86
C ASP A 36 -11.05 22.56 1.22
N PRO A 37 -11.05 21.39 1.87
CA PRO A 37 -12.26 20.72 2.29
C PRO A 37 -12.74 21.24 3.62
N ASN A 38 -13.70 20.57 4.21
CA ASN A 38 -14.17 20.93 5.56
C ASN A 38 -13.04 20.66 6.55
N ALA A 39 -12.21 19.71 6.17
CA ALA A 39 -11.02 19.28 6.88
C ALA A 39 -11.37 18.43 8.06
N GLU A 40 -11.64 17.19 7.77
CA GLU A 40 -11.89 16.21 8.72
C GLU A 40 -10.91 15.09 8.49
N PHE A 41 -9.88 15.15 9.20
CA PHE A 41 -8.81 14.19 9.11
C PHE A 41 -8.55 13.66 10.50
N ASP A 42 -8.00 12.49 10.58
CA ASP A 42 -7.67 11.93 11.86
C ASP A 42 -6.34 12.52 12.33
N PRO A 43 -6.28 13.09 13.54
CA PRO A 43 -5.07 13.72 14.05
C PRO A 43 -4.15 12.79 14.86
N ASP A 44 -4.43 11.51 14.86
CA ASP A 44 -3.57 10.56 15.54
C ASP A 44 -2.83 9.75 14.50
N LEU A 45 -3.51 9.52 13.42
CA LEU A 45 -2.99 8.76 12.32
C LEU A 45 -2.33 9.69 11.32
N PRO A 46 -1.11 9.37 10.88
CA PRO A 46 -0.38 10.18 9.90
C PRO A 46 -1.15 10.29 8.57
N GLY A 47 -1.10 11.47 7.98
CA GLY A 47 -1.75 11.71 6.71
C GLY A 47 -3.25 11.69 6.83
N GLY A 48 -3.73 12.10 8.00
CA GLY A 48 -5.15 12.17 8.24
C GLY A 48 -5.80 10.81 8.35
N GLY A 49 -4.98 9.77 8.34
CA GLY A 49 -5.49 8.42 8.38
C GLY A 49 -6.02 7.97 7.02
N LEU A 50 -5.79 8.78 6.00
CA LEU A 50 -6.29 8.51 4.68
C LEU A 50 -5.27 7.83 3.79
N HIS A 51 -4.03 7.81 4.22
CA HIS A 51 -2.98 7.31 3.35
C HIS A 51 -2.20 6.25 4.05
N ARG A 52 -2.49 5.02 3.74
CA ARG A 52 -1.78 3.91 4.31
C ARG A 52 -1.55 2.82 3.32
N CYS A 53 -0.45 2.17 3.50
CA CYS A 53 -0.18 0.96 2.78
C CYS A 53 -0.57 -0.17 3.71
N LEU A 54 -1.56 -0.94 3.34
CA LEU A 54 -2.08 -2.00 4.21
C LEU A 54 -1.05 -3.10 4.39
N ALA A 55 -0.27 -3.30 3.37
CA ALA A 55 0.81 -4.28 3.40
C ALA A 55 1.90 -3.88 4.39
N CYS A 56 1.94 -2.61 4.76
CA CYS A 56 2.96 -2.16 5.68
C CYS A 56 2.39 -1.62 6.98
N ALA A 57 1.07 -1.43 7.02
CA ALA A 57 0.34 -0.91 8.18
C ALA A 57 0.83 0.49 8.56
N ARG A 58 1.51 1.13 7.63
CA ARG A 58 2.09 2.43 7.88
C ARG A 58 1.30 3.48 7.18
N TYR A 59 1.20 4.60 7.83
CA TYR A 59 0.52 5.73 7.34
C TYR A 59 1.50 6.77 6.88
N PHE A 60 1.15 7.43 5.83
CA PHE A 60 2.01 8.41 5.22
C PHE A 60 1.29 9.74 5.20
N ILE A 61 2.06 10.82 5.28
CA ILE A 61 1.53 12.16 5.37
C ILE A 61 0.70 12.57 4.14
N ASP A 62 1.02 12.02 2.99
CA ASP A 62 0.31 12.35 1.77
C ASP A 62 0.32 11.15 0.86
N SER A 63 -0.65 11.10 -0.06
CA SER A 63 -0.78 9.99 -0.99
C SER A 63 0.46 9.88 -1.88
N THR A 64 1.08 11.01 -2.18
CA THR A 64 2.26 11.01 -3.02
C THR A 64 3.43 10.31 -2.29
N ASN A 65 3.52 10.50 -0.98
CA ASN A 65 4.53 9.86 -0.17
C ASN A 65 4.27 8.37 -0.08
N LEU A 66 3.01 8.04 0.04
CA LEU A 66 2.57 6.65 0.07
C LEU A 66 2.87 5.99 -1.28
N LYS A 67 2.48 6.63 -2.32
CA LYS A 67 2.75 6.19 -3.69
C LYS A 67 4.27 6.07 -3.97
N THR A 68 5.08 6.99 -3.41
CA THR A 68 6.54 6.93 -3.55
C THR A 68 7.09 5.65 -2.86
N HIS A 69 6.39 5.23 -1.83
CA HIS A 69 6.69 4.03 -1.09
C HIS A 69 6.59 2.77 -1.96
N PHE A 70 5.74 2.80 -2.99
CA PHE A 70 5.60 1.61 -3.81
C PHE A 70 6.60 1.63 -4.96
N ARG A 71 7.62 2.45 -4.88
CA ARG A 71 8.71 2.37 -5.87
C ARG A 71 9.50 1.07 -5.70
N SER A 72 9.23 0.39 -4.60
CA SER A 72 9.76 -0.89 -4.31
C SER A 72 9.10 -1.96 -5.21
N LYS A 73 9.84 -2.47 -6.18
CA LYS A 73 9.28 -3.40 -7.17
C LYS A 73 8.94 -4.75 -6.55
N ASP A 74 9.73 -5.16 -5.57
CA ASP A 74 9.57 -6.47 -4.93
C ASP A 74 8.35 -6.46 -4.06
N HIS A 75 8.07 -5.30 -3.53
CA HIS A 75 6.91 -5.10 -2.67
C HIS A 75 5.65 -5.32 -3.41
N LYS A 76 5.55 -4.67 -4.52
CA LYS A 76 4.38 -4.75 -5.32
C LYS A 76 4.29 -6.13 -5.96
N LYS A 77 5.44 -6.73 -6.19
CA LYS A 77 5.48 -8.09 -6.64
C LYS A 77 4.96 -9.00 -5.55
N ARG A 78 5.33 -8.68 -4.31
CA ARG A 78 4.94 -9.44 -3.14
C ARG A 78 3.42 -9.38 -3.01
N LEU A 79 2.86 -8.26 -3.43
CA LEU A 79 1.45 -8.01 -3.37
C LEU A 79 0.75 -8.78 -4.48
N LYS A 80 1.36 -8.74 -5.64
CA LYS A 80 0.85 -9.37 -6.84
C LYS A 80 0.86 -10.90 -6.69
N GLN A 81 1.91 -11.43 -6.08
CA GLN A 81 2.03 -12.87 -5.86
C GLN A 81 1.15 -13.31 -4.68
N LEU A 82 0.82 -12.37 -3.82
CA LEU A 82 -0.06 -12.61 -2.70
C LEU A 82 -1.49 -12.69 -3.22
N SER A 83 -1.73 -11.99 -4.32
CA SER A 83 -3.02 -11.98 -4.97
C SER A 83 -3.28 -13.35 -5.63
N VAL A 84 -4.53 -13.64 -5.94
CA VAL A 84 -4.89 -14.96 -6.47
C VAL A 84 -4.77 -15.00 -7.99
N GLU A 85 -5.31 -13.99 -8.64
CA GLU A 85 -5.39 -13.92 -10.10
C GLU A 85 -4.02 -13.94 -10.84
N PRO A 86 -3.04 -13.05 -10.50
CA PRO A 86 -1.75 -13.03 -11.19
C PRO A 86 -0.87 -14.20 -10.76
N TYR A 87 0.14 -14.51 -11.59
CA TYR A 87 1.10 -15.61 -11.36
C TYR A 87 0.44 -16.99 -11.40
N SER A 88 0.82 -17.77 -12.37
CA SER A 88 0.34 -19.10 -12.51
C SER A 88 1.05 -19.97 -11.49
N GLN A 89 0.32 -20.30 -10.45
CA GLN A 89 0.85 -21.04 -9.30
C GLN A 89 1.15 -22.51 -9.61
N GLU A 90 2.22 -22.67 -10.36
CA GLU A 90 2.86 -23.92 -10.78
C GLU A 90 4.24 -23.53 -11.24
N GLU A 91 4.23 -22.61 -12.18
CA GLU A 91 5.44 -22.05 -12.73
C GLU A 91 6.01 -21.03 -11.77
N ALA A 92 5.13 -20.36 -11.07
CA ALA A 92 5.52 -19.44 -10.06
C ALA A 92 4.75 -19.76 -8.80
N GLU A 93 5.41 -20.37 -7.83
CA GLU A 93 4.75 -20.75 -6.61
C GLU A 93 5.36 -20.04 -5.42
N ARG A 94 5.20 -18.72 -5.39
CA ARG A 94 5.56 -17.83 -4.25
C ARG A 94 7.09 -17.68 -4.03
N ALA A 95 7.86 -18.67 -4.48
CA ALA A 95 9.31 -18.73 -4.36
C ALA A 95 9.73 -18.99 -2.92
N ALA A 96 9.79 -20.26 -2.60
CA ALA A 96 10.16 -20.67 -1.26
C ALA A 96 11.66 -20.84 -1.16
N GLY A 97 12.29 -21.07 -2.29
CA GLY A 97 13.74 -21.27 -2.35
C GLY A 97 14.13 -22.70 -2.10
N MET A 98 13.18 -23.47 -1.58
CA MET A 98 13.39 -24.85 -1.24
C MET A 98 13.11 -25.73 -2.43
N GLY A 99 13.97 -26.69 -2.64
CA GLY A 99 13.81 -27.61 -3.74
C GLY A 99 14.84 -28.70 -3.69
N SER A 100 16.06 -28.36 -4.00
CA SER A 100 17.14 -29.30 -3.97
C SER A 100 17.68 -29.42 -2.55
N TYR A 101 17.26 -30.46 -1.87
CA TYR A 101 17.63 -30.67 -0.50
C TYR A 101 17.71 -32.17 -0.26
N VAL A 102 18.71 -32.58 0.48
CA VAL A 102 18.92 -33.98 0.76
C VAL A 102 18.50 -34.29 2.18
ZN ZN B . 4.05 -1.10 1.65
N ASP A 36 -10.11 20.23 12.82
CA ASP A 36 -9.90 21.50 12.12
C ASP A 36 -10.90 21.61 10.97
N PRO A 37 -11.52 22.80 10.77
CA PRO A 37 -12.51 23.03 9.71
C PRO A 37 -12.00 22.62 8.31
N ASN A 38 -12.87 21.90 7.59
CA ASN A 38 -12.62 21.42 6.23
C ASN A 38 -11.41 20.42 6.17
N ALA A 39 -11.02 19.96 7.33
CA ALA A 39 -9.94 19.02 7.45
C ALA A 39 -10.44 17.79 8.18
N GLU A 40 -11.00 16.88 7.41
CA GLU A 40 -11.47 15.62 7.90
C GLU A 40 -10.31 14.82 8.45
N PHE A 41 -9.21 14.89 7.74
CA PHE A 41 -7.98 14.23 8.12
C PHE A 41 -7.45 14.83 9.43
N ASP A 42 -6.92 13.98 10.26
CA ASP A 42 -6.35 14.43 11.51
C ASP A 42 -4.88 14.75 11.29
N PRO A 43 -4.42 15.95 11.70
CA PRO A 43 -3.03 16.39 11.50
C PRO A 43 -1.99 15.60 12.31
N ASP A 44 -2.39 14.89 13.36
CA ASP A 44 -1.42 14.12 14.16
C ASP A 44 -1.14 12.82 13.48
N LEU A 45 -2.12 12.34 12.80
CA LEU A 45 -2.03 11.13 12.07
C LEU A 45 -1.43 11.41 10.70
N PRO A 46 -0.44 10.63 10.28
CA PRO A 46 0.17 10.81 8.97
C PRO A 46 -0.86 10.68 7.85
N GLY A 47 -1.22 11.81 7.27
CA GLY A 47 -2.21 11.84 6.21
C GLY A 47 -3.57 11.44 6.73
N GLY A 48 -3.80 11.76 8.01
CA GLY A 48 -5.05 11.41 8.67
C GLY A 48 -5.16 9.92 8.90
N GLY A 49 -4.09 9.20 8.60
CA GLY A 49 -4.11 7.76 8.66
C GLY A 49 -4.93 7.18 7.53
N LEU A 50 -5.25 8.02 6.56
CA LEU A 50 -6.07 7.65 5.46
C LEU A 50 -5.23 7.16 4.30
N HIS A 51 -4.00 7.58 4.26
CA HIS A 51 -3.12 7.22 3.19
C HIS A 51 -2.09 6.30 3.73
N ARG A 52 -2.31 5.05 3.57
CA ARG A 52 -1.42 4.08 4.07
C ARG A 52 -1.28 2.90 3.15
N CYS A 53 -0.23 2.17 3.35
CA CYS A 53 -0.01 0.96 2.64
C CYS A 53 -0.51 -0.14 3.51
N LEU A 54 -1.52 -0.84 3.06
CA LEU A 54 -2.17 -1.89 3.85
C LEU A 54 -1.19 -2.99 4.21
N ALA A 55 -0.31 -3.31 3.28
CA ALA A 55 0.69 -4.35 3.49
C ALA A 55 1.73 -3.94 4.54
N CYS A 56 1.95 -2.63 4.70
CA CYS A 56 2.93 -2.17 5.67
C CYS A 56 2.30 -1.67 6.95
N ALA A 57 0.99 -1.42 6.88
CA ALA A 57 0.18 -0.97 8.02
C ALA A 57 0.62 0.41 8.54
N ARG A 58 1.47 1.06 7.77
CA ARG A 58 2.02 2.34 8.13
C ARG A 58 1.39 3.43 7.34
N TYR A 59 1.32 4.56 7.95
CA TYR A 59 0.65 5.69 7.44
C TYR A 59 1.65 6.70 6.92
N PHE A 60 1.29 7.39 5.87
CA PHE A 60 2.14 8.38 5.25
C PHE A 60 1.40 9.70 5.19
N ILE A 61 2.14 10.79 5.33
CA ILE A 61 1.59 12.13 5.41
C ILE A 61 0.75 12.53 4.19
N ASP A 62 1.06 11.96 3.04
CA ASP A 62 0.32 12.29 1.83
C ASP A 62 0.32 11.09 0.92
N SER A 63 -0.69 10.99 0.08
CA SER A 63 -0.84 9.90 -0.86
C SER A 63 0.37 9.77 -1.78
N THR A 64 0.98 10.90 -2.14
CA THR A 64 2.13 10.90 -3.02
C THR A 64 3.32 10.20 -2.34
N ASN A 65 3.45 10.41 -1.03
CA ASN A 65 4.47 9.78 -0.24
C ASN A 65 4.24 8.30 -0.16
N LEU A 66 2.98 7.95 0.01
CA LEU A 66 2.56 6.58 0.04
C LEU A 66 2.85 5.90 -1.31
N LYS A 67 2.43 6.53 -2.37
CA LYS A 67 2.71 6.04 -3.74
C LYS A 67 4.23 5.89 -3.98
N THR A 68 5.02 6.83 -3.48
CA THR A 68 6.47 6.79 -3.60
C THR A 68 7.04 5.57 -2.85
N HIS A 69 6.35 5.17 -1.82
CA HIS A 69 6.69 4.00 -1.05
C HIS A 69 6.62 2.72 -1.90
N PHE A 70 5.77 2.70 -2.91
CA PHE A 70 5.64 1.50 -3.70
C PHE A 70 6.59 1.54 -4.89
N ARG A 71 7.56 2.44 -4.90
CA ARG A 71 8.54 2.44 -5.99
C ARG A 71 9.42 1.18 -5.92
N SER A 72 9.32 0.49 -4.80
CA SER A 72 9.97 -0.76 -4.59
C SER A 72 9.15 -1.87 -5.28
N LYS A 73 9.65 -2.33 -6.42
CA LYS A 73 8.95 -3.33 -7.22
C LYS A 73 8.81 -4.65 -6.51
N ASP A 74 9.80 -5.00 -5.70
CA ASP A 74 9.80 -6.28 -4.95
C ASP A 74 8.64 -6.31 -3.99
N HIS A 75 8.29 -5.14 -3.51
CA HIS A 75 7.19 -4.98 -2.59
C HIS A 75 5.89 -5.20 -3.27
N LYS A 76 5.73 -4.54 -4.37
CA LYS A 76 4.53 -4.64 -5.12
C LYS A 76 4.39 -6.04 -5.68
N LYS A 77 5.53 -6.68 -5.93
CA LYS A 77 5.59 -8.10 -6.29
C LYS A 77 4.90 -8.97 -5.22
N ARG A 78 5.16 -8.66 -3.94
CA ARG A 78 4.58 -9.40 -2.82
C ARG A 78 3.05 -9.28 -2.93
N LEU A 79 2.61 -8.11 -3.28
CA LEU A 79 1.22 -7.78 -3.44
C LEU A 79 0.65 -8.32 -4.73
N LYS A 80 1.46 -8.44 -5.72
CA LYS A 80 1.07 -8.87 -7.06
C LYS A 80 0.44 -10.27 -7.06
N GLN A 81 0.99 -11.18 -6.28
CA GLN A 81 0.43 -12.55 -6.17
C GLN A 81 -0.92 -12.52 -5.44
N LEU A 82 -1.11 -11.48 -4.67
CA LEU A 82 -2.27 -11.21 -3.89
C LEU A 82 -3.29 -10.44 -4.71
N SER A 83 -2.82 -9.87 -5.84
CA SER A 83 -3.48 -8.88 -6.69
C SER A 83 -3.14 -7.50 -6.14
N VAL A 84 -3.54 -7.29 -4.89
CA VAL A 84 -3.17 -6.14 -4.06
C VAL A 84 -3.34 -6.62 -2.63
N GLU A 85 -4.60 -6.82 -2.32
CA GLU A 85 -5.13 -7.27 -1.05
C GLU A 85 -6.61 -6.94 -1.19
N PRO A 86 -7.54 -7.68 -0.52
CA PRO A 86 -8.95 -7.30 -0.50
C PRO A 86 -9.09 -5.81 -0.17
N TYR A 87 -9.43 -5.03 -1.18
CA TYR A 87 -9.44 -3.60 -1.07
C TYR A 87 -10.74 -3.19 -0.37
N SER A 88 -10.81 -1.99 0.13
CA SER A 88 -11.93 -1.61 0.90
C SER A 88 -12.25 -0.15 0.73
N GLN A 89 -13.43 0.21 1.15
CA GLN A 89 -13.97 1.57 1.08
C GLN A 89 -13.38 2.43 2.22
N GLU A 90 -12.46 1.82 2.91
CA GLU A 90 -11.68 2.44 3.98
C GLU A 90 -10.61 3.36 3.39
N GLU A 91 -10.51 3.34 2.08
CA GLU A 91 -9.59 4.19 1.37
C GLU A 91 -10.39 5.18 0.52
N ALA A 92 -11.21 4.65 -0.37
CA ALA A 92 -12.03 5.46 -1.23
C ALA A 92 -13.48 5.34 -0.80
N GLU A 93 -14.05 6.42 -0.28
CA GLU A 93 -15.42 6.43 0.23
C GLU A 93 -16.44 6.43 -0.91
N ARG A 94 -15.97 6.68 -2.12
CA ARG A 94 -16.76 6.63 -3.36
C ARG A 94 -17.79 7.77 -3.46
N ALA A 95 -17.42 8.82 -4.19
CA ALA A 95 -18.32 9.96 -4.48
C ALA A 95 -18.79 10.68 -3.20
N ALA A 96 -17.98 10.63 -2.18
CA ALA A 96 -18.32 11.23 -0.91
C ALA A 96 -17.84 12.67 -0.89
N GLY A 97 -18.39 13.41 -1.78
CA GLY A 97 -18.11 14.80 -1.88
C GLY A 97 -19.24 15.53 -2.56
N MET A 98 -19.49 16.75 -2.13
CA MET A 98 -20.55 17.63 -2.66
C MET A 98 -21.93 17.06 -2.40
N GLY A 99 -22.44 17.32 -1.23
CA GLY A 99 -23.76 16.85 -0.87
C GLY A 99 -24.48 17.84 0.00
N SER A 100 -24.29 19.10 -0.29
CA SER A 100 -24.93 20.14 0.45
C SER A 100 -25.79 21.01 -0.48
N TYR A 101 -27.02 20.54 -0.71
CA TYR A 101 -27.99 21.17 -1.58
C TYR A 101 -27.53 21.18 -3.06
N VAL A 102 -28.46 21.34 -3.97
CA VAL A 102 -28.14 21.40 -5.37
C VAL A 102 -27.78 22.83 -5.80
ZN ZN B . 4.26 -1.13 1.77
N ASP A 36 -10.26 24.20 15.11
CA ASP A 36 -10.73 24.54 13.77
C ASP A 36 -11.83 23.59 13.34
N PRO A 37 -13.04 24.11 12.99
CA PRO A 37 -14.16 23.29 12.51
C PRO A 37 -13.81 22.53 11.23
N ASN A 38 -14.43 21.37 11.06
CA ASN A 38 -14.16 20.46 9.94
C ASN A 38 -12.69 20.04 9.91
N ALA A 39 -12.39 19.06 10.71
CA ALA A 39 -11.06 18.51 10.82
C ALA A 39 -11.20 17.03 11.10
N GLU A 40 -12.03 16.41 10.30
CA GLU A 40 -12.38 15.03 10.45
C GLU A 40 -11.30 14.15 9.89
N PHE A 41 -10.44 13.85 10.75
CA PHE A 41 -9.26 13.02 10.55
C PHE A 41 -8.47 12.96 11.85
N ASP A 42 -7.53 12.05 11.91
CA ASP A 42 -6.63 11.91 13.01
C ASP A 42 -5.32 12.66 12.76
N PRO A 43 -5.18 13.90 13.32
CA PRO A 43 -4.00 14.75 13.10
C PRO A 43 -2.75 14.21 13.78
N ASP A 44 -2.95 13.28 14.69
CA ASP A 44 -1.84 12.65 15.40
C ASP A 44 -1.13 11.70 14.47
N LEU A 45 -1.88 11.15 13.56
CA LEU A 45 -1.38 10.22 12.60
C LEU A 45 -0.97 10.92 11.31
N PRO A 46 0.11 10.45 10.66
CA PRO A 46 0.63 11.04 9.42
C PRO A 46 -0.42 11.08 8.30
N GLY A 47 -0.59 12.27 7.71
CA GLY A 47 -1.54 12.43 6.62
C GLY A 47 -2.96 12.35 7.09
N GLY A 48 -3.13 12.60 8.38
CA GLY A 48 -4.44 12.50 8.99
C GLY A 48 -4.90 11.06 9.03
N GLY A 49 -3.93 10.15 8.89
CA GLY A 49 -4.19 8.73 8.87
C GLY A 49 -4.88 8.28 7.59
N LEU A 50 -5.17 9.22 6.72
CA LEU A 50 -5.94 8.98 5.51
C LEU A 50 -5.10 8.40 4.38
N HIS A 51 -3.84 8.17 4.63
CA HIS A 51 -2.96 7.64 3.59
C HIS A 51 -2.13 6.54 4.20
N ARG A 52 -2.48 5.32 3.91
CA ARG A 52 -1.75 4.19 4.40
C ARG A 52 -1.69 3.08 3.39
N CYS A 53 -0.64 2.31 3.48
CA CYS A 53 -0.47 1.11 2.69
C CYS A 53 -0.94 -0.06 3.52
N LEU A 54 -1.94 -0.77 3.06
CA LEU A 54 -2.53 -1.88 3.82
C LEU A 54 -1.55 -3.02 3.96
N ALA A 55 -0.72 -3.17 2.96
CA ALA A 55 0.33 -4.18 2.95
C ALA A 55 1.42 -3.87 3.99
N CYS A 56 1.45 -2.63 4.48
CA CYS A 56 2.43 -2.26 5.47
C CYS A 56 1.83 -1.85 6.82
N ALA A 57 0.59 -1.36 6.79
CA ALA A 57 -0.14 -0.90 7.99
C ALA A 57 0.47 0.38 8.60
N ARG A 58 1.33 1.03 7.82
CA ARG A 58 1.92 2.30 8.23
C ARG A 58 1.28 3.43 7.47
N TYR A 59 1.29 4.60 8.07
CA TYR A 59 0.65 5.74 7.55
C TYR A 59 1.68 6.71 6.98
N PHE A 60 1.26 7.50 6.02
CA PHE A 60 2.14 8.44 5.34
C PHE A 60 1.53 9.82 5.36
N ILE A 61 2.39 10.82 5.46
CA ILE A 61 2.00 12.20 5.57
C ILE A 61 1.23 12.73 4.33
N ASP A 62 1.53 12.18 3.18
CA ASP A 62 0.84 12.60 1.95
C ASP A 62 0.70 11.40 1.04
N SER A 63 -0.29 11.41 0.17
CA SER A 63 -0.55 10.31 -0.74
C SER A 63 0.64 10.10 -1.68
N THR A 64 1.36 11.16 -2.00
CA THR A 64 2.51 11.08 -2.86
C THR A 64 3.58 10.20 -2.23
N ASN A 65 3.79 10.37 -0.92
CA ASN A 65 4.74 9.60 -0.15
C ASN A 65 4.35 8.14 -0.17
N LEU A 66 3.08 7.90 0.07
CA LEU A 66 2.51 6.56 0.05
C LEU A 66 2.70 5.91 -1.33
N LYS A 67 2.35 6.63 -2.33
CA LYS A 67 2.50 6.18 -3.71
C LYS A 67 4.00 5.96 -4.07
N THR A 68 4.89 6.83 -3.59
CA THR A 68 6.33 6.69 -3.83
C THR A 68 6.85 5.41 -3.15
N HIS A 69 6.20 5.07 -2.05
CA HIS A 69 6.47 3.87 -1.29
C HIS A 69 6.33 2.60 -2.14
N PHE A 70 5.48 2.63 -3.16
CA PHE A 70 5.32 1.43 -3.97
C PHE A 70 6.26 1.44 -5.17
N ARG A 71 7.19 2.42 -5.22
CA ARG A 71 8.19 2.44 -6.30
C ARG A 71 9.11 1.23 -6.21
N SER A 72 9.22 0.68 -5.03
CA SER A 72 9.92 -0.53 -4.84
C SER A 72 9.07 -1.67 -5.40
N LYS A 73 9.41 -2.14 -6.60
CA LYS A 73 8.64 -3.16 -7.27
C LYS A 73 8.62 -4.45 -6.49
N ASP A 74 9.67 -4.65 -5.69
CA ASP A 74 9.82 -5.82 -4.81
C ASP A 74 8.61 -5.98 -3.92
N HIS A 75 8.07 -4.87 -3.51
CA HIS A 75 6.92 -4.85 -2.61
C HIS A 75 5.73 -5.39 -3.27
N LYS A 76 5.37 -4.80 -4.35
CA LYS A 76 4.20 -5.19 -5.02
C LYS A 76 4.39 -6.57 -5.63
N LYS A 77 5.63 -6.87 -5.98
CA LYS A 77 6.01 -8.20 -6.40
C LYS A 77 5.75 -9.19 -5.27
N ARG A 78 6.04 -8.78 -4.03
CA ARG A 78 5.87 -9.64 -2.87
C ARG A 78 4.38 -10.00 -2.72
N LEU A 79 3.55 -9.07 -3.16
CA LEU A 79 2.11 -9.19 -3.18
C LEU A 79 1.67 -10.19 -4.26
N LYS A 80 2.28 -10.09 -5.42
CA LYS A 80 2.02 -11.01 -6.53
C LYS A 80 2.53 -12.41 -6.23
N GLN A 81 3.66 -12.49 -5.53
CA GLN A 81 4.24 -13.73 -5.12
C GLN A 81 3.28 -14.43 -4.15
N LEU A 82 2.65 -13.64 -3.28
CA LEU A 82 1.64 -14.13 -2.35
C LEU A 82 0.39 -14.52 -3.15
N SER A 83 0.21 -13.79 -4.25
CA SER A 83 -0.89 -13.95 -5.18
C SER A 83 -2.17 -13.42 -4.58
N VAL A 84 -2.43 -12.16 -4.86
CA VAL A 84 -3.61 -11.51 -4.36
C VAL A 84 -4.71 -11.65 -5.40
N GLU A 85 -4.52 -10.99 -6.54
CA GLU A 85 -5.48 -11.03 -7.64
C GLU A 85 -4.88 -10.30 -8.88
N PRO A 86 -4.55 -8.97 -8.80
CA PRO A 86 -4.00 -8.26 -9.95
C PRO A 86 -2.52 -8.55 -10.14
N TYR A 87 -2.07 -8.52 -11.37
CA TYR A 87 -0.69 -8.75 -11.67
C TYR A 87 -0.36 -8.11 -12.98
N SER A 88 0.89 -7.87 -13.22
CA SER A 88 1.32 -7.35 -14.43
C SER A 88 1.70 -8.55 -15.27
N GLN A 89 1.43 -8.49 -16.51
CA GLN A 89 1.76 -9.60 -17.37
C GLN A 89 3.28 -9.67 -17.53
N GLU A 90 3.80 -10.89 -17.71
CA GLU A 90 5.23 -11.21 -17.76
C GLU A 90 5.82 -11.25 -16.34
N GLU A 91 5.36 -10.33 -15.51
CA GLU A 91 5.68 -10.27 -14.09
C GLU A 91 5.28 -11.58 -13.41
N ALA A 92 4.03 -12.00 -13.64
CA ALA A 92 3.53 -13.24 -13.04
C ALA A 92 3.75 -14.43 -13.94
N GLU A 93 4.44 -14.20 -14.99
CA GLU A 93 4.76 -15.25 -15.93
C GLU A 93 6.15 -15.76 -15.66
N ARG A 94 7.13 -14.96 -15.98
CA ARG A 94 8.50 -15.35 -15.82
C ARG A 94 9.27 -14.24 -15.14
N ALA A 95 9.49 -14.40 -13.86
CA ALA A 95 10.30 -13.46 -13.11
C ALA A 95 11.75 -13.88 -13.26
N ALA A 96 11.90 -15.17 -13.50
CA ALA A 96 13.15 -15.83 -13.76
C ALA A 96 12.80 -17.20 -14.27
N GLY A 97 12.54 -17.31 -15.55
CA GLY A 97 12.06 -18.55 -16.09
C GLY A 97 12.71 -18.91 -17.40
N MET A 98 14.00 -18.76 -17.45
CA MET A 98 14.77 -19.11 -18.62
C MET A 98 16.21 -19.25 -18.22
N GLY A 99 16.76 -20.41 -18.42
CA GLY A 99 18.13 -20.64 -18.08
C GLY A 99 18.90 -21.16 -19.25
N SER A 100 19.69 -22.15 -19.01
CA SER A 100 20.52 -22.72 -20.02
C SER A 100 19.82 -23.94 -20.62
N TYR A 101 19.36 -23.80 -21.84
CA TYR A 101 18.70 -24.88 -22.52
C TYR A 101 19.17 -24.95 -23.95
N VAL A 102 19.66 -26.09 -24.30
CA VAL A 102 20.24 -26.36 -25.60
C VAL A 102 19.80 -27.75 -26.03
ZN ZN B . 3.71 -1.09 1.64
N ASP A 36 -10.05 22.67 -3.58
CA ASP A 36 -9.50 21.45 -3.00
C ASP A 36 -9.96 21.40 -1.55
N PRO A 37 -10.11 20.20 -0.93
CA PRO A 37 -10.42 20.10 0.50
C PRO A 37 -9.44 20.94 1.35
N ASN A 38 -9.80 21.19 2.60
CA ASN A 38 -8.99 22.02 3.49
C ASN A 38 -7.59 21.40 3.72
N ALA A 39 -7.52 20.09 3.55
CA ALA A 39 -6.27 19.32 3.56
C ALA A 39 -5.66 19.25 4.96
N GLU A 40 -6.51 19.25 5.91
CA GLU A 40 -6.15 19.18 7.28
C GLU A 40 -6.95 18.09 7.89
N PHE A 41 -6.26 17.20 8.48
CA PHE A 41 -6.83 16.02 9.04
C PHE A 41 -6.22 15.77 10.40
N ASP A 42 -6.56 14.67 11.02
CA ASP A 42 -6.08 14.32 12.37
C ASP A 42 -4.54 14.41 12.44
N PRO A 43 -3.99 15.23 13.36
CA PRO A 43 -2.55 15.41 13.50
C PRO A 43 -1.85 14.29 14.28
N ASP A 44 -2.60 13.49 14.98
CA ASP A 44 -2.02 12.40 15.75
C ASP A 44 -1.77 11.23 14.82
N LEU A 45 -2.62 11.10 13.86
CA LEU A 45 -2.47 10.09 12.85
C LEU A 45 -1.71 10.65 11.65
N PRO A 46 -0.70 9.94 11.14
CA PRO A 46 0.07 10.38 9.97
C PRO A 46 -0.81 10.48 8.73
N GLY A 47 -0.89 11.68 8.17
CA GLY A 47 -1.74 11.91 7.02
C GLY A 47 -3.20 11.73 7.36
N GLY A 48 -3.52 11.98 8.62
CA GLY A 48 -4.88 11.82 9.11
C GLY A 48 -5.28 10.36 9.17
N GLY A 49 -4.31 9.48 8.94
CA GLY A 49 -4.57 8.07 8.90
C GLY A 49 -5.22 7.65 7.60
N LEU A 50 -5.37 8.60 6.69
CA LEU A 50 -6.06 8.38 5.46
C LEU A 50 -5.15 7.81 4.40
N HIS A 51 -3.88 8.06 4.54
CA HIS A 51 -2.93 7.62 3.54
C HIS A 51 -2.13 6.51 4.12
N ARG A 52 -2.52 5.34 3.82
CA ARG A 52 -1.85 4.19 4.30
C ARG A 52 -1.73 3.12 3.27
N CYS A 53 -0.71 2.38 3.38
CA CYS A 53 -0.53 1.21 2.61
C CYS A 53 -1.00 0.05 3.46
N LEU A 54 -2.04 -0.64 3.03
CA LEU A 54 -2.64 -1.72 3.82
C LEU A 54 -1.65 -2.84 4.01
N ALA A 55 -0.86 -3.10 3.00
CA ALA A 55 0.16 -4.13 3.03
C ALA A 55 1.26 -3.82 4.04
N CYS A 56 1.38 -2.56 4.45
CA CYS A 56 2.38 -2.19 5.43
C CYS A 56 1.78 -1.75 6.76
N ALA A 57 0.47 -1.46 6.75
CA ALA A 57 -0.26 -0.99 7.95
C ALA A 57 0.35 0.31 8.49
N ARG A 58 1.10 0.97 7.65
CA ARG A 58 1.78 2.18 8.01
C ARG A 58 1.08 3.34 7.38
N TYR A 59 1.01 4.39 8.10
CA TYR A 59 0.37 5.57 7.70
C TYR A 59 1.44 6.57 7.36
N PHE A 60 1.23 7.28 6.30
CA PHE A 60 2.19 8.24 5.82
C PHE A 60 1.52 9.59 5.76
N ILE A 61 2.29 10.64 5.86
CA ILE A 61 1.74 11.98 5.91
C ILE A 61 1.13 12.44 4.59
N ASP A 62 1.52 11.83 3.48
CA ASP A 62 1.02 12.28 2.18
C ASP A 62 0.92 11.13 1.18
N SER A 63 0.00 11.27 0.22
CA SER A 63 -0.24 10.26 -0.81
C SER A 63 0.95 10.12 -1.76
N THR A 64 1.75 11.18 -1.89
CA THR A 64 2.91 11.12 -2.74
C THR A 64 3.97 10.22 -2.09
N ASN A 65 3.96 10.19 -0.77
CA ASN A 65 4.81 9.32 -0.01
C ASN A 65 4.41 7.88 -0.24
N LEU A 66 3.11 7.62 -0.24
CA LEU A 66 2.56 6.31 -0.63
C LEU A 66 2.96 5.96 -2.02
N LYS A 67 2.71 6.87 -2.89
CA LYS A 67 3.06 6.73 -4.31
C LYS A 67 4.55 6.38 -4.50
N THR A 68 5.43 7.05 -3.75
CA THR A 68 6.86 6.76 -3.80
C THR A 68 7.14 5.40 -3.11
N HIS A 69 6.33 5.10 -2.13
CA HIS A 69 6.40 3.87 -1.38
C HIS A 69 6.06 2.64 -2.26
N PHE A 70 5.14 2.77 -3.20
CA PHE A 70 4.80 1.61 -4.01
C PHE A 70 5.64 1.55 -5.28
N ARG A 71 6.59 2.47 -5.41
CA ARG A 71 7.46 2.49 -6.59
C ARG A 71 8.35 1.29 -6.63
N SER A 72 8.76 0.83 -5.46
CA SER A 72 9.60 -0.32 -5.32
C SER A 72 8.85 -1.56 -5.81
N LYS A 73 9.27 -2.10 -6.97
CA LYS A 73 8.60 -3.27 -7.56
C LYS A 73 8.61 -4.46 -6.62
N ASP A 74 9.66 -4.53 -5.79
CA ASP A 74 9.88 -5.58 -4.83
C ASP A 74 8.70 -5.73 -3.88
N HIS A 75 8.06 -4.61 -3.57
CA HIS A 75 6.95 -4.59 -2.64
C HIS A 75 5.80 -5.29 -3.20
N LYS A 76 5.39 -4.84 -4.32
CA LYS A 76 4.22 -5.33 -4.92
C LYS A 76 4.47 -6.75 -5.43
N LYS A 77 5.72 -7.01 -5.75
CA LYS A 77 6.16 -8.35 -6.04
C LYS A 77 6.02 -9.25 -4.81
N ARG A 78 6.29 -8.72 -3.61
CA ARG A 78 6.14 -9.52 -2.38
C ARG A 78 4.67 -9.86 -2.20
N LEU A 79 3.83 -8.97 -2.66
CA LEU A 79 2.40 -9.14 -2.62
C LEU A 79 1.93 -10.15 -3.65
N LYS A 80 2.67 -10.25 -4.72
CA LYS A 80 2.45 -11.27 -5.74
C LYS A 80 2.73 -12.64 -5.13
N GLN A 81 3.78 -12.69 -4.32
CA GLN A 81 4.16 -13.90 -3.60
C GLN A 81 3.16 -14.17 -2.47
N LEU A 82 2.56 -13.11 -1.97
CA LEU A 82 1.57 -13.18 -0.91
C LEU A 82 0.22 -13.69 -1.43
N SER A 83 0.01 -13.53 -2.73
CA SER A 83 -1.22 -13.92 -3.38
C SER A 83 -1.38 -15.45 -3.31
N VAL A 84 -2.61 -15.92 -3.27
CA VAL A 84 -2.91 -17.35 -3.13
C VAL A 84 -2.88 -18.03 -4.52
N GLU A 85 -2.78 -17.21 -5.54
CA GLU A 85 -2.72 -17.64 -6.92
C GLU A 85 -1.39 -18.38 -7.22
N PRO A 86 -1.36 -19.25 -8.27
CA PRO A 86 -0.13 -19.98 -8.69
C PRO A 86 1.03 -19.01 -8.88
N TYR A 87 2.08 -19.23 -8.14
CA TYR A 87 3.17 -18.26 -8.06
C TYR A 87 4.07 -18.36 -9.26
N SER A 88 4.24 -19.56 -9.71
CA SER A 88 5.17 -19.95 -10.78
C SER A 88 6.60 -19.90 -10.27
N GLN A 89 6.98 -18.74 -9.88
CA GLN A 89 8.27 -18.48 -9.27
C GLN A 89 8.04 -18.44 -7.76
N GLU A 90 9.05 -18.83 -6.97
CA GLU A 90 8.90 -19.06 -5.52
C GLU A 90 7.92 -20.21 -5.32
N GLU A 91 7.96 -21.13 -6.28
CA GLU A 91 7.05 -22.25 -6.31
C GLU A 91 7.62 -23.36 -7.17
N ALA A 92 8.03 -23.02 -8.35
CA ALA A 92 8.44 -24.02 -9.31
C ALA A 92 9.65 -23.61 -10.06
N GLU A 93 9.57 -22.46 -10.52
CA GLU A 93 10.54 -21.80 -11.37
C GLU A 93 10.64 -22.53 -12.69
N ARG A 94 9.70 -22.23 -13.56
CA ARG A 94 9.62 -22.90 -14.82
C ARG A 94 9.97 -21.97 -15.98
N ALA A 95 11.18 -22.10 -16.42
CA ALA A 95 11.66 -21.43 -17.60
C ALA A 95 12.37 -22.44 -18.44
N ALA A 96 13.36 -23.06 -17.85
CA ALA A 96 14.09 -24.14 -18.49
C ALA A 96 14.50 -25.15 -17.44
N GLY A 97 14.82 -24.65 -16.27
CA GLY A 97 15.17 -25.48 -15.16
C GLY A 97 16.64 -25.56 -14.96
N MET A 98 17.16 -26.75 -14.96
CA MET A 98 18.56 -26.99 -14.83
C MET A 98 18.97 -28.15 -15.70
N GLY A 99 20.09 -28.01 -16.38
CA GLY A 99 20.55 -29.04 -17.27
C GLY A 99 21.36 -30.09 -16.56
N SER A 100 22.57 -30.30 -16.99
CA SER A 100 23.42 -31.31 -16.40
C SER A 100 24.60 -30.67 -15.69
N TYR A 101 24.49 -30.51 -14.39
CA TYR A 101 25.53 -29.98 -13.62
C TYR A 101 26.48 -31.06 -13.17
N VAL A 102 27.32 -31.37 -14.04
CA VAL A 102 28.35 -32.30 -13.84
C VAL A 102 29.61 -31.79 -14.54
ZN ZN B . 3.65 -0.93 1.57
N ASP A 36 -9.46 22.73 0.68
CA ASP A 36 -9.53 21.82 1.83
C ASP A 36 -10.76 20.92 1.67
N PRO A 37 -10.57 19.58 1.79
CA PRO A 37 -11.66 18.56 1.67
C PRO A 37 -12.78 18.73 2.69
N ASN A 38 -13.57 17.69 2.85
CA ASN A 38 -14.71 17.67 3.80
C ASN A 38 -14.22 17.78 5.28
N ALA A 39 -12.90 17.81 5.43
CA ALA A 39 -12.20 18.06 6.70
C ALA A 39 -12.33 16.94 7.68
N GLU A 40 -12.22 15.76 7.19
CA GLU A 40 -12.21 14.60 7.97
C GLU A 40 -10.83 14.05 7.97
N PHE A 41 -10.14 14.29 9.00
CA PHE A 41 -8.76 13.85 9.12
C PHE A 41 -8.53 13.35 10.52
N ASP A 42 -7.93 12.19 10.63
CA ASP A 42 -7.59 11.66 11.93
C ASP A 42 -6.31 12.35 12.36
N PRO A 43 -6.28 13.00 13.52
CA PRO A 43 -5.11 13.75 13.94
C PRO A 43 -4.00 12.89 14.54
N ASP A 44 -4.28 11.64 14.79
CA ASP A 44 -3.28 10.77 15.39
C ASP A 44 -2.55 10.04 14.29
N LEU A 45 -3.25 9.79 13.21
CA LEU A 45 -2.64 9.15 12.07
C LEU A 45 -2.10 10.21 11.11
N PRO A 46 -0.81 10.10 10.74
CA PRO A 46 -0.08 11.13 9.99
C PRO A 46 -0.79 11.79 8.81
N GLY A 47 -1.10 11.04 7.80
CA GLY A 47 -1.74 11.62 6.63
C GLY A 47 -3.21 11.75 6.80
N GLY A 48 -3.61 12.40 7.89
CA GLY A 48 -5.00 12.57 8.22
C GLY A 48 -5.69 11.24 8.37
N GLY A 49 -4.89 10.21 8.63
CA GLY A 49 -5.42 8.85 8.66
C GLY A 49 -6.05 8.41 7.32
N LEU A 50 -5.72 9.10 6.24
CA LEU A 50 -6.28 8.80 4.95
C LEU A 50 -5.26 8.24 3.97
N HIS A 51 -4.01 8.16 4.36
CA HIS A 51 -2.99 7.68 3.45
C HIS A 51 -2.20 6.59 4.12
N ARG A 52 -2.49 5.38 3.78
CA ARG A 52 -1.82 4.24 4.32
C ARG A 52 -1.60 3.18 3.30
N CYS A 53 -0.53 2.48 3.48
CA CYS A 53 -0.29 1.28 2.72
C CYS A 53 -0.75 0.17 3.62
N LEU A 54 -1.76 -0.55 3.21
CA LEU A 54 -2.35 -1.58 4.06
C LEU A 54 -1.41 -2.72 4.24
N ALA A 55 -0.66 -2.98 3.19
CA ALA A 55 0.34 -4.03 3.18
C ALA A 55 1.47 -3.76 4.19
N CYS A 56 1.63 -2.51 4.56
CA CYS A 56 2.65 -2.14 5.53
C CYS A 56 2.05 -1.72 6.85
N ALA A 57 0.71 -1.63 6.90
CA ALA A 57 -0.06 -1.28 8.12
C ALA A 57 0.41 0.05 8.72
N ARG A 58 0.96 0.91 7.89
CA ARG A 58 1.51 2.15 8.36
C ARG A 58 0.97 3.31 7.57
N TYR A 59 0.96 4.44 8.21
CA TYR A 59 0.45 5.63 7.67
C TYR A 59 1.55 6.61 7.35
N PHE A 60 1.36 7.31 6.27
CA PHE A 60 2.31 8.30 5.80
C PHE A 60 1.54 9.60 5.72
N ILE A 61 2.25 10.71 5.66
CA ILE A 61 1.62 12.02 5.65
C ILE A 61 0.81 12.31 4.39
N ASP A 62 1.19 11.76 3.25
CA ASP A 62 0.48 12.04 2.01
C ASP A 62 0.55 10.88 1.05
N SER A 63 -0.25 10.95 -0.02
CA SER A 63 -0.37 9.86 -0.99
C SER A 63 0.84 9.80 -1.90
N THR A 64 1.53 10.92 -2.09
CA THR A 64 2.72 10.92 -2.89
C THR A 64 3.82 10.12 -2.18
N ASN A 65 3.85 10.21 -0.84
CA ASN A 65 4.73 9.40 -0.05
C ASN A 65 4.40 7.92 -0.24
N LEU A 66 3.12 7.61 -0.27
CA LEU A 66 2.65 6.25 -0.56
C LEU A 66 3.05 5.81 -1.94
N LYS A 67 2.71 6.61 -2.89
CA LYS A 67 2.98 6.35 -4.31
C LYS A 67 4.50 6.09 -4.52
N THR A 68 5.34 6.88 -3.88
CA THR A 68 6.78 6.69 -3.95
C THR A 68 7.18 5.39 -3.21
N HIS A 69 6.48 5.13 -2.11
CA HIS A 69 6.66 3.90 -1.33
C HIS A 69 6.32 2.64 -2.14
N PHE A 70 5.34 2.72 -3.03
CA PHE A 70 4.98 1.55 -3.81
C PHE A 70 5.84 1.43 -5.05
N ARG A 71 6.73 2.39 -5.28
CA ARG A 71 7.64 2.32 -6.42
C ARG A 71 8.61 1.17 -6.28
N SER A 72 8.74 0.68 -5.05
CA SER A 72 9.52 -0.48 -4.78
C SER A 72 8.89 -1.69 -5.47
N LYS A 73 9.52 -2.11 -6.54
CA LYS A 73 9.04 -3.19 -7.38
C LYS A 73 8.95 -4.52 -6.64
N ASP A 74 9.81 -4.71 -5.66
CA ASP A 74 9.84 -5.94 -4.88
C ASP A 74 8.64 -5.99 -3.98
N HIS A 75 8.19 -4.83 -3.57
CA HIS A 75 7.05 -4.71 -2.69
C HIS A 75 5.81 -5.16 -3.37
N LYS A 76 5.53 -4.57 -4.47
CA LYS A 76 4.33 -4.88 -5.17
C LYS A 76 4.41 -6.30 -5.73
N LYS A 77 5.63 -6.74 -6.03
CA LYS A 77 5.89 -8.11 -6.38
C LYS A 77 5.51 -9.02 -5.21
N ARG A 78 5.94 -8.63 -4.01
CA ARG A 78 5.69 -9.39 -2.80
C ARG A 78 4.19 -9.54 -2.63
N LEU A 79 3.49 -8.46 -2.91
CA LEU A 79 2.08 -8.36 -2.71
C LEU A 79 1.32 -9.24 -3.69
N LYS A 80 1.76 -9.25 -4.93
CA LYS A 80 1.12 -10.04 -5.95
C LYS A 80 1.42 -11.53 -5.75
N GLN A 81 2.57 -11.84 -5.15
CA GLN A 81 2.90 -13.22 -4.82
C GLN A 81 2.08 -13.67 -3.61
N LEU A 82 1.81 -12.73 -2.72
CA LEU A 82 1.00 -12.93 -1.55
C LEU A 82 -0.47 -13.05 -1.91
N SER A 83 -0.82 -12.59 -3.09
CA SER A 83 -2.18 -12.66 -3.55
C SER A 83 -2.58 -14.13 -3.70
N VAL A 84 -3.83 -14.44 -3.40
CA VAL A 84 -4.31 -15.81 -3.51
C VAL A 84 -4.22 -16.27 -4.96
N GLU A 85 -4.48 -15.35 -5.84
CA GLU A 85 -4.34 -15.56 -7.24
C GLU A 85 -2.90 -15.17 -7.66
N PRO A 86 -2.09 -16.16 -8.09
CA PRO A 86 -0.69 -15.93 -8.48
C PRO A 86 -0.58 -15.47 -9.93
N TYR A 87 -1.60 -14.80 -10.37
CA TYR A 87 -1.72 -14.28 -11.70
C TYR A 87 -2.47 -12.97 -11.63
N SER A 88 -1.76 -11.91 -11.43
CA SER A 88 -2.35 -10.62 -11.29
C SER A 88 -1.90 -9.71 -12.43
N GLN A 89 -2.60 -9.85 -13.58
CA GLN A 89 -2.39 -9.04 -14.82
C GLN A 89 -1.00 -9.27 -15.45
N GLU A 90 -0.28 -10.15 -14.88
CA GLU A 90 1.06 -10.45 -15.38
C GLU A 90 1.00 -11.76 -16.15
N GLU A 91 -0.18 -12.34 -16.17
CA GLU A 91 -0.44 -13.55 -16.89
C GLU A 91 -1.01 -13.14 -18.24
N ALA A 92 -1.98 -12.27 -18.18
CA ALA A 92 -2.59 -11.74 -19.36
C ALA A 92 -2.93 -10.27 -19.15
N GLU A 93 -2.05 -9.39 -19.54
CA GLU A 93 -2.33 -7.98 -19.43
C GLU A 93 -3.12 -7.52 -20.65
N ARG A 94 -2.83 -8.11 -21.77
CA ARG A 94 -3.52 -7.79 -22.98
C ARG A 94 -4.70 -8.73 -23.15
N ALA A 95 -5.79 -8.35 -22.54
CA ALA A 95 -7.01 -9.10 -22.58
C ALA A 95 -8.15 -8.21 -22.15
N ALA A 96 -8.71 -7.50 -23.09
CA ALA A 96 -9.84 -6.64 -22.89
C ALA A 96 -10.40 -6.24 -24.24
N GLY A 97 -11.11 -7.13 -24.84
CA GLY A 97 -11.66 -6.89 -26.14
C GLY A 97 -12.99 -7.55 -26.31
N MET A 98 -13.16 -8.26 -27.44
CA MET A 98 -14.41 -8.97 -27.79
C MET A 98 -15.54 -7.99 -28.08
N GLY A 99 -15.17 -6.74 -28.24
CA GLY A 99 -16.11 -5.71 -28.54
C GLY A 99 -16.13 -5.45 -30.01
N SER A 100 -16.73 -6.34 -30.73
CA SER A 100 -16.82 -6.25 -32.14
C SER A 100 -17.88 -5.24 -32.56
N TYR A 101 -17.69 -4.64 -33.68
CA TYR A 101 -18.63 -3.68 -34.23
C TYR A 101 -19.10 -4.21 -35.55
N VAL A 102 -20.36 -4.15 -35.79
CA VAL A 102 -20.92 -4.64 -37.01
C VAL A 102 -21.13 -3.51 -38.01
ZN ZN B . 3.93 -0.92 1.66
N ASP A 36 -3.32 28.11 6.86
CA ASP A 36 -3.35 27.50 5.53
C ASP A 36 -4.61 26.66 5.42
N PRO A 37 -5.37 26.79 4.30
CA PRO A 37 -6.63 26.07 4.11
C PRO A 37 -6.42 24.57 4.02
N ASN A 38 -7.20 23.86 4.82
CA ASN A 38 -7.12 22.41 4.95
C ASN A 38 -5.68 21.96 5.19
N ALA A 39 -5.19 22.28 6.36
CA ALA A 39 -3.86 21.92 6.76
C ALA A 39 -3.79 21.86 8.26
N GLU A 40 -4.18 20.73 8.77
CA GLU A 40 -4.17 20.48 10.16
C GLU A 40 -3.92 19.00 10.34
N PHE A 41 -4.81 18.21 9.73
CA PHE A 41 -4.73 16.76 9.73
C PHE A 41 -4.75 16.23 11.17
N ASP A 42 -4.27 15.04 11.37
CA ASP A 42 -4.21 14.49 12.69
C ASP A 42 -2.75 14.25 13.04
N PRO A 43 -2.28 14.71 14.21
CA PRO A 43 -0.87 14.59 14.58
C PRO A 43 -0.47 13.22 15.15
N ASP A 44 -1.42 12.32 15.27
CA ASP A 44 -1.12 10.99 15.76
C ASP A 44 -1.01 10.06 14.59
N LEU A 45 -1.78 10.34 13.56
CA LEU A 45 -1.79 9.54 12.36
C LEU A 45 -1.16 10.30 11.22
N PRO A 46 -0.02 9.83 10.72
CA PRO A 46 0.70 10.45 9.61
C PRO A 46 -0.20 10.66 8.38
N GLY A 47 -0.24 11.89 7.90
CA GLY A 47 -1.07 12.24 6.76
C GLY A 47 -2.52 12.23 7.11
N GLY A 48 -2.81 12.42 8.39
CA GLY A 48 -4.17 12.43 8.87
C GLY A 48 -4.75 11.04 8.91
N GLY A 49 -3.90 10.05 8.64
CA GLY A 49 -4.34 8.67 8.59
C GLY A 49 -5.03 8.35 7.28
N LEU A 50 -5.05 9.33 6.38
CA LEU A 50 -5.75 9.23 5.13
C LEU A 50 -4.88 8.62 4.03
N HIS A 51 -3.66 8.33 4.37
CA HIS A 51 -2.73 7.80 3.40
C HIS A 51 -2.03 6.64 4.04
N ARG A 52 -2.40 5.47 3.68
CA ARG A 52 -1.79 4.30 4.25
C ARG A 52 -1.71 3.16 3.30
N CYS A 53 -0.69 2.38 3.47
CA CYS A 53 -0.56 1.16 2.74
C CYS A 53 -1.10 0.08 3.63
N LEU A 54 -2.16 -0.56 3.20
CA LEU A 54 -2.82 -1.56 4.00
C LEU A 54 -1.94 -2.77 4.17
N ALA A 55 -1.19 -3.07 3.15
CA ALA A 55 -0.25 -4.17 3.17
C ALA A 55 0.89 -3.97 4.18
N CYS A 56 1.10 -2.72 4.61
CA CYS A 56 2.14 -2.43 5.57
C CYS A 56 1.60 -1.91 6.89
N ALA A 57 0.31 -1.58 6.92
CA ALA A 57 -0.39 -1.08 8.11
C ALA A 57 0.26 0.21 8.65
N ARG A 58 0.94 0.93 7.77
CA ARG A 58 1.62 2.16 8.14
C ARG A 58 1.04 3.31 7.38
N TYR A 59 1.10 4.47 7.98
CA TYR A 59 0.55 5.66 7.45
C TYR A 59 1.66 6.54 6.91
N PHE A 60 1.33 7.38 5.96
CA PHE A 60 2.31 8.27 5.34
C PHE A 60 1.78 9.68 5.34
N ILE A 61 2.67 10.65 5.48
CA ILE A 61 2.31 12.03 5.60
C ILE A 61 1.68 12.62 4.35
N ASP A 62 1.96 12.02 3.22
CA ASP A 62 1.40 12.47 1.96
C ASP A 62 1.16 11.28 1.06
N SER A 63 0.18 11.39 0.18
CA SER A 63 -0.18 10.34 -0.75
C SER A 63 1.00 10.00 -1.66
N THR A 64 1.79 11.00 -2.01
CA THR A 64 2.93 10.81 -2.89
C THR A 64 3.96 9.88 -2.22
N ASN A 65 4.12 10.03 -0.92
CA ASN A 65 5.01 9.20 -0.14
C ASN A 65 4.53 7.78 -0.13
N LEU A 66 3.25 7.65 0.03
CA LEU A 66 2.59 6.39 0.02
C LEU A 66 2.69 5.71 -1.35
N LYS A 67 2.36 6.45 -2.37
CA LYS A 67 2.47 5.95 -3.76
C LYS A 67 3.90 5.56 -4.10
N THR A 68 4.87 6.39 -3.72
CA THR A 68 6.29 6.11 -3.95
C THR A 68 6.70 4.82 -3.22
N HIS A 69 6.07 4.59 -2.08
CA HIS A 69 6.26 3.40 -1.28
C HIS A 69 5.90 2.11 -2.07
N PHE A 70 4.97 2.20 -3.02
CA PHE A 70 4.61 1.01 -3.79
C PHE A 70 5.45 0.92 -5.03
N ARG A 71 5.92 2.07 -5.50
CA ARG A 71 6.71 2.16 -6.72
C ARG A 71 8.05 1.45 -6.59
N SER A 72 8.39 1.11 -5.36
CA SER A 72 9.48 0.23 -5.12
C SER A 72 8.98 -1.16 -5.52
N LYS A 73 9.36 -1.58 -6.72
CA LYS A 73 8.84 -2.77 -7.38
C LYS A 73 8.94 -4.04 -6.56
N ASP A 74 9.92 -4.09 -5.68
CA ASP A 74 10.11 -5.22 -4.76
C ASP A 74 8.86 -5.49 -3.96
N HIS A 75 8.20 -4.43 -3.56
CA HIS A 75 7.00 -4.53 -2.71
C HIS A 75 5.90 -5.16 -3.40
N LYS A 76 5.54 -4.60 -4.51
CA LYS A 76 4.41 -5.07 -5.18
C LYS A 76 4.64 -6.45 -5.75
N LYS A 77 5.89 -6.76 -6.05
CA LYS A 77 6.29 -8.10 -6.41
C LYS A 77 6.12 -9.04 -5.19
N ARG A 78 6.59 -8.58 -4.01
CA ARG A 78 6.49 -9.36 -2.76
C ARG A 78 5.03 -9.54 -2.40
N LEU A 79 4.26 -8.56 -2.78
CA LEU A 79 2.89 -8.44 -2.50
C LEU A 79 2.12 -9.50 -3.29
N LYS A 80 2.57 -9.74 -4.51
CA LYS A 80 1.96 -10.74 -5.38
C LYS A 80 2.27 -12.14 -4.87
N GLN A 81 3.50 -12.35 -4.44
CA GLN A 81 3.91 -13.64 -3.94
C GLN A 81 3.32 -13.94 -2.56
N LEU A 82 3.11 -12.89 -1.79
CA LEU A 82 2.51 -13.03 -0.48
C LEU A 82 1.00 -13.24 -0.67
N SER A 83 0.48 -12.66 -1.76
CA SER A 83 -0.91 -12.74 -2.16
C SER A 83 -1.80 -11.89 -1.24
N VAL A 84 -3.08 -11.87 -1.52
CA VAL A 84 -4.00 -11.05 -0.78
C VAL A 84 -4.61 -11.81 0.37
N GLU A 85 -5.34 -12.87 0.01
CA GLU A 85 -6.14 -13.67 0.94
C GLU A 85 -7.30 -12.80 1.44
N PRO A 86 -8.53 -13.05 0.96
CA PRO A 86 -9.71 -12.19 1.24
C PRO A 86 -10.28 -12.26 2.65
N TYR A 87 -9.45 -12.51 3.60
CA TYR A 87 -9.90 -12.57 4.96
C TYR A 87 -9.87 -11.24 5.65
N SER A 88 -10.95 -10.54 5.51
CA SER A 88 -11.18 -9.30 6.16
C SER A 88 -12.58 -9.38 6.74
N GLN A 89 -12.67 -9.41 8.07
CA GLN A 89 -13.93 -9.61 8.80
C GLN A 89 -14.78 -10.77 8.27
N GLU A 90 -14.26 -11.97 8.48
CA GLU A 90 -14.88 -13.20 8.02
C GLU A 90 -15.08 -13.19 6.51
N GLU A 91 -13.95 -13.12 5.79
CA GLU A 91 -13.85 -13.10 4.30
C GLU A 91 -14.82 -12.12 3.63
N ALA A 92 -15.13 -11.03 4.32
CA ALA A 92 -16.10 -10.04 3.85
C ALA A 92 -15.51 -9.10 2.80
N GLU A 93 -14.43 -9.53 2.24
CA GLU A 93 -13.76 -8.80 1.22
C GLU A 93 -14.39 -9.10 -0.14
N ARG A 94 -14.51 -10.39 -0.44
CA ARG A 94 -15.09 -10.80 -1.71
C ARG A 94 -16.55 -11.18 -1.53
N ALA A 95 -17.04 -10.95 -0.32
CA ALA A 95 -18.41 -11.25 0.03
C ALA A 95 -19.22 -9.98 0.15
N ALA A 96 -18.75 -8.94 -0.52
CA ALA A 96 -19.39 -7.62 -0.48
C ALA A 96 -20.66 -7.55 -1.32
N GLY A 97 -20.98 -8.63 -2.03
CA GLY A 97 -22.18 -8.66 -2.85
C GLY A 97 -21.99 -7.91 -4.16
N MET A 98 -20.74 -7.70 -4.48
CA MET A 98 -20.30 -7.01 -5.68
C MET A 98 -18.81 -7.14 -5.72
N GLY A 99 -18.21 -6.87 -6.84
CA GLY A 99 -16.79 -6.97 -6.92
C GLY A 99 -16.24 -6.32 -8.14
N SER A 100 -15.69 -7.14 -9.04
CA SER A 100 -15.03 -6.69 -10.26
C SER A 100 -13.78 -5.86 -9.90
N TYR A 101 -12.66 -6.52 -9.73
CA TYR A 101 -11.46 -5.85 -9.33
C TYR A 101 -10.28 -6.23 -10.20
N VAL A 102 -9.68 -5.22 -10.75
CA VAL A 102 -8.52 -5.34 -11.56
C VAL A 102 -7.67 -4.04 -11.46
ZN ZN B . 3.48 -1.30 1.70
N ASP A 36 -9.11 21.23 12.54
CA ASP A 36 -7.94 22.07 12.27
C ASP A 36 -8.10 22.71 10.91
N PRO A 37 -7.81 24.04 10.77
CA PRO A 37 -7.95 24.77 9.50
C PRO A 37 -7.32 24.06 8.32
N ASN A 38 -8.16 23.73 7.37
CA ASN A 38 -7.81 22.95 6.20
C ASN A 38 -7.03 21.69 6.55
N ALA A 39 -7.77 20.71 6.94
CA ALA A 39 -7.25 19.42 7.28
C ALA A 39 -8.38 18.44 7.25
N GLU A 40 -8.57 17.80 6.10
CA GLU A 40 -9.58 16.79 5.97
C GLU A 40 -9.08 15.53 6.64
N PHE A 41 -7.79 15.49 6.77
CA PHE A 41 -7.07 14.43 7.39
C PHE A 41 -6.97 14.73 8.89
N ASP A 42 -7.11 13.70 9.70
CA ASP A 42 -6.94 13.83 11.14
C ASP A 42 -5.50 14.28 11.44
N PRO A 43 -5.33 15.40 12.15
CA PRO A 43 -4.00 15.97 12.42
C PRO A 43 -3.17 15.15 13.43
N ASP A 44 -3.81 14.23 14.10
CA ASP A 44 -3.16 13.40 15.11
C ASP A 44 -2.59 12.14 14.46
N LEU A 45 -3.17 11.76 13.36
CA LEU A 45 -2.68 10.66 12.56
C LEU A 45 -1.81 11.17 11.42
N PRO A 46 -0.76 10.42 11.03
CA PRO A 46 0.08 10.80 9.89
C PRO A 46 -0.73 10.82 8.61
N GLY A 47 -0.95 12.02 8.07
CA GLY A 47 -1.74 12.17 6.88
C GLY A 47 -3.17 11.75 7.12
N GLY A 48 -3.61 11.90 8.38
CA GLY A 48 -4.95 11.51 8.79
C GLY A 48 -5.15 10.02 8.74
N GLY A 49 -4.07 9.30 8.49
CA GLY A 49 -4.15 7.89 8.32
C GLY A 49 -4.91 7.52 7.06
N LEU A 50 -5.07 8.47 6.17
CA LEU A 50 -5.79 8.27 4.95
C LEU A 50 -4.86 7.75 3.89
N HIS A 51 -3.62 8.12 4.02
CA HIS A 51 -2.60 7.74 3.10
C HIS A 51 -1.91 6.56 3.69
N ARG A 52 -2.37 5.42 3.35
CA ARG A 52 -1.86 4.21 3.94
C ARG A 52 -1.76 3.07 2.98
N CYS A 53 -0.75 2.30 3.20
CA CYS A 53 -0.56 1.06 2.51
C CYS A 53 -1.07 -0.03 3.40
N LEU A 54 -2.08 -0.74 2.94
CA LEU A 54 -2.71 -1.80 3.73
C LEU A 54 -1.74 -2.93 3.98
N ALA A 55 -0.90 -3.17 3.01
CA ALA A 55 0.11 -4.20 3.07
C ALA A 55 1.19 -3.91 4.13
N CYS A 56 1.28 -2.66 4.56
CA CYS A 56 2.25 -2.29 5.58
C CYS A 56 1.60 -1.80 6.86
N ALA A 57 0.30 -1.48 6.77
CA ALA A 57 -0.51 -1.04 7.92
C ALA A 57 0.01 0.27 8.51
N ARG A 58 0.85 0.97 7.76
CA ARG A 58 1.46 2.19 8.23
C ARG A 58 0.81 3.38 7.56
N TYR A 59 0.84 4.49 8.23
CA TYR A 59 0.24 5.68 7.75
C TYR A 59 1.32 6.64 7.27
N PHE A 60 1.08 7.26 6.16
CA PHE A 60 2.02 8.17 5.55
C PHE A 60 1.47 9.57 5.59
N ILE A 61 2.34 10.54 5.74
CA ILE A 61 1.97 11.91 5.88
C ILE A 61 1.40 12.47 4.58
N ASP A 62 1.91 12.01 3.46
CA ASP A 62 1.45 12.52 2.19
C ASP A 62 1.30 11.39 1.19
N SER A 63 0.34 11.55 0.30
CA SER A 63 0.01 10.57 -0.72
C SER A 63 1.22 10.30 -1.63
N THR A 64 2.04 11.32 -1.87
CA THR A 64 3.18 11.16 -2.76
C THR A 64 4.17 10.18 -2.12
N ASN A 65 4.30 10.26 -0.80
CA ASN A 65 5.15 9.38 -0.04
C ASN A 65 4.64 7.97 -0.10
N LEU A 66 3.35 7.84 0.04
CA LEU A 66 2.69 6.57 -0.01
C LEU A 66 2.83 5.94 -1.41
N LYS A 67 2.56 6.71 -2.41
CA LYS A 67 2.74 6.28 -3.80
C LYS A 67 4.21 5.91 -4.10
N THR A 68 5.15 6.73 -3.60
CA THR A 68 6.58 6.43 -3.71
C THR A 68 6.91 5.10 -3.03
N HIS A 69 6.16 4.83 -2.00
CA HIS A 69 6.25 3.61 -1.28
C HIS A 69 5.90 2.35 -2.15
N PHE A 70 5.05 2.50 -3.19
CA PHE A 70 4.73 1.32 -4.00
C PHE A 70 5.47 1.35 -5.32
N ARG A 71 6.16 2.46 -5.64
CA ARG A 71 6.84 2.55 -6.93
C ARG A 71 8.00 1.56 -6.99
N SER A 72 8.39 1.09 -5.81
CA SER A 72 9.35 0.05 -5.70
C SER A 72 8.63 -1.27 -6.01
N LYS A 73 8.91 -1.81 -7.18
CA LYS A 73 8.26 -3.01 -7.69
C LYS A 73 8.44 -4.21 -6.77
N ASP A 74 9.55 -4.21 -6.03
CA ASP A 74 9.91 -5.28 -5.08
C ASP A 74 8.80 -5.52 -4.07
N HIS A 75 8.15 -4.46 -3.67
CA HIS A 75 7.09 -4.53 -2.66
C HIS A 75 5.92 -5.28 -3.15
N LYS A 76 5.40 -4.85 -4.23
CA LYS A 76 4.22 -5.41 -4.75
C LYS A 76 4.50 -6.80 -5.28
N LYS A 77 5.74 -7.02 -5.71
CA LYS A 77 6.20 -8.33 -6.04
C LYS A 77 6.18 -9.22 -4.79
N ARG A 78 6.62 -8.67 -3.63
CA ARG A 78 6.63 -9.43 -2.39
C ARG A 78 5.23 -9.92 -2.07
N LEU A 79 4.26 -9.11 -2.38
CA LEU A 79 2.87 -9.42 -2.19
C LEU A 79 2.43 -10.58 -3.08
N LYS A 80 2.93 -10.61 -4.30
CA LYS A 80 2.66 -11.72 -5.21
C LYS A 80 3.36 -12.98 -4.67
N GLN A 81 4.55 -12.79 -4.14
CA GLN A 81 5.35 -13.82 -3.58
C GLN A 81 4.62 -14.41 -2.36
N LEU A 82 4.04 -13.54 -1.56
CA LEU A 82 3.28 -13.91 -0.41
C LEU A 82 2.06 -14.72 -0.80
N SER A 83 1.50 -14.41 -1.94
CA SER A 83 0.35 -15.09 -2.42
C SER A 83 0.76 -16.28 -3.31
N VAL A 84 1.02 -17.41 -2.67
CA VAL A 84 1.41 -18.59 -3.37
C VAL A 84 0.20 -19.40 -3.83
N GLU A 85 -0.84 -19.40 -3.01
CA GLU A 85 -2.10 -20.10 -3.30
C GLU A 85 -2.66 -19.75 -4.70
N PRO A 86 -2.86 -18.45 -5.06
CA PRO A 86 -3.31 -18.09 -6.38
C PRO A 86 -2.12 -17.85 -7.29
N TYR A 87 -1.88 -18.76 -8.19
CA TYR A 87 -0.78 -18.61 -9.12
C TYR A 87 -1.24 -17.79 -10.31
N SER A 88 -0.31 -17.16 -10.97
CA SER A 88 -0.62 -16.38 -12.10
C SER A 88 -0.20 -17.18 -13.31
N GLN A 89 -0.79 -16.88 -14.41
CA GLN A 89 -0.55 -17.62 -15.61
C GLN A 89 0.75 -17.24 -16.31
N GLU A 90 1.83 -17.65 -15.72
CA GLU A 90 3.14 -17.57 -16.30
C GLU A 90 3.90 -18.85 -16.02
N GLU A 91 3.49 -19.53 -14.96
CA GLU A 91 3.97 -20.86 -14.66
C GLU A 91 2.97 -21.85 -15.26
N ALA A 92 1.75 -21.38 -15.41
CA ALA A 92 0.71 -22.16 -16.02
C ALA A 92 0.69 -21.87 -17.51
N GLU A 93 0.13 -22.78 -18.28
CA GLU A 93 0.07 -22.72 -19.71
C GLU A 93 1.42 -22.96 -20.33
N ARG A 94 1.61 -24.17 -20.75
CA ARG A 94 2.83 -24.60 -21.38
C ARG A 94 2.50 -25.36 -22.64
N ALA A 95 3.35 -25.23 -23.63
CA ALA A 95 3.11 -25.89 -24.90
C ALA A 95 3.72 -27.27 -24.92
N ALA A 96 4.74 -27.47 -24.05
CA ALA A 96 5.47 -28.72 -23.91
C ALA A 96 6.33 -28.95 -25.13
N GLY A 97 7.63 -28.66 -24.95
CA GLY A 97 8.61 -28.78 -26.01
C GLY A 97 8.50 -30.07 -26.80
N MET A 98 8.10 -29.92 -28.06
CA MET A 98 7.88 -31.05 -28.96
C MET A 98 9.15 -31.86 -29.20
N GLY A 99 8.97 -33.04 -29.70
CA GLY A 99 10.08 -33.91 -29.97
C GLY A 99 9.99 -34.48 -31.35
N SER A 100 9.49 -33.70 -32.26
CA SER A 100 9.34 -34.14 -33.60
C SER A 100 10.60 -33.83 -34.40
N TYR A 101 10.97 -34.74 -35.27
CA TYR A 101 12.12 -34.60 -36.11
C TYR A 101 11.91 -35.50 -37.30
N VAL A 102 12.40 -35.07 -38.45
CA VAL A 102 12.28 -35.78 -39.75
C VAL A 102 10.83 -36.27 -40.06
ZN ZN B . 3.64 -1.16 1.73
N ASP A 36 -19.28 20.17 11.08
CA ASP A 36 -18.23 19.19 11.36
C ASP A 36 -18.60 17.86 10.78
N PRO A 37 -17.85 17.40 9.77
CA PRO A 37 -18.04 16.08 9.18
C PRO A 37 -17.83 15.01 10.24
N ASN A 38 -18.33 13.81 9.97
CA ASN A 38 -18.25 12.69 10.87
C ASN A 38 -16.82 12.37 11.30
N ALA A 39 -15.86 12.84 10.50
CA ALA A 39 -14.45 12.81 10.83
C ALA A 39 -13.90 11.38 10.92
N GLU A 40 -13.70 10.77 9.76
CA GLU A 40 -13.15 9.44 9.67
C GLU A 40 -11.64 9.47 9.92
N PHE A 41 -11.07 10.60 9.64
CA PHE A 41 -9.66 10.82 9.72
C PHE A 41 -9.21 11.12 11.15
N ASP A 42 -7.99 10.78 11.43
CA ASP A 42 -7.37 11.06 12.71
C ASP A 42 -6.26 12.06 12.44
N PRO A 43 -6.38 13.28 12.97
CA PRO A 43 -5.42 14.37 12.68
C PRO A 43 -4.05 14.15 13.32
N ASP A 44 -3.96 13.19 14.19
CA ASP A 44 -2.70 12.91 14.85
C ASP A 44 -1.91 11.90 14.05
N LEU A 45 -2.61 11.04 13.35
CA LEU A 45 -1.99 10.05 12.51
C LEU A 45 -1.54 10.66 11.19
N PRO A 46 -0.39 10.19 10.65
CA PRO A 46 0.13 10.68 9.37
C PRO A 46 -0.88 10.51 8.24
N GLY A 47 -1.22 11.63 7.61
CA GLY A 47 -2.15 11.63 6.49
C GLY A 47 -3.55 11.31 6.94
N GLY A 48 -3.84 11.63 8.20
CA GLY A 48 -5.15 11.37 8.76
C GLY A 48 -5.36 9.89 9.03
N GLY A 49 -4.29 9.12 8.83
CA GLY A 49 -4.36 7.70 8.96
C GLY A 49 -5.04 7.06 7.76
N LEU A 50 -5.34 7.88 6.76
CA LEU A 50 -6.05 7.43 5.60
C LEU A 50 -5.11 6.96 4.52
N HIS A 51 -3.98 7.60 4.40
CA HIS A 51 -3.03 7.24 3.37
C HIS A 51 -2.06 6.30 3.93
N ARG A 52 -2.33 5.08 3.74
CA ARG A 52 -1.50 4.04 4.25
C ARG A 52 -1.39 2.93 3.27
N CYS A 53 -0.34 2.21 3.39
CA CYS A 53 -0.18 0.99 2.64
C CYS A 53 -0.65 -0.09 3.55
N LEU A 54 -1.68 -0.77 3.14
CA LEU A 54 -2.35 -1.75 3.99
C LEU A 54 -1.41 -2.87 4.39
N ALA A 55 -0.65 -3.37 3.42
CA ALA A 55 0.27 -4.47 3.64
C ALA A 55 1.41 -4.08 4.60
N CYS A 56 1.72 -2.79 4.68
CA CYS A 56 2.77 -2.34 5.57
C CYS A 56 2.21 -1.79 6.86
N ALA A 57 0.91 -1.48 6.85
CA ALA A 57 0.19 -0.91 7.99
C ALA A 57 0.81 0.43 8.44
N ARG A 58 1.52 1.07 7.54
CA ARG A 58 2.21 2.29 7.86
C ARG A 58 1.47 3.44 7.26
N TYR A 59 1.49 4.56 7.94
CA TYR A 59 0.75 5.71 7.55
C TYR A 59 1.67 6.74 6.96
N PHE A 60 1.21 7.40 5.94
CA PHE A 60 2.00 8.39 5.25
C PHE A 60 1.27 9.71 5.29
N ILE A 61 2.04 10.78 5.35
CA ILE A 61 1.51 12.12 5.46
C ILE A 61 0.72 12.54 4.23
N ASP A 62 1.00 11.92 3.11
CA ASP A 62 0.28 12.22 1.88
C ASP A 62 0.26 11.03 0.98
N SER A 63 -0.57 11.09 -0.03
CA SER A 63 -0.75 10.00 -0.96
C SER A 63 0.46 9.89 -1.89
N THR A 64 1.16 10.98 -2.09
CA THR A 64 2.32 10.98 -2.94
C THR A 64 3.48 10.20 -2.26
N ASN A 65 3.69 10.45 -0.97
CA ASN A 65 4.66 9.72 -0.17
C ASN A 65 4.35 8.24 -0.19
N LEU A 66 3.09 7.93 0.00
CA LEU A 66 2.61 6.58 -0.03
C LEU A 66 2.86 5.93 -1.40
N LYS A 67 2.52 6.64 -2.43
CA LYS A 67 2.76 6.18 -3.80
C LYS A 67 4.28 5.99 -4.09
N THR A 68 5.13 6.85 -3.50
CA THR A 68 6.59 6.72 -3.62
C THR A 68 7.06 5.45 -2.93
N HIS A 69 6.36 5.08 -1.90
CA HIS A 69 6.61 3.86 -1.16
C HIS A 69 6.48 2.62 -2.05
N PHE A 70 5.65 2.68 -3.09
CA PHE A 70 5.51 1.51 -3.94
C PHE A 70 6.48 1.58 -5.11
N ARG A 71 7.44 2.48 -5.04
CA ARG A 71 8.49 2.51 -6.08
C ARG A 71 9.38 1.27 -5.96
N SER A 72 9.31 0.63 -4.81
CA SER A 72 9.99 -0.60 -4.59
C SER A 72 9.15 -1.71 -5.22
N LYS A 73 9.55 -2.13 -6.40
CA LYS A 73 8.84 -3.12 -7.20
C LYS A 73 8.82 -4.49 -6.53
N ASP A 74 9.81 -4.74 -5.68
CA ASP A 74 9.92 -5.97 -4.90
C ASP A 74 8.67 -6.14 -4.05
N HIS A 75 8.22 -5.04 -3.53
CA HIS A 75 7.04 -4.99 -2.67
C HIS A 75 5.82 -5.33 -3.41
N LYS A 76 5.71 -4.78 -4.54
CA LYS A 76 4.57 -4.92 -5.35
C LYS A 76 4.48 -6.35 -5.85
N LYS A 77 5.64 -6.98 -5.99
CA LYS A 77 5.73 -8.40 -6.25
C LYS A 77 5.06 -9.19 -5.11
N ARG A 78 5.36 -8.80 -3.85
CA ARG A 78 4.76 -9.46 -2.68
C ARG A 78 3.25 -9.25 -2.75
N LEU A 79 2.87 -8.09 -3.22
CA LEU A 79 1.49 -7.69 -3.29
C LEU A 79 0.75 -8.47 -4.37
N LYS A 80 1.45 -8.74 -5.44
CA LYS A 80 0.93 -9.51 -6.55
C LYS A 80 0.67 -10.95 -6.10
N GLN A 81 1.66 -11.55 -5.47
CA GLN A 81 1.56 -12.91 -4.99
C GLN A 81 0.63 -13.02 -3.77
N LEU A 82 0.40 -11.90 -3.11
CA LEU A 82 -0.44 -11.77 -1.89
C LEU A 82 -1.85 -12.27 -2.14
N SER A 83 -2.27 -12.28 -3.39
CA SER A 83 -3.56 -12.80 -3.77
C SER A 83 -3.67 -14.30 -3.39
N VAL A 84 -2.54 -14.98 -3.41
CA VAL A 84 -2.48 -16.38 -3.06
C VAL A 84 -1.77 -16.55 -1.72
N GLU A 85 -0.67 -15.85 -1.55
CA GLU A 85 0.12 -15.92 -0.34
C GLU A 85 -0.54 -15.06 0.75
N PRO A 86 -1.08 -15.73 1.81
CA PRO A 86 -1.83 -15.13 2.94
C PRO A 86 -1.44 -13.72 3.38
N TYR A 87 -2.45 -13.00 3.76
CA TYR A 87 -2.34 -11.68 4.29
C TYR A 87 -2.24 -11.84 5.80
N SER A 88 -1.85 -10.81 6.50
CA SER A 88 -1.62 -10.95 7.92
C SER A 88 -2.89 -10.96 8.77
N GLN A 89 -3.60 -12.11 8.76
CA GLN A 89 -4.80 -12.33 9.57
C GLN A 89 -5.90 -11.31 9.20
N GLU A 90 -6.03 -11.04 7.88
CA GLU A 90 -7.00 -10.05 7.35
C GLU A 90 -6.68 -8.67 7.92
N GLU A 91 -5.41 -8.52 8.30
CA GLU A 91 -4.86 -7.36 8.94
C GLU A 91 -5.44 -7.31 10.36
N ALA A 92 -4.82 -8.13 11.23
CA ALA A 92 -5.24 -8.33 12.62
C ALA A 92 -5.32 -7.03 13.38
N GLU A 93 -6.49 -6.80 14.01
CA GLU A 93 -6.82 -5.55 14.67
C GLU A 93 -6.69 -4.44 13.67
N ARG A 94 -7.70 -4.28 12.89
CA ARG A 94 -7.58 -3.38 11.80
C ARG A 94 -8.00 -1.99 12.19
N ALA A 95 -7.13 -1.04 11.90
CA ALA A 95 -7.33 0.38 12.20
C ALA A 95 -8.29 1.04 11.19
N ALA A 96 -9.02 0.20 10.51
CA ALA A 96 -9.99 0.58 9.57
C ALA A 96 -11.21 -0.24 9.84
N GLY A 97 -11.95 0.21 10.81
CA GLY A 97 -13.14 -0.46 11.19
C GLY A 97 -14.35 0.39 10.95
N MET A 98 -15.13 0.02 9.99
CA MET A 98 -16.33 0.73 9.68
C MET A 98 -17.50 -0.22 9.76
N GLY A 99 -18.46 0.14 10.57
CA GLY A 99 -19.62 -0.70 10.73
C GLY A 99 -20.88 0.11 10.87
N SER A 100 -20.78 1.23 11.55
CA SER A 100 -21.90 2.10 11.74
C SER A 100 -22.40 2.66 10.41
N TYR A 101 -23.69 2.67 10.24
CA TYR A 101 -24.30 3.15 9.07
C TYR A 101 -24.42 4.67 9.16
N VAL A 102 -24.26 5.32 8.06
CA VAL A 102 -24.40 6.74 8.02
C VAL A 102 -25.50 7.15 7.02
ZN ZN B . 3.96 -1.18 1.58
N ASP A 36 -0.80 24.29 8.95
CA ASP A 36 -0.88 24.30 7.48
C ASP A 36 -2.32 24.14 7.06
N PRO A 37 -2.86 25.05 6.21
CA PRO A 37 -4.26 25.00 5.76
C PRO A 37 -4.58 23.65 5.13
N ASN A 38 -5.78 23.14 5.42
CA ASN A 38 -6.26 21.83 4.97
C ASN A 38 -5.54 20.64 5.65
N ALA A 39 -4.36 20.86 6.15
CA ALA A 39 -3.59 19.82 6.73
C ALA A 39 -3.53 19.95 8.24
N GLU A 40 -4.58 19.56 8.86
CA GLU A 40 -4.64 19.46 10.26
C GLU A 40 -4.91 18.01 10.60
N PHE A 41 -6.10 17.54 10.18
CA PHE A 41 -6.55 16.17 10.35
C PHE A 41 -6.57 15.77 11.83
N ASP A 42 -6.60 14.49 12.08
CA ASP A 42 -6.53 13.98 13.43
C ASP A 42 -5.07 13.99 13.86
N PRO A 43 -4.76 14.51 15.05
CA PRO A 43 -3.37 14.62 15.51
C PRO A 43 -2.73 13.28 15.92
N ASP A 44 -3.54 12.26 16.12
CA ASP A 44 -3.01 10.97 16.51
C ASP A 44 -2.66 10.17 15.29
N LEU A 45 -3.38 10.42 14.23
CA LEU A 45 -3.17 9.72 12.99
C LEU A 45 -2.34 10.54 12.01
N PRO A 46 -1.15 10.04 11.65
CA PRO A 46 -0.27 10.70 10.68
C PRO A 46 -0.90 10.71 9.29
N GLY A 47 -0.99 11.88 8.70
CA GLY A 47 -1.61 12.02 7.40
C GLY A 47 -3.11 11.84 7.51
N GLY A 48 -3.62 12.06 8.73
CA GLY A 48 -5.03 11.91 9.01
C GLY A 48 -5.47 10.47 8.98
N GLY A 49 -4.50 9.57 8.88
CA GLY A 49 -4.78 8.16 8.80
C GLY A 49 -5.34 7.79 7.44
N LEU A 50 -5.35 8.74 6.52
CA LEU A 50 -5.94 8.55 5.22
C LEU A 50 -4.97 7.88 4.28
N HIS A 51 -3.70 8.02 4.55
CA HIS A 51 -2.70 7.53 3.65
C HIS A 51 -2.04 6.33 4.26
N ARG A 52 -2.55 5.19 3.92
CA ARG A 52 -2.00 3.94 4.39
C ARG A 52 -1.76 3.01 3.25
N CYS A 53 -0.74 2.25 3.38
CA CYS A 53 -0.49 1.12 2.53
C CYS A 53 -1.00 -0.08 3.25
N LEU A 54 -1.96 -0.76 2.69
CA LEU A 54 -2.59 -1.91 3.36
C LEU A 54 -1.59 -3.02 3.62
N ALA A 55 -0.68 -3.21 2.70
CA ALA A 55 0.36 -4.22 2.82
C ALA A 55 1.38 -3.88 3.92
N CYS A 56 1.42 -2.62 4.33
CA CYS A 56 2.34 -2.22 5.39
C CYS A 56 1.64 -1.87 6.69
N ALA A 57 0.36 -1.49 6.58
CA ALA A 57 -0.50 -1.13 7.72
C ALA A 57 0.06 0.13 8.44
N ARG A 58 0.86 0.88 7.73
CA ARG A 58 1.51 2.06 8.29
C ARG A 58 1.03 3.32 7.61
N TYR A 59 1.38 4.45 8.19
CA TYR A 59 0.89 5.73 7.78
C TYR A 59 1.95 6.53 7.04
N PHE A 60 1.47 7.45 6.24
CA PHE A 60 2.31 8.40 5.52
C PHE A 60 1.68 9.76 5.63
N ILE A 61 2.49 10.79 5.67
CA ILE A 61 2.01 12.14 5.78
C ILE A 61 1.50 12.68 4.45
N ASP A 62 1.88 12.02 3.37
CA ASP A 62 1.45 12.46 2.05
C ASP A 62 1.02 11.28 1.25
N SER A 63 0.13 11.51 0.32
CA SER A 63 -0.26 10.49 -0.60
C SER A 63 0.87 10.31 -1.58
N THR A 64 1.59 11.40 -1.82
CA THR A 64 2.73 11.41 -2.69
C THR A 64 3.82 10.47 -2.12
N ASN A 65 3.96 10.46 -0.79
CA ASN A 65 4.88 9.56 -0.13
C ASN A 65 4.41 8.14 -0.25
N LEU A 66 3.13 7.95 -0.04
CA LEU A 66 2.51 6.65 -0.11
C LEU A 66 2.62 6.03 -1.51
N LYS A 67 2.26 6.79 -2.50
CA LYS A 67 2.34 6.31 -3.89
C LYS A 67 3.79 5.97 -4.31
N THR A 68 4.75 6.80 -3.88
CA THR A 68 6.18 6.54 -4.14
C THR A 68 6.62 5.28 -3.38
N HIS A 69 5.98 5.05 -2.26
CA HIS A 69 6.20 3.86 -1.48
C HIS A 69 5.97 2.55 -2.30
N PHE A 70 5.12 2.59 -3.32
CA PHE A 70 4.92 1.38 -4.12
C PHE A 70 5.71 1.48 -5.43
N ARG A 71 6.60 2.46 -5.51
CA ARG A 71 7.42 2.65 -6.69
C ARG A 71 8.41 1.47 -6.74
N SER A 72 8.76 0.99 -5.56
CA SER A 72 9.65 -0.13 -5.39
C SER A 72 8.95 -1.45 -5.80
N LYS A 73 9.50 -2.10 -6.83
CA LYS A 73 8.94 -3.34 -7.39
C LYS A 73 8.94 -4.50 -6.38
N ASP A 74 9.96 -4.55 -5.51
CA ASP A 74 10.15 -5.64 -4.54
C ASP A 74 8.93 -5.85 -3.67
N HIS A 75 8.37 -4.75 -3.24
CA HIS A 75 7.19 -4.75 -2.37
C HIS A 75 6.03 -5.35 -3.05
N LYS A 76 5.72 -4.83 -4.16
CA LYS A 76 4.58 -5.24 -4.88
C LYS A 76 4.75 -6.68 -5.34
N LYS A 77 5.99 -7.09 -5.57
CA LYS A 77 6.30 -8.47 -5.85
C LYS A 77 5.87 -9.37 -4.68
N ARG A 78 6.10 -8.90 -3.44
CA ARG A 78 5.73 -9.69 -2.25
C ARG A 78 4.20 -9.90 -2.28
N LEU A 79 3.50 -8.91 -2.79
CA LEU A 79 2.07 -8.93 -2.90
C LEU A 79 1.62 -9.82 -4.04
N LYS A 80 2.32 -9.75 -5.15
CA LYS A 80 2.01 -10.57 -6.31
C LYS A 80 2.16 -12.05 -5.99
N GLN A 81 3.18 -12.38 -5.23
CA GLN A 81 3.41 -13.77 -4.87
C GLN A 81 2.48 -14.20 -3.77
N LEU A 82 1.97 -13.22 -3.03
CA LEU A 82 1.09 -13.51 -1.93
C LEU A 82 -0.27 -13.91 -2.47
N SER A 83 -0.76 -13.21 -3.51
CA SER A 83 -2.12 -13.43 -4.07
C SER A 83 -2.39 -12.60 -5.34
N VAL A 84 -2.40 -13.26 -6.48
CA VAL A 84 -2.87 -12.68 -7.75
C VAL A 84 -3.61 -13.76 -8.49
N GLU A 85 -2.89 -14.81 -8.79
CA GLU A 85 -3.42 -16.00 -9.39
C GLU A 85 -2.84 -17.16 -8.63
N PRO A 86 -3.60 -18.27 -8.44
CA PRO A 86 -3.12 -19.45 -7.70
C PRO A 86 -1.74 -19.88 -8.17
N TYR A 87 -0.77 -19.72 -7.31
CA TYR A 87 0.60 -19.94 -7.66
C TYR A 87 1.16 -20.86 -6.59
N SER A 88 2.20 -21.60 -6.87
CA SER A 88 2.71 -22.49 -5.89
C SER A 88 4.22 -22.61 -6.05
N GLN A 89 4.80 -23.40 -5.20
CA GLN A 89 6.21 -23.63 -5.20
C GLN A 89 6.62 -24.62 -6.26
N GLU A 90 6.86 -24.09 -7.41
CA GLU A 90 7.34 -24.81 -8.55
C GLU A 90 8.10 -23.84 -9.40
N GLU A 91 7.38 -22.86 -9.88
CA GLU A 91 7.97 -21.77 -10.61
C GLU A 91 8.66 -20.86 -9.62
N ALA A 92 7.94 -20.57 -8.55
CA ALA A 92 8.46 -19.81 -7.46
C ALA A 92 8.90 -20.78 -6.39
N GLU A 93 10.21 -20.95 -6.27
CA GLU A 93 10.83 -21.89 -5.35
C GLU A 93 10.49 -23.33 -5.70
N ARG A 94 11.27 -23.92 -6.58
CA ARG A 94 11.10 -25.32 -6.94
C ARG A 94 11.41 -26.13 -5.68
N ALA A 95 12.39 -25.66 -4.97
CA ALA A 95 12.75 -26.13 -3.68
C ALA A 95 13.27 -24.94 -2.90
N ALA A 96 14.35 -24.39 -3.41
CA ALA A 96 15.06 -23.20 -2.91
C ALA A 96 16.37 -23.18 -3.65
N GLY A 97 17.01 -24.29 -3.56
CA GLY A 97 18.24 -24.57 -4.22
C GLY A 97 18.41 -26.05 -4.22
N MET A 98 19.18 -26.58 -5.12
CA MET A 98 19.38 -28.01 -5.15
C MET A 98 20.85 -28.30 -5.22
N GLY A 99 21.36 -28.84 -4.15
CA GLY A 99 22.74 -29.16 -4.07
C GLY A 99 22.95 -30.14 -2.97
N SER A 100 23.40 -31.31 -3.32
CA SER A 100 23.63 -32.34 -2.35
C SER A 100 24.96 -32.14 -1.64
N TYR A 101 24.90 -31.44 -0.55
CA TYR A 101 26.04 -31.15 0.26
C TYR A 101 26.01 -32.06 1.48
N VAL A 102 27.12 -32.64 1.78
CA VAL A 102 27.23 -33.50 2.94
C VAL A 102 27.56 -32.65 4.14
ZN ZN B . 3.74 -0.95 1.65
N ASP A 36 -6.15 27.92 7.79
CA ASP A 36 -6.92 26.73 8.17
C ASP A 36 -7.26 25.94 6.93
N PRO A 37 -6.91 24.65 6.89
CA PRO A 37 -7.17 23.80 5.73
C PRO A 37 -8.61 23.37 5.68
N ASN A 38 -8.92 22.49 4.75
CA ASN A 38 -10.20 21.92 4.63
C ASN A 38 -10.53 21.13 5.90
N ALA A 39 -9.47 20.62 6.55
CA ALA A 39 -9.52 19.90 7.82
C ALA A 39 -10.43 18.69 7.75
N GLU A 40 -10.56 18.17 6.56
CA GLU A 40 -11.38 17.02 6.30
C GLU A 40 -10.64 15.77 6.77
N PHE A 41 -9.35 15.77 6.51
CA PHE A 41 -8.47 14.70 6.93
C PHE A 41 -8.32 14.72 8.46
N ASP A 42 -8.00 13.59 9.03
CA ASP A 42 -7.80 13.50 10.48
C ASP A 42 -6.44 14.08 10.84
N PRO A 43 -6.35 14.94 11.85
CA PRO A 43 -5.09 15.60 12.22
C PRO A 43 -4.24 14.79 13.20
N ASP A 44 -4.79 13.75 13.78
CA ASP A 44 -4.03 12.93 14.71
C ASP A 44 -3.28 11.89 13.94
N LEU A 45 -3.90 11.45 12.89
CA LEU A 45 -3.29 10.51 11.99
C LEU A 45 -2.49 11.27 10.92
N PRO A 46 -1.35 10.72 10.45
CA PRO A 46 -0.43 11.42 9.52
C PRO A 46 -1.09 12.02 8.28
N GLY A 47 -1.34 11.20 7.29
CA GLY A 47 -1.99 11.68 6.11
C GLY A 47 -3.46 11.49 6.24
N GLY A 48 -4.01 12.07 7.31
CA GLY A 48 -5.39 11.90 7.64
C GLY A 48 -5.69 10.47 7.99
N GLY A 49 -4.63 9.68 8.17
CA GLY A 49 -4.76 8.25 8.37
C GLY A 49 -5.20 7.50 7.10
N LEU A 50 -5.55 8.24 6.07
CA LEU A 50 -6.07 7.66 4.85
C LEU A 50 -4.97 7.23 3.92
N HIS A 51 -3.85 7.91 3.97
CA HIS A 51 -2.74 7.58 3.10
C HIS A 51 -1.94 6.48 3.74
N ARG A 52 -2.38 5.29 3.52
CA ARG A 52 -1.76 4.15 4.08
C ARG A 52 -1.71 3.00 3.12
N CYS A 53 -0.68 2.24 3.26
CA CYS A 53 -0.52 1.01 2.54
C CYS A 53 -1.02 -0.09 3.44
N LEU A 54 -2.05 -0.77 3.03
CA LEU A 54 -2.65 -1.83 3.85
C LEU A 54 -1.70 -2.97 4.08
N ALA A 55 -0.90 -3.26 3.07
CA ALA A 55 0.08 -4.33 3.15
C ALA A 55 1.17 -4.03 4.19
N CYS A 56 1.36 -2.75 4.51
CA CYS A 56 2.36 -2.37 5.49
C CYS A 56 1.76 -1.91 6.80
N ALA A 57 0.48 -1.52 6.77
CA ALA A 57 -0.23 -1.01 7.96
C ALA A 57 0.45 0.25 8.48
N ARG A 58 1.18 0.91 7.61
CA ARG A 58 1.91 2.10 7.97
C ARG A 58 1.18 3.28 7.43
N TYR A 59 1.29 4.37 8.12
CA TYR A 59 0.65 5.56 7.77
C TYR A 59 1.65 6.53 7.21
N PHE A 60 1.28 7.15 6.12
CA PHE A 60 2.13 8.09 5.45
C PHE A 60 1.50 9.45 5.53
N ILE A 61 2.32 10.48 5.52
CA ILE A 61 1.86 11.82 5.64
C ILE A 61 1.11 12.30 4.39
N ASP A 62 1.48 11.81 3.23
CA ASP A 62 0.81 12.22 2.02
C ASP A 62 0.77 11.11 1.00
N SER A 63 0.09 11.35 -0.10
CA SER A 63 -0.07 10.36 -1.12
C SER A 63 1.18 10.24 -1.98
N THR A 64 1.96 11.31 -2.06
CA THR A 64 3.17 11.28 -2.86
C THR A 64 4.17 10.32 -2.21
N ASN A 65 4.31 10.44 -0.89
CA ASN A 65 5.14 9.57 -0.10
C ASN A 65 4.66 8.13 -0.18
N LEU A 66 3.38 7.97 -0.01
CA LEU A 66 2.75 6.66 -0.06
C LEU A 66 2.89 6.03 -1.45
N LYS A 67 2.59 6.78 -2.46
CA LYS A 67 2.74 6.31 -3.85
C LYS A 67 4.21 5.95 -4.16
N THR A 68 5.14 6.75 -3.62
CA THR A 68 6.56 6.46 -3.74
C THR A 68 6.89 5.14 -3.05
N HIS A 69 6.17 4.87 -2.00
CA HIS A 69 6.31 3.64 -1.27
C HIS A 69 5.95 2.39 -2.14
N PHE A 70 5.06 2.52 -3.11
CA PHE A 70 4.76 1.35 -3.94
C PHE A 70 5.58 1.38 -5.19
N ARG A 71 6.37 2.44 -5.34
CA ARG A 71 7.24 2.59 -6.45
C ARG A 71 8.36 1.59 -6.33
N SER A 72 8.54 1.09 -5.11
CA SER A 72 9.43 0.01 -4.85
C SER A 72 8.77 -1.26 -5.45
N LYS A 73 9.21 -1.61 -6.65
CA LYS A 73 8.64 -2.72 -7.42
C LYS A 73 8.72 -4.07 -6.71
N ASP A 74 9.70 -4.24 -5.82
CA ASP A 74 9.84 -5.50 -5.12
C ASP A 74 8.67 -5.73 -4.20
N HIS A 75 8.15 -4.63 -3.69
CA HIS A 75 7.05 -4.64 -2.73
C HIS A 75 5.81 -5.24 -3.29
N LYS A 76 5.37 -4.71 -4.36
CA LYS A 76 4.11 -5.13 -4.94
C LYS A 76 4.22 -6.57 -5.45
N LYS A 77 5.42 -6.94 -5.84
CA LYS A 77 5.74 -8.31 -6.18
C LYS A 77 5.74 -9.17 -4.90
N ARG A 78 6.18 -8.58 -3.80
CA ARG A 78 6.27 -9.25 -2.52
C ARG A 78 4.87 -9.59 -2.06
N LEU A 79 3.92 -8.78 -2.51
CA LEU A 79 2.50 -8.95 -2.23
C LEU A 79 1.94 -10.21 -2.88
N LYS A 80 2.50 -10.56 -4.02
CA LYS A 80 2.15 -11.80 -4.68
C LYS A 80 2.61 -12.95 -3.79
N GLN A 81 3.86 -12.84 -3.37
CA GLN A 81 4.51 -13.81 -2.50
C GLN A 81 3.85 -13.84 -1.10
N LEU A 82 3.31 -12.70 -0.71
CA LEU A 82 2.58 -12.51 0.54
C LEU A 82 1.32 -13.37 0.54
N SER A 83 0.81 -13.65 -0.64
CA SER A 83 -0.38 -14.45 -0.79
C SER A 83 -0.01 -15.94 -0.92
N VAL A 84 1.28 -16.20 -0.85
CA VAL A 84 1.82 -17.54 -0.93
C VAL A 84 2.55 -17.82 0.39
N GLU A 85 2.35 -16.90 1.34
CA GLU A 85 2.98 -16.90 2.66
C GLU A 85 4.45 -16.48 2.50
N PRO A 86 4.79 -15.25 2.90
CA PRO A 86 6.14 -14.73 2.73
C PRO A 86 7.13 -15.41 3.65
N TYR A 87 8.06 -16.13 3.08
CA TYR A 87 9.05 -16.80 3.85
C TYR A 87 10.15 -15.88 4.29
N SER A 88 10.01 -15.45 5.50
CA SER A 88 10.98 -14.66 6.16
C SER A 88 11.29 -15.44 7.42
N GLN A 89 12.56 -15.72 7.63
CA GLN A 89 13.05 -16.61 8.72
C GLN A 89 12.33 -17.96 8.77
N GLU A 90 11.75 -18.36 7.62
CA GLU A 90 10.99 -19.63 7.46
C GLU A 90 9.73 -19.62 8.33
N GLU A 91 9.30 -18.42 8.70
CA GLU A 91 8.21 -18.19 9.63
C GLU A 91 8.56 -18.78 10.98
N ALA A 92 9.30 -18.01 11.70
CA ALA A 92 9.81 -18.41 12.96
C ALA A 92 9.59 -17.32 13.97
N GLU A 93 8.68 -17.57 14.86
CA GLU A 93 8.35 -16.66 15.91
C GLU A 93 8.63 -17.34 17.24
N ARG A 94 8.31 -18.60 17.29
CA ARG A 94 8.46 -19.38 18.46
C ARG A 94 9.66 -20.29 18.33
N ALA A 95 10.76 -19.89 18.89
CA ALA A 95 11.93 -20.73 18.90
C ALA A 95 11.89 -21.58 20.16
N ALA A 96 11.21 -21.03 21.17
CA ALA A 96 10.99 -21.68 22.48
C ALA A 96 12.31 -21.94 23.19
N GLY A 97 13.33 -21.22 22.80
CA GLY A 97 14.63 -21.37 23.38
C GLY A 97 14.75 -20.58 24.64
N MET A 98 14.20 -21.13 25.70
CA MET A 98 14.23 -20.50 26.99
C MET A 98 15.60 -20.70 27.61
N GLY A 99 16.19 -21.84 27.36
CA GLY A 99 17.51 -22.16 27.86
C GLY A 99 17.46 -22.61 29.29
N SER A 100 17.15 -21.71 30.16
CA SER A 100 17.06 -21.98 31.57
C SER A 100 16.00 -21.09 32.20
N TYR A 101 15.17 -21.67 33.02
CA TYR A 101 14.12 -20.96 33.70
C TYR A 101 14.01 -21.43 35.11
N VAL A 102 14.37 -20.57 35.97
CA VAL A 102 14.33 -20.82 37.40
C VAL A 102 13.86 -19.54 38.07
ZN ZN B . 3.70 -1.17 1.65
N ASP A 36 -15.51 23.52 10.66
CA ASP A 36 -14.40 22.60 10.34
C ASP A 36 -14.62 22.09 8.94
N PRO A 37 -13.54 21.85 8.15
CA PRO A 37 -13.64 21.31 6.77
C PRO A 37 -14.38 19.95 6.69
N ASN A 38 -14.34 19.37 5.50
CA ASN A 38 -15.03 18.10 5.19
C ASN A 38 -14.71 16.99 6.20
N ALA A 39 -13.45 16.90 6.60
CA ALA A 39 -12.97 15.93 7.60
C ALA A 39 -13.10 14.49 7.16
N GLU A 40 -12.88 14.27 5.89
CA GLU A 40 -12.84 12.92 5.32
C GLU A 40 -11.62 12.20 5.90
N PHE A 41 -10.67 13.01 6.26
CA PHE A 41 -9.43 12.62 6.84
C PHE A 41 -9.49 12.82 8.34
N ASP A 42 -8.81 11.99 9.10
CA ASP A 42 -8.70 12.24 10.52
C ASP A 42 -7.47 13.09 10.73
N PRO A 43 -7.59 14.21 11.44
CA PRO A 43 -6.50 15.17 11.59
C PRO A 43 -5.27 14.65 12.36
N ASP A 44 -5.45 13.65 13.20
CA ASP A 44 -4.30 13.15 13.96
C ASP A 44 -3.59 12.07 13.18
N LEU A 45 -4.33 11.42 12.34
CA LEU A 45 -3.78 10.37 11.53
C LEU A 45 -3.05 10.94 10.33
N PRO A 46 -1.80 10.51 10.10
CA PRO A 46 -1.01 10.96 8.95
C PRO A 46 -1.71 10.62 7.65
N GLY A 47 -1.92 11.64 6.82
CA GLY A 47 -2.60 11.45 5.56
C GLY A 47 -4.06 11.23 5.76
N GLY A 48 -4.52 11.61 6.95
CA GLY A 48 -5.89 11.46 7.31
C GLY A 48 -6.21 10.03 7.62
N GLY A 49 -5.20 9.18 7.57
CA GLY A 49 -5.40 7.77 7.70
C GLY A 49 -5.99 7.18 6.44
N LEU A 50 -6.08 8.00 5.40
CA LEU A 50 -6.67 7.62 4.15
C LEU A 50 -5.62 7.05 3.24
N HIS A 51 -4.39 7.34 3.54
CA HIS A 51 -3.29 6.90 2.73
C HIS A 51 -2.37 6.06 3.55
N ARG A 52 -2.57 4.79 3.47
CA ARG A 52 -1.79 3.84 4.20
C ARG A 52 -1.47 2.70 3.30
N CYS A 53 -0.38 2.09 3.52
CA CYS A 53 -0.08 0.85 2.87
C CYS A 53 -0.47 -0.22 3.85
N LEU A 54 -1.44 -1.03 3.50
CA LEU A 54 -2.00 -2.02 4.41
C LEU A 54 -1.00 -3.11 4.70
N ALA A 55 -0.20 -3.40 3.72
CA ALA A 55 0.83 -4.42 3.85
C ALA A 55 1.93 -3.97 4.81
N CYS A 56 2.07 -2.67 5.02
CA CYS A 56 3.10 -2.19 5.91
C CYS A 56 2.57 -1.61 7.20
N ALA A 57 1.28 -1.27 7.21
CA ALA A 57 0.59 -0.74 8.40
C ALA A 57 1.13 0.64 8.81
N ARG A 58 1.69 1.37 7.87
CA ARG A 58 2.17 2.72 8.13
C ARG A 58 1.22 3.73 7.58
N TYR A 59 1.18 4.84 8.23
CA TYR A 59 0.37 5.95 7.87
C TYR A 59 1.29 6.99 7.27
N PHE A 60 1.01 7.40 6.08
CA PHE A 60 1.85 8.36 5.41
C PHE A 60 1.05 9.63 5.20
N ILE A 61 1.74 10.75 5.16
CA ILE A 61 1.12 12.06 5.03
C ILE A 61 0.32 12.24 3.75
N ASP A 62 0.77 11.63 2.70
CA ASP A 62 0.09 11.83 1.44
C ASP A 62 0.27 10.61 0.55
N SER A 63 -0.56 10.49 -0.48
CA SER A 63 -0.49 9.37 -1.41
C SER A 63 0.80 9.45 -2.22
N THR A 64 1.36 10.65 -2.34
CA THR A 64 2.63 10.83 -2.99
C THR A 64 3.73 10.11 -2.19
N ASN A 65 3.56 10.07 -0.85
CA ASN A 65 4.46 9.38 0.02
C ASN A 65 4.29 7.88 -0.17
N LEU A 66 3.04 7.45 -0.31
CA LEU A 66 2.73 6.06 -0.60
C LEU A 66 3.33 5.64 -1.87
N LYS A 67 3.06 6.38 -2.89
CA LYS A 67 3.60 6.12 -4.21
C LYS A 67 5.14 6.05 -4.17
N THR A 68 5.76 6.94 -3.40
CA THR A 68 7.19 6.91 -3.18
C THR A 68 7.59 5.60 -2.45
N HIS A 69 6.78 5.22 -1.48
CA HIS A 69 6.93 3.96 -0.76
C HIS A 69 6.76 2.75 -1.68
N PHE A 70 5.84 2.83 -2.61
CA PHE A 70 5.60 1.71 -3.49
C PHE A 70 6.53 1.76 -4.69
N ARG A 71 7.58 2.58 -4.65
CA ARG A 71 8.55 2.55 -5.73
C ARG A 71 9.34 1.27 -5.63
N SER A 72 9.24 0.63 -4.48
CA SER A 72 9.78 -0.65 -4.28
C SER A 72 8.90 -1.65 -5.06
N LYS A 73 9.36 -1.99 -6.23
CA LYS A 73 8.62 -2.80 -7.16
C LYS A 73 8.45 -4.23 -6.66
N ASP A 74 9.46 -4.73 -5.97
CA ASP A 74 9.44 -6.08 -5.36
C ASP A 74 8.29 -6.19 -4.38
N HIS A 75 7.99 -5.07 -3.76
CA HIS A 75 6.91 -4.97 -2.79
C HIS A 75 5.59 -5.11 -3.45
N LYS A 76 5.36 -4.29 -4.44
CA LYS A 76 4.10 -4.32 -5.15
C LYS A 76 3.93 -5.67 -5.82
N LYS A 77 5.04 -6.23 -6.25
CA LYS A 77 5.09 -7.56 -6.78
C LYS A 77 4.58 -8.58 -5.77
N ARG A 78 5.11 -8.50 -4.54
CA ARG A 78 4.75 -9.46 -3.49
C ARG A 78 3.23 -9.39 -3.23
N LEU A 79 2.72 -8.18 -3.26
CA LEU A 79 1.31 -7.92 -3.06
C LEU A 79 0.49 -8.37 -4.25
N LYS A 80 1.05 -8.26 -5.41
CA LYS A 80 0.38 -8.67 -6.62
C LYS A 80 0.34 -10.20 -6.70
N GLN A 81 1.31 -10.84 -6.08
CA GLN A 81 1.30 -12.30 -6.01
C GLN A 81 0.19 -12.74 -5.05
N LEU A 82 -0.08 -11.90 -4.07
CA LEU A 82 -1.12 -12.11 -3.11
C LEU A 82 -2.48 -11.77 -3.72
N SER A 83 -2.50 -10.82 -4.60
CA SER A 83 -3.70 -10.38 -5.26
C SER A 83 -3.39 -10.07 -6.71
N VAL A 84 -3.78 -11.00 -7.60
CA VAL A 84 -3.48 -10.90 -9.04
C VAL A 84 -3.95 -9.56 -9.60
N GLU A 85 -5.24 -9.41 -9.76
CA GLU A 85 -5.80 -8.15 -10.17
C GLU A 85 -6.75 -7.72 -9.08
N PRO A 86 -6.46 -6.63 -8.36
CA PRO A 86 -7.29 -6.14 -7.26
C PRO A 86 -8.27 -5.05 -7.72
N TYR A 87 -8.84 -5.28 -8.88
CA TYR A 87 -9.66 -4.30 -9.58
C TYR A 87 -8.86 -3.19 -10.15
N SER A 88 -8.63 -3.29 -11.41
CA SER A 88 -7.93 -2.34 -12.12
C SER A 88 -8.97 -1.51 -12.81
N GLN A 89 -8.61 -0.36 -13.23
CA GLN A 89 -9.55 0.48 -13.90
C GLN A 89 -9.70 0.08 -15.36
N GLU A 90 -10.34 -1.04 -15.52
CA GLU A 90 -10.69 -1.64 -16.77
C GLU A 90 -11.97 -2.37 -16.53
N GLU A 91 -11.99 -3.10 -15.42
CA GLU A 91 -13.23 -3.66 -14.92
C GLU A 91 -14.12 -2.48 -14.58
N ALA A 92 -13.73 -1.80 -13.47
CA ALA A 92 -14.32 -0.53 -13.02
C ALA A 92 -15.85 -0.51 -13.04
N GLU A 93 -16.40 0.68 -12.94
CA GLU A 93 -17.81 0.88 -13.06
C GLU A 93 -18.10 1.35 -14.49
N ARG A 94 -17.05 1.88 -15.14
CA ARG A 94 -17.08 2.31 -16.55
C ARG A 94 -17.99 3.51 -16.79
N ALA A 95 -18.26 4.22 -15.72
CA ALA A 95 -19.05 5.41 -15.76
C ALA A 95 -18.63 6.29 -14.60
N ALA A 96 -17.59 7.06 -14.82
CA ALA A 96 -17.07 7.95 -13.80
C ALA A 96 -16.76 9.33 -14.37
N GLY A 97 -16.88 9.47 -15.67
CA GLY A 97 -16.59 10.72 -16.31
C GLY A 97 -17.33 10.87 -17.60
N MET A 98 -18.57 10.43 -17.61
CA MET A 98 -19.40 10.51 -18.79
C MET A 98 -20.52 11.50 -18.52
N GLY A 99 -20.64 12.49 -19.37
CA GLY A 99 -21.67 13.49 -19.19
C GLY A 99 -22.06 14.12 -20.51
N SER A 100 -22.33 13.31 -21.48
CA SER A 100 -22.71 13.80 -22.79
C SER A 100 -24.22 13.86 -22.92
N TYR A 101 -24.72 15.04 -23.31
CA TYR A 101 -26.15 15.31 -23.53
C TYR A 101 -26.99 15.24 -22.24
N VAL A 102 -27.89 16.19 -22.08
CA VAL A 102 -28.76 16.21 -20.95
C VAL A 102 -30.07 15.47 -21.27
ZN ZN B . 4.21 -1.17 1.88
N ASP A 36 1.47 23.72 5.11
CA ASP A 36 0.13 23.17 5.31
C ASP A 36 -1.00 23.74 4.41
N PRO A 37 -0.84 24.89 3.65
CA PRO A 37 -1.90 25.34 2.73
C PRO A 37 -2.27 24.23 1.76
N ASN A 38 -3.57 24.01 1.61
CA ASN A 38 -4.17 22.99 0.75
C ASN A 38 -3.96 21.55 1.30
N ALA A 39 -2.85 21.32 1.96
CA ALA A 39 -2.53 20.04 2.53
C ALA A 39 -2.66 20.11 4.01
N GLU A 40 -3.87 20.04 4.46
CA GLU A 40 -4.18 20.12 5.84
C GLU A 40 -3.79 18.85 6.58
N PHE A 41 -4.60 17.78 6.41
CA PHE A 41 -4.40 16.47 7.06
C PHE A 41 -4.28 16.67 8.59
N ASP A 42 -3.72 15.71 9.28
CA ASP A 42 -3.49 15.86 10.70
C ASP A 42 -1.99 15.97 10.91
N PRO A 43 -1.51 16.95 11.67
CA PRO A 43 -0.08 17.10 11.91
C PRO A 43 0.47 16.26 13.08
N ASP A 44 -0.34 15.48 13.71
CA ASP A 44 0.13 14.61 14.77
C ASP A 44 0.16 13.19 14.28
N LEU A 45 -0.77 12.88 13.41
CA LEU A 45 -0.86 11.56 12.80
C LEU A 45 -0.41 11.66 11.37
N PRO A 46 0.43 10.75 10.90
CA PRO A 46 0.93 10.77 9.53
C PRO A 46 -0.20 10.73 8.51
N GLY A 47 -0.49 11.89 7.92
CA GLY A 47 -1.54 12.00 6.92
C GLY A 47 -2.89 11.79 7.51
N GLY A 48 -2.99 11.96 8.83
CA GLY A 48 -4.23 11.71 9.54
C GLY A 48 -4.55 10.24 9.54
N GLY A 49 -3.56 9.44 9.15
CA GLY A 49 -3.75 8.02 9.02
C GLY A 49 -4.61 7.66 7.82
N LEU A 50 -4.88 8.67 6.98
CA LEU A 50 -5.75 8.51 5.84
C LEU A 50 -5.01 7.97 4.63
N HIS A 51 -3.71 8.03 4.67
CA HIS A 51 -2.88 7.58 3.57
C HIS A 51 -1.99 6.52 4.11
N ARG A 52 -2.31 5.30 3.85
CA ARG A 52 -1.51 4.22 4.33
C ARG A 52 -1.47 3.08 3.36
N CYS A 53 -0.44 2.32 3.47
CA CYS A 53 -0.29 1.11 2.70
C CYS A 53 -0.80 -0.03 3.54
N LEU A 54 -1.81 -0.72 3.08
CA LEU A 54 -2.42 -1.81 3.83
C LEU A 54 -1.41 -2.92 4.06
N ALA A 55 -0.59 -3.16 3.06
CA ALA A 55 0.44 -4.19 3.12
C ALA A 55 1.53 -3.86 4.14
N CYS A 56 1.62 -2.60 4.55
CA CYS A 56 2.63 -2.21 5.51
C CYS A 56 2.05 -1.71 6.82
N ALA A 57 0.75 -1.41 6.81
CA ALA A 57 0.00 -0.92 7.97
C ALA A 57 0.55 0.41 8.50
N ARG A 58 1.38 1.06 7.72
CA ARG A 58 2.02 2.30 8.12
C ARG A 58 1.37 3.46 7.43
N TYR A 59 1.41 4.60 8.06
CA TYR A 59 0.76 5.77 7.60
C TYR A 59 1.78 6.71 6.99
N PHE A 60 1.35 7.49 6.03
CA PHE A 60 2.20 8.46 5.37
C PHE A 60 1.49 9.80 5.38
N ILE A 61 2.25 10.88 5.48
CA ILE A 61 1.69 12.22 5.58
C ILE A 61 0.86 12.63 4.36
N ASP A 62 1.29 12.24 3.18
CA ASP A 62 0.56 12.60 1.98
C ASP A 62 0.55 11.44 1.03
N SER A 63 -0.45 11.37 0.16
CA SER A 63 -0.60 10.27 -0.76
C SER A 63 0.60 10.16 -1.69
N THR A 64 1.27 11.28 -1.97
CA THR A 64 2.45 11.29 -2.82
C THR A 64 3.56 10.43 -2.18
N ASN A 65 3.69 10.52 -0.87
CA ASN A 65 4.66 9.80 -0.12
C ASN A 65 4.32 8.33 -0.08
N LEU A 66 3.04 8.06 0.05
CA LEU A 66 2.54 6.71 0.04
C LEU A 66 2.73 6.08 -1.35
N LYS A 67 2.34 6.80 -2.35
CA LYS A 67 2.51 6.43 -3.75
C LYS A 67 3.99 6.14 -4.09
N THR A 68 4.89 6.99 -3.59
CA THR A 68 6.33 6.80 -3.80
C THR A 68 6.80 5.49 -3.13
N HIS A 69 6.11 5.11 -2.06
CA HIS A 69 6.38 3.89 -1.33
C HIS A 69 6.19 2.65 -2.20
N PHE A 70 5.29 2.68 -3.17
CA PHE A 70 5.10 1.48 -3.98
C PHE A 70 6.02 1.49 -5.18
N ARG A 71 6.98 2.39 -5.20
CA ARG A 71 7.95 2.41 -6.28
C ARG A 71 9.08 1.42 -5.99
N SER A 72 8.84 0.62 -4.99
CA SER A 72 9.68 -0.48 -4.64
C SER A 72 9.06 -1.74 -5.27
N LYS A 73 9.73 -2.26 -6.29
CA LYS A 73 9.23 -3.39 -7.07
C LYS A 73 9.01 -4.65 -6.26
N ASP A 74 9.94 -4.95 -5.37
CA ASP A 74 9.93 -6.19 -4.57
C ASP A 74 8.64 -6.32 -3.76
N HIS A 75 8.13 -5.19 -3.37
CA HIS A 75 6.92 -5.10 -2.57
C HIS A 75 5.76 -5.57 -3.35
N LYS A 76 5.56 -4.95 -4.46
CA LYS A 76 4.44 -5.22 -5.29
C LYS A 76 4.57 -6.62 -5.86
N LYS A 77 5.82 -7.05 -6.01
CA LYS A 77 6.16 -8.40 -6.37
C LYS A 77 5.62 -9.39 -5.32
N ARG A 78 5.81 -9.08 -4.02
CA ARG A 78 5.36 -9.94 -2.95
C ARG A 78 3.85 -10.09 -3.04
N LEU A 79 3.21 -9.03 -3.48
CA LEU A 79 1.80 -8.98 -3.65
C LEU A 79 1.36 -9.79 -4.86
N LYS A 80 2.18 -9.79 -5.88
CA LYS A 80 1.92 -10.58 -7.08
C LYS A 80 1.96 -12.08 -6.73
N GLN A 81 2.93 -12.45 -5.92
CA GLN A 81 3.09 -13.83 -5.49
C GLN A 81 2.03 -14.20 -4.44
N LEU A 82 1.48 -13.18 -3.80
CA LEU A 82 0.42 -13.32 -2.81
C LEU A 82 -0.89 -13.85 -3.43
N SER A 83 -0.99 -13.73 -4.75
CA SER A 83 -2.16 -14.18 -5.53
C SER A 83 -2.52 -15.66 -5.25
N VAL A 84 -3.76 -16.03 -5.55
CA VAL A 84 -4.26 -17.38 -5.32
C VAL A 84 -3.56 -18.38 -6.25
N GLU A 85 -3.29 -17.93 -7.47
CA GLU A 85 -2.64 -18.73 -8.50
C GLU A 85 -1.33 -19.33 -7.99
N PRO A 86 -1.14 -20.63 -8.19
CA PRO A 86 0.06 -21.33 -7.74
C PRO A 86 1.28 -20.98 -8.58
N TYR A 87 2.44 -21.03 -7.98
CA TYR A 87 3.68 -20.80 -8.67
C TYR A 87 4.61 -21.93 -8.35
N SER A 88 5.08 -22.61 -9.35
CA SER A 88 5.93 -23.72 -9.17
C SER A 88 6.95 -23.72 -10.29
N GLN A 89 8.06 -24.35 -10.04
CA GLN A 89 9.13 -24.45 -11.00
C GLN A 89 8.75 -25.45 -12.05
N GLU A 90 8.34 -24.94 -13.18
CA GLU A 90 7.83 -25.70 -14.30
C GLU A 90 7.58 -24.73 -15.41
N GLU A 91 6.73 -23.79 -15.13
CA GLU A 91 6.46 -22.70 -16.04
C GLU A 91 7.34 -21.54 -15.68
N ALA A 92 7.50 -21.34 -14.39
CA ALA A 92 8.39 -20.35 -13.87
C ALA A 92 9.65 -21.05 -13.41
N GLU A 93 10.79 -20.41 -13.59
CA GLU A 93 12.10 -20.95 -13.17
C GLU A 93 12.48 -22.22 -13.90
N ARG A 94 11.95 -22.39 -15.09
CA ARG A 94 12.25 -23.54 -15.89
C ARG A 94 13.64 -23.33 -16.49
N ALA A 95 14.61 -23.90 -15.86
CA ALA A 95 15.97 -23.78 -16.26
C ALA A 95 16.79 -24.89 -15.65
N ALA A 96 16.84 -25.99 -16.36
CA ALA A 96 17.61 -27.13 -15.93
C ALA A 96 19.09 -26.91 -16.24
N GLY A 97 19.34 -26.02 -17.18
CA GLY A 97 20.69 -25.73 -17.58
C GLY A 97 20.96 -26.30 -18.93
N MET A 98 22.18 -26.18 -19.38
CA MET A 98 22.60 -26.72 -20.66
C MET A 98 24.09 -27.00 -20.60
N GLY A 99 24.42 -28.22 -20.26
CA GLY A 99 25.81 -28.58 -20.12
C GLY A 99 26.24 -29.68 -21.05
N SER A 100 25.30 -30.50 -21.49
CA SER A 100 25.63 -31.61 -22.38
C SER A 100 25.91 -31.14 -23.81
N TYR A 101 27.11 -30.68 -24.03
CA TYR A 101 27.55 -30.21 -25.30
C TYR A 101 29.03 -30.03 -25.26
N VAL A 102 29.68 -30.96 -25.80
CA VAL A 102 31.10 -31.01 -25.87
C VAL A 102 31.56 -31.81 -27.09
ZN ZN B . 3.85 -1.14 1.60
N ASP A 36 -19.30 18.89 10.93
CA ASP A 36 -18.03 18.29 11.35
C ASP A 36 -18.00 16.88 10.91
N PRO A 37 -16.85 16.40 10.44
CA PRO A 37 -16.72 15.01 10.02
C PRO A 37 -16.59 14.10 11.22
N ASN A 38 -16.48 12.82 10.96
CA ASN A 38 -16.28 11.84 12.03
C ASN A 38 -14.91 12.06 12.66
N ALA A 39 -14.02 12.64 11.85
CA ALA A 39 -12.67 12.99 12.23
C ALA A 39 -11.82 11.77 12.36
N GLU A 40 -11.72 11.06 11.24
CA GLU A 40 -10.94 9.86 11.13
C GLU A 40 -9.48 10.20 11.35
N PHE A 41 -9.12 11.37 10.87
CA PHE A 41 -7.78 11.88 10.91
C PHE A 41 -7.38 12.31 12.32
N ASP A 42 -6.10 12.18 12.58
CA ASP A 42 -5.52 12.56 13.85
C ASP A 42 -4.19 13.25 13.57
N PRO A 43 -3.92 14.40 14.19
CA PRO A 43 -2.69 15.19 13.94
C PRO A 43 -1.39 14.47 14.38
N ASP A 44 -1.49 13.45 15.20
CA ASP A 44 -0.30 12.73 15.63
C ASP A 44 0.04 11.66 14.63
N LEU A 45 -0.98 11.18 13.96
CA LEU A 45 -0.82 10.15 12.95
C LEU A 45 -0.25 10.75 11.67
N PRO A 46 0.64 10.03 10.98
CA PRO A 46 1.25 10.51 9.73
C PRO A 46 0.19 10.69 8.65
N GLY A 47 0.05 11.92 8.18
CA GLY A 47 -0.92 12.21 7.14
C GLY A 47 -2.33 12.01 7.64
N GLY A 48 -2.52 12.27 8.93
CA GLY A 48 -3.79 12.08 9.57
C GLY A 48 -4.17 10.62 9.71
N GLY A 49 -3.28 9.75 9.26
CA GLY A 49 -3.55 8.33 9.27
C GLY A 49 -4.41 7.94 8.08
N LEU A 50 -4.64 8.89 7.18
CA LEU A 50 -5.51 8.67 6.05
C LEU A 50 -4.76 8.02 4.90
N HIS A 51 -3.49 8.24 4.85
CA HIS A 51 -2.69 7.76 3.75
C HIS A 51 -1.95 6.56 4.21
N ARG A 52 -2.49 5.42 3.95
CA ARG A 52 -1.85 4.22 4.36
C ARG A 52 -1.88 3.13 3.32
N CYS A 53 -0.84 2.36 3.34
CA CYS A 53 -0.72 1.18 2.51
C CYS A 53 -1.16 0.01 3.34
N LEU A 54 -2.22 -0.65 2.92
CA LEU A 54 -2.80 -1.77 3.69
C LEU A 54 -1.81 -2.91 3.84
N ALA A 55 -0.99 -3.11 2.83
CA ALA A 55 0.02 -4.15 2.86
C ALA A 55 1.12 -3.85 3.87
N CYS A 56 1.23 -2.61 4.31
CA CYS A 56 2.24 -2.25 5.26
C CYS A 56 1.68 -1.80 6.60
N ALA A 57 0.39 -1.41 6.60
CA ALA A 57 -0.31 -0.90 7.80
C ALA A 57 0.37 0.37 8.31
N ARG A 58 1.12 0.98 7.42
CA ARG A 58 1.90 2.14 7.73
C ARG A 58 1.24 3.33 7.16
N TYR A 59 1.32 4.39 7.88
CA TYR A 59 0.69 5.59 7.55
C TYR A 59 1.75 6.55 7.04
N PHE A 60 1.43 7.31 6.05
CA PHE A 60 2.36 8.21 5.42
C PHE A 60 1.89 9.63 5.55
N ILE A 61 2.85 10.54 5.66
CA ILE A 61 2.61 11.95 5.87
C ILE A 61 1.78 12.58 4.75
N ASP A 62 1.95 12.08 3.56
CA ASP A 62 1.26 12.61 2.42
C ASP A 62 1.05 11.51 1.40
N SER A 63 0.03 11.66 0.57
CA SER A 63 -0.32 10.70 -0.46
C SER A 63 0.85 10.49 -1.43
N THR A 64 1.65 11.53 -1.65
CA THR A 64 2.76 11.43 -2.56
C THR A 64 3.78 10.42 -2.03
N ASN A 65 4.01 10.42 -0.72
CA ASN A 65 4.92 9.46 -0.11
C ASN A 65 4.38 8.07 -0.21
N LEU A 66 3.09 7.95 -0.03
CA LEU A 66 2.41 6.69 -0.11
C LEU A 66 2.47 6.12 -1.53
N LYS A 67 2.10 6.90 -2.49
CA LYS A 67 2.13 6.46 -3.90
C LYS A 67 3.57 6.14 -4.37
N THR A 68 4.54 6.90 -3.86
CA THR A 68 5.94 6.66 -4.17
C THR A 68 6.39 5.35 -3.51
N HIS A 69 5.77 5.04 -2.40
CA HIS A 69 6.01 3.83 -1.65
C HIS A 69 5.74 2.55 -2.48
N PHE A 70 4.83 2.61 -3.45
CA PHE A 70 4.55 1.39 -4.22
C PHE A 70 5.47 1.31 -5.44
N ARG A 71 6.36 2.28 -5.59
CA ARG A 71 7.30 2.25 -6.72
C ARG A 71 8.39 1.21 -6.49
N SER A 72 8.43 0.70 -5.28
CA SER A 72 9.35 -0.33 -4.90
C SER A 72 8.89 -1.65 -5.54
N LYS A 73 9.70 -2.19 -6.45
CA LYS A 73 9.35 -3.43 -7.13
C LYS A 73 9.22 -4.60 -6.17
N ASP A 74 10.08 -4.62 -5.15
CA ASP A 74 10.09 -5.68 -4.11
C ASP A 74 8.74 -5.85 -3.48
N HIS A 75 8.09 -4.75 -3.27
CA HIS A 75 6.80 -4.72 -2.60
C HIS A 75 5.77 -5.42 -3.37
N LYS A 76 5.63 -5.01 -4.56
CA LYS A 76 4.61 -5.50 -5.39
C LYS A 76 4.94 -6.93 -5.84
N LYS A 77 6.22 -7.22 -5.87
CA LYS A 77 6.72 -8.57 -6.04
C LYS A 77 6.33 -9.41 -4.79
N ARG A 78 6.46 -8.78 -3.61
CA ARG A 78 6.17 -9.43 -2.33
C ARG A 78 4.69 -9.76 -2.28
N LEU A 79 3.92 -8.98 -3.00
CA LEU A 79 2.50 -9.13 -3.07
C LEU A 79 2.18 -10.39 -3.89
N LYS A 80 2.98 -10.60 -4.93
CA LYS A 80 2.86 -11.77 -5.80
C LYS A 80 3.27 -13.02 -5.04
N GLN A 81 4.13 -12.83 -4.07
CA GLN A 81 4.60 -13.86 -3.24
C GLN A 81 3.56 -14.21 -2.17
N LEU A 82 2.88 -13.20 -1.68
CA LEU A 82 1.85 -13.39 -0.66
C LEU A 82 0.57 -13.93 -1.27
N SER A 83 0.37 -13.65 -2.52
CA SER A 83 -0.82 -14.05 -3.22
C SER A 83 -0.39 -14.90 -4.41
N VAL A 84 -1.24 -15.04 -5.39
CA VAL A 84 -0.88 -15.73 -6.60
C VAL A 84 -0.78 -14.71 -7.70
N GLU A 85 -1.86 -14.02 -7.94
CA GLU A 85 -1.92 -12.95 -8.89
C GLU A 85 -2.54 -11.73 -8.24
N PRO A 86 -1.73 -10.79 -7.76
CA PRO A 86 -2.22 -9.58 -7.10
C PRO A 86 -2.43 -8.44 -8.09
N TYR A 87 -2.67 -8.81 -9.29
CA TYR A 87 -2.88 -7.86 -10.35
C TYR A 87 -4.36 -7.53 -10.35
N SER A 88 -4.66 -6.31 -10.18
CA SER A 88 -6.00 -5.88 -10.08
C SER A 88 -6.36 -5.13 -11.33
N GLN A 89 -7.52 -4.59 -11.37
CA GLN A 89 -7.99 -3.90 -12.54
C GLN A 89 -7.71 -2.40 -12.39
N GLU A 90 -6.90 -2.09 -11.42
CA GLU A 90 -6.47 -0.74 -11.16
C GLU A 90 -5.37 -0.37 -12.14
N GLU A 91 -4.76 -1.40 -12.70
CA GLU A 91 -3.67 -1.27 -13.63
C GLU A 91 -4.11 -1.95 -14.96
N ALA A 92 -5.41 -2.00 -15.17
CA ALA A 92 -6.00 -2.60 -16.36
C ALA A 92 -7.34 -1.93 -16.65
N GLU A 93 -7.99 -2.37 -17.71
CA GLU A 93 -9.26 -1.82 -18.13
C GLU A 93 -10.27 -2.91 -18.44
N ARG A 94 -9.85 -3.82 -19.31
CA ARG A 94 -10.71 -4.83 -19.90
C ARG A 94 -11.80 -4.18 -20.73
N ALA A 95 -11.36 -3.66 -21.86
CA ALA A 95 -12.20 -2.95 -22.82
C ALA A 95 -11.34 -2.62 -24.01
N ALA A 96 -10.25 -1.91 -23.73
CA ALA A 96 -9.24 -1.53 -24.70
C ALA A 96 -9.80 -0.72 -25.86
N GLY A 97 -9.94 0.57 -25.63
CA GLY A 97 -10.40 1.47 -26.65
C GLY A 97 -11.89 1.42 -26.89
N MET A 98 -12.34 0.38 -27.60
CA MET A 98 -13.75 0.19 -28.03
C MET A 98 -14.16 1.20 -29.08
N GLY A 99 -15.15 0.85 -29.86
CA GLY A 99 -15.62 1.72 -30.91
C GLY A 99 -16.93 2.36 -30.54
N SER A 100 -16.95 2.99 -29.40
CA SER A 100 -18.14 3.65 -28.93
C SER A 100 -18.28 5.02 -29.57
N TYR A 101 -19.18 5.11 -30.54
CA TYR A 101 -19.47 6.31 -31.30
C TYR A 101 -18.31 6.71 -32.27
N VAL A 102 -18.70 7.24 -33.44
CA VAL A 102 -17.81 7.69 -34.53
C VAL A 102 -16.77 6.64 -34.98
ZN ZN B . 3.38 -1.03 1.33
N ASP A 36 -2.41 23.39 6.71
CA ASP A 36 -2.13 22.57 5.55
C ASP A 36 -3.34 22.64 4.64
N PRO A 37 -3.17 22.85 3.32
CA PRO A 37 -4.29 23.03 2.40
C PRO A 37 -5.18 21.80 2.31
N ASN A 38 -6.46 22.01 2.63
CA ASN A 38 -7.54 21.02 2.63
C ASN A 38 -7.38 19.93 3.73
N ALA A 39 -6.18 19.46 3.89
CA ALA A 39 -5.90 18.35 4.73
C ALA A 39 -5.54 18.77 6.13
N GLU A 40 -6.54 19.10 6.86
CA GLU A 40 -6.40 19.38 8.25
C GLU A 40 -6.27 18.04 8.98
N PHE A 41 -7.41 17.34 9.10
CA PHE A 41 -7.52 16.01 9.73
C PHE A 41 -6.91 15.96 11.14
N ASP A 42 -6.73 14.75 11.65
CA ASP A 42 -6.08 14.54 12.93
C ASP A 42 -4.61 14.94 12.81
N PRO A 43 -4.12 15.79 13.72
CA PRO A 43 -2.76 16.30 13.67
C PRO A 43 -1.67 15.28 14.00
N ASP A 44 -2.04 14.13 14.50
CA ASP A 44 -1.04 13.14 14.82
C ASP A 44 -1.02 12.06 13.78
N LEU A 45 -2.13 11.91 13.11
CA LEU A 45 -2.24 10.90 12.10
C LEU A 45 -1.63 11.37 10.81
N PRO A 46 -0.69 10.60 10.25
CA PRO A 46 -0.02 10.95 9.00
C PRO A 46 -1.00 10.92 7.84
N GLY A 47 -1.18 12.07 7.22
CA GLY A 47 -2.09 12.19 6.12
C GLY A 47 -3.52 11.95 6.57
N GLY A 48 -3.77 12.23 7.84
CA GLY A 48 -5.09 12.05 8.41
C GLY A 48 -5.46 10.59 8.57
N GLY A 49 -4.46 9.71 8.41
CA GLY A 49 -4.70 8.30 8.52
C GLY A 49 -5.37 7.72 7.27
N LEU A 50 -5.41 8.54 6.22
CA LEU A 50 -6.04 8.15 4.99
C LEU A 50 -5.05 7.50 4.06
N HIS A 51 -3.84 7.96 4.12
CA HIS A 51 -2.82 7.51 3.21
C HIS A 51 -2.03 6.44 3.86
N ARG A 52 -2.44 5.24 3.66
CA ARG A 52 -1.80 4.12 4.23
C ARG A 52 -1.81 2.93 3.32
N CYS A 53 -0.76 2.20 3.39
CA CYS A 53 -0.63 0.95 2.68
C CYS A 53 -1.03 -0.14 3.66
N LEU A 54 -2.09 -0.85 3.36
CA LEU A 54 -2.63 -1.86 4.26
C LEU A 54 -1.65 -2.99 4.49
N ALA A 55 -0.96 -3.38 3.45
CA ALA A 55 0.02 -4.45 3.51
C ALA A 55 1.21 -4.07 4.42
N CYS A 56 1.37 -2.79 4.69
CA CYS A 56 2.43 -2.37 5.59
C CYS A 56 1.93 -1.82 6.90
N ALA A 57 0.61 -1.54 6.96
CA ALA A 57 -0.05 -0.98 8.17
C ALA A 57 0.57 0.37 8.55
N ARG A 58 1.23 0.97 7.61
CA ARG A 58 1.93 2.21 7.84
C ARG A 58 1.21 3.33 7.23
N TYR A 59 1.31 4.44 7.88
CA TYR A 59 0.66 5.62 7.52
C TYR A 59 1.67 6.58 6.92
N PHE A 60 1.26 7.32 5.94
CA PHE A 60 2.13 8.24 5.26
C PHE A 60 1.50 9.61 5.26
N ILE A 61 2.32 10.63 5.39
CA ILE A 61 1.84 11.98 5.51
C ILE A 61 1.22 12.53 4.23
N ASP A 62 1.58 11.94 3.12
CA ASP A 62 1.08 12.40 1.83
C ASP A 62 0.97 11.22 0.88
N SER A 63 0.08 11.33 -0.08
CA SER A 63 -0.18 10.28 -1.04
C SER A 63 1.07 10.01 -1.89
N THR A 64 1.89 11.03 -2.11
CA THR A 64 3.10 10.86 -2.88
C THR A 64 4.05 9.92 -2.13
N ASN A 65 4.11 10.06 -0.81
CA ASN A 65 4.92 9.22 0.03
C ASN A 65 4.42 7.81 0.00
N LEU A 66 3.13 7.67 0.05
CA LEU A 66 2.48 6.40 0.00
C LEU A 66 2.68 5.72 -1.36
N LYS A 67 2.43 6.44 -2.40
CA LYS A 67 2.64 5.89 -3.75
C LYS A 67 4.11 5.65 -4.10
N THR A 68 5.02 6.53 -3.63
CA THR A 68 6.45 6.30 -3.82
C THR A 68 6.86 5.03 -3.10
N HIS A 69 6.15 4.78 -2.02
CA HIS A 69 6.30 3.58 -1.25
C HIS A 69 5.98 2.31 -2.10
N PHE A 70 5.11 2.43 -3.09
CA PHE A 70 4.83 1.27 -3.93
C PHE A 70 5.73 1.28 -5.15
N ARG A 71 6.46 2.37 -5.34
CA ARG A 71 7.37 2.47 -6.47
C ARG A 71 8.54 1.53 -6.32
N SER A 72 8.68 0.98 -5.14
CA SER A 72 9.59 -0.07 -4.88
C SER A 72 8.98 -1.35 -5.49
N LYS A 73 9.54 -1.77 -6.62
CA LYS A 73 9.04 -2.89 -7.41
C LYS A 73 8.92 -4.16 -6.56
N ASP A 74 9.90 -4.37 -5.70
CA ASP A 74 9.96 -5.52 -4.79
C ASP A 74 8.72 -5.64 -3.95
N HIS A 75 8.16 -4.51 -3.61
CA HIS A 75 6.97 -4.48 -2.77
C HIS A 75 5.79 -5.00 -3.47
N LYS A 76 5.58 -4.54 -4.62
CA LYS A 76 4.41 -4.90 -5.32
C LYS A 76 4.52 -6.33 -5.83
N LYS A 77 5.74 -6.72 -6.08
CA LYS A 77 6.11 -8.11 -6.28
C LYS A 77 5.71 -8.91 -5.02
N ARG A 78 6.11 -8.38 -3.85
CA ARG A 78 5.84 -8.97 -2.54
C ARG A 78 4.33 -9.10 -2.35
N LEU A 79 3.59 -8.15 -2.89
CA LEU A 79 2.15 -8.09 -2.77
C LEU A 79 1.50 -9.27 -3.45
N LYS A 80 2.07 -9.69 -4.55
CA LYS A 80 1.56 -10.81 -5.32
C LYS A 80 1.62 -12.09 -4.48
N GLN A 81 2.71 -12.29 -3.76
CA GLN A 81 2.85 -13.46 -2.92
C GLN A 81 2.06 -13.30 -1.62
N LEU A 82 1.87 -12.05 -1.17
CA LEU A 82 1.10 -11.75 0.00
C LEU A 82 -0.39 -11.98 -0.26
N SER A 83 -0.75 -12.00 -1.53
CA SER A 83 -2.13 -12.27 -1.90
C SER A 83 -2.46 -13.73 -1.59
N VAL A 84 -1.46 -14.59 -1.74
CA VAL A 84 -1.60 -15.98 -1.41
C VAL A 84 -1.39 -16.12 0.10
N GLU A 85 -0.32 -15.47 0.55
CA GLU A 85 0.09 -15.42 1.95
C GLU A 85 0.39 -16.81 2.51
N PRO A 86 1.60 -17.31 2.27
CA PRO A 86 2.06 -18.60 2.74
C PRO A 86 2.92 -18.40 4.00
N TYR A 87 2.40 -17.57 4.90
CA TYR A 87 3.12 -17.11 6.09
C TYR A 87 4.15 -16.09 5.75
N SER A 88 3.99 -14.95 6.31
CA SER A 88 4.86 -13.88 6.06
C SER A 88 5.46 -13.45 7.37
N GLN A 89 6.76 -13.55 7.49
CA GLN A 89 7.42 -13.19 8.74
C GLN A 89 7.58 -11.66 8.82
N GLU A 90 7.11 -11.03 7.79
CA GLU A 90 7.06 -9.58 7.66
C GLU A 90 5.73 -9.08 8.23
N GLU A 91 4.84 -10.03 8.48
CA GLU A 91 3.56 -9.78 9.12
C GLU A 91 3.79 -9.99 10.62
N ALA A 92 4.61 -10.99 10.89
CA ALA A 92 5.02 -11.36 12.22
C ALA A 92 6.03 -10.34 12.78
N GLU A 93 6.85 -10.82 13.71
CA GLU A 93 7.89 -10.06 14.42
C GLU A 93 7.35 -9.34 15.61
N ARG A 94 7.43 -10.01 16.74
CA ARG A 94 7.06 -9.41 18.02
C ARG A 94 7.89 -8.15 18.24
N ALA A 95 7.22 -7.04 18.35
CA ALA A 95 7.89 -5.78 18.48
C ALA A 95 8.09 -5.41 19.93
N ALA A 96 6.98 -5.14 20.63
CA ALA A 96 6.99 -4.70 22.01
C ALA A 96 7.64 -3.34 22.10
N GLY A 97 6.84 -2.33 21.98
CA GLY A 97 7.33 -0.98 21.97
C GLY A 97 7.02 -0.30 20.66
N MET A 98 5.96 -0.74 20.01
CA MET A 98 5.51 -0.17 18.74
C MET A 98 5.00 1.25 19.02
N GLY A 99 5.03 2.13 18.01
CA GLY A 99 4.65 3.51 18.20
C GLY A 99 3.16 3.70 18.44
N SER A 100 2.55 4.57 17.66
CA SER A 100 1.14 4.96 17.83
C SER A 100 0.82 5.33 19.29
N TYR A 101 1.74 6.09 19.88
CA TYR A 101 1.68 6.49 21.27
C TYR A 101 0.43 7.30 21.57
N VAL A 102 -0.26 6.91 22.59
CA VAL A 102 -1.42 7.61 23.06
C VAL A 102 -1.09 8.34 24.36
ZN ZN B . 3.55 -1.18 1.57
N ASP A 36 -3.88 26.06 14.12
CA ASP A 36 -3.74 24.70 13.60
C ASP A 36 -4.74 24.49 12.50
N PRO A 37 -4.49 23.54 11.57
CA PRO A 37 -5.45 23.21 10.51
C PRO A 37 -6.83 22.81 11.07
N ASN A 38 -7.83 22.84 10.21
CA ASN A 38 -9.18 22.50 10.53
C ASN A 38 -9.31 21.03 10.93
N ALA A 39 -8.35 20.25 10.44
CA ALA A 39 -8.22 18.83 10.73
C ALA A 39 -9.44 18.02 10.31
N GLU A 40 -9.58 17.80 9.02
CA GLU A 40 -10.59 16.90 8.53
C GLU A 40 -10.00 15.50 8.65
N PHE A 41 -8.70 15.49 8.70
CA PHE A 41 -7.91 14.32 8.91
C PHE A 41 -7.65 14.21 10.41
N ASP A 42 -7.29 13.03 10.87
CA ASP A 42 -6.96 12.86 12.28
C ASP A 42 -5.50 13.26 12.48
N PRO A 43 -5.20 14.18 13.40
CA PRO A 43 -3.83 14.63 13.63
C PRO A 43 -2.98 13.70 14.52
N ASP A 44 -3.59 12.68 15.08
CA ASP A 44 -2.83 11.75 15.91
C ASP A 44 -2.36 10.61 15.06
N LEU A 45 -3.16 10.27 14.08
CA LEU A 45 -2.82 9.24 13.14
C LEU A 45 -2.11 9.87 11.97
N PRO A 46 -0.87 9.45 11.68
CA PRO A 46 -0.07 10.03 10.60
C PRO A 46 -0.75 9.97 9.25
N GLY A 47 -0.88 11.14 8.63
CA GLY A 47 -1.53 11.24 7.35
C GLY A 47 -3.02 11.09 7.48
N GLY A 48 -3.51 11.35 8.69
CA GLY A 48 -4.91 11.28 9.01
C GLY A 48 -5.43 9.87 9.03
N GLY A 49 -4.53 8.91 8.88
CA GLY A 49 -4.93 7.53 8.71
C GLY A 49 -5.59 7.34 7.35
N LEU A 50 -5.42 8.33 6.49
CA LEU A 50 -6.01 8.32 5.19
C LEU A 50 -5.05 7.80 4.16
N HIS A 51 -3.79 8.10 4.36
CA HIS A 51 -2.75 7.72 3.43
C HIS A 51 -2.02 6.55 3.96
N ARG A 52 -2.47 5.38 3.63
CA ARG A 52 -1.88 4.18 4.11
C ARG A 52 -1.78 3.15 3.03
N CYS A 53 -0.78 2.36 3.15
CA CYS A 53 -0.61 1.18 2.35
C CYS A 53 -1.13 0.05 3.17
N LEU A 54 -2.17 -0.60 2.71
CA LEU A 54 -2.83 -1.65 3.48
C LEU A 54 -1.91 -2.83 3.68
N ALA A 55 -1.09 -3.07 2.69
CA ALA A 55 -0.11 -4.14 2.74
C ALA A 55 0.93 -3.88 3.83
N CYS A 56 1.20 -2.61 4.10
CA CYS A 56 2.17 -2.26 5.13
C CYS A 56 1.55 -1.95 6.47
N ALA A 57 0.27 -1.55 6.46
CA ALA A 57 -0.46 -1.18 7.68
C ALA A 57 0.24 0.01 8.35
N ARG A 58 0.91 0.81 7.53
CA ARG A 58 1.65 1.96 7.98
C ARG A 58 0.97 3.22 7.51
N TYR A 59 1.20 4.26 8.24
CA TYR A 59 0.63 5.52 8.01
C TYR A 59 1.65 6.45 7.40
N PHE A 60 1.29 7.08 6.31
CA PHE A 60 2.16 8.00 5.63
C PHE A 60 1.61 9.40 5.72
N ILE A 61 2.50 10.34 5.90
CA ILE A 61 2.16 11.72 6.08
C ILE A 61 1.48 12.33 4.84
N ASP A 62 1.98 12.00 3.66
CA ASP A 62 1.43 12.57 2.44
C ASP A 62 1.25 11.50 1.39
N SER A 63 0.26 11.67 0.54
CA SER A 63 -0.08 10.72 -0.52
C SER A 63 1.09 10.50 -1.48
N THR A 64 1.89 11.54 -1.74
CA THR A 64 3.01 11.43 -2.65
C THR A 64 4.04 10.43 -2.12
N ASN A 65 4.17 10.42 -0.80
CA ASN A 65 5.06 9.52 -0.13
C ASN A 65 4.55 8.11 -0.25
N LEU A 66 3.28 7.97 -0.09
CA LEU A 66 2.61 6.70 -0.20
C LEU A 66 2.68 6.17 -1.65
N LYS A 67 2.38 7.01 -2.59
CA LYS A 67 2.49 6.67 -4.03
C LYS A 67 3.94 6.27 -4.39
N THR A 68 4.92 7.02 -3.90
CA THR A 68 6.33 6.71 -4.12
C THR A 68 6.67 5.35 -3.49
N HIS A 69 6.02 5.08 -2.39
CA HIS A 69 6.16 3.87 -1.65
C HIS A 69 5.82 2.59 -2.48
N PHE A 70 4.93 2.69 -3.47
CA PHE A 70 4.64 1.47 -4.23
C PHE A 70 5.45 1.44 -5.51
N ARG A 71 6.33 2.41 -5.69
CA ARG A 71 7.13 2.44 -6.90
C ARG A 71 8.29 1.46 -6.80
N SER A 72 8.37 0.79 -5.67
CA SER A 72 9.28 -0.26 -5.46
C SER A 72 8.59 -1.55 -5.91
N LYS A 73 9.07 -2.13 -7.01
CA LYS A 73 8.47 -3.34 -7.54
C LYS A 73 8.63 -4.52 -6.60
N ASP A 74 9.67 -4.45 -5.77
CA ASP A 74 10.00 -5.50 -4.84
C ASP A 74 8.92 -5.67 -3.82
N HIS A 75 8.27 -4.58 -3.49
CA HIS A 75 7.19 -4.59 -2.53
C HIS A 75 6.04 -5.36 -3.05
N LYS A 76 5.61 -4.96 -4.18
CA LYS A 76 4.45 -5.51 -4.77
C LYS A 76 4.73 -6.96 -5.18
N LYS A 77 5.98 -7.23 -5.47
CA LYS A 77 6.50 -8.56 -5.68
C LYS A 77 6.33 -9.40 -4.40
N ARG A 78 6.63 -8.79 -3.25
CA ARG A 78 6.53 -9.46 -1.96
C ARG A 78 5.07 -9.83 -1.73
N LEU A 79 4.17 -8.98 -2.21
CA LEU A 79 2.74 -9.19 -2.13
C LEU A 79 2.32 -10.34 -3.03
N LYS A 80 2.91 -10.39 -4.19
CA LYS A 80 2.67 -11.45 -5.15
C LYS A 80 3.05 -12.81 -4.55
N GLN A 81 4.19 -12.84 -3.87
CA GLN A 81 4.67 -14.04 -3.22
C GLN A 81 3.80 -14.39 -2.02
N LEU A 82 3.41 -13.37 -1.25
CA LEU A 82 2.55 -13.51 -0.08
C LEU A 82 1.21 -14.10 -0.50
N SER A 83 0.79 -13.77 -1.73
CA SER A 83 -0.45 -14.23 -2.35
C SER A 83 -1.65 -13.48 -1.77
N VAL A 84 -2.85 -13.78 -2.26
CA VAL A 84 -4.05 -13.14 -1.81
C VAL A 84 -4.31 -13.40 -0.31
N GLU A 85 -4.36 -14.66 0.09
CA GLU A 85 -4.56 -15.02 1.48
C GLU A 85 -4.00 -16.42 1.74
N PRO A 86 -2.79 -16.49 2.29
CA PRO A 86 -2.16 -17.73 2.63
C PRO A 86 -2.31 -18.05 4.11
N TYR A 87 -1.43 -18.86 4.62
CA TYR A 87 -1.40 -19.14 6.03
C TYR A 87 -0.64 -18.07 6.74
N SER A 88 -0.83 -18.02 8.01
CA SER A 88 -0.20 -17.09 8.85
C SER A 88 0.03 -17.81 10.12
N GLN A 89 1.06 -17.46 10.83
CA GLN A 89 1.30 -18.10 12.09
C GLN A 89 0.44 -17.46 13.16
N GLU A 90 -0.79 -17.85 13.10
CA GLU A 90 -1.83 -17.44 13.98
C GLU A 90 -2.67 -18.66 14.14
N GLU A 91 -3.08 -19.19 13.01
CA GLU A 91 -3.73 -20.48 12.94
C GLU A 91 -2.71 -21.51 13.42
N ALA A 92 -1.58 -21.58 12.68
CA ALA A 92 -0.41 -22.40 13.03
C ALA A 92 -0.77 -23.87 13.26
N GLU A 93 0.14 -24.59 13.86
CA GLU A 93 -0.08 -25.95 14.19
C GLU A 93 0.47 -26.19 15.58
N ARG A 94 -0.27 -25.76 16.56
CA ARG A 94 0.10 -25.98 17.92
C ARG A 94 -0.49 -27.27 18.39
N ALA A 95 0.34 -28.27 18.51
CA ALA A 95 -0.09 -29.57 18.92
C ALA A 95 1.00 -30.25 19.72
N ALA A 96 1.05 -29.87 20.96
CA ALA A 96 1.99 -30.41 21.90
C ALA A 96 1.38 -30.34 23.26
N GLY A 97 0.61 -31.34 23.56
CA GLY A 97 -0.04 -31.43 24.81
C GLY A 97 -1.43 -30.83 24.76
N MET A 98 -2.22 -31.12 25.73
CA MET A 98 -3.59 -30.64 25.80
C MET A 98 -3.69 -29.68 26.98
N GLY A 99 -2.56 -29.10 27.33
CA GLY A 99 -2.48 -28.34 28.53
C GLY A 99 -2.02 -29.27 29.59
N SER A 100 -1.16 -30.17 29.18
CA SER A 100 -0.66 -31.24 29.96
C SER A 100 0.29 -30.76 31.05
N TYR A 101 -0.07 -31.05 32.27
CA TYR A 101 0.69 -30.69 33.44
C TYR A 101 0.51 -31.78 34.46
N VAL A 102 1.57 -32.18 35.09
CA VAL A 102 1.50 -33.25 36.06
C VAL A 102 1.72 -32.70 37.46
ZN ZN B . 3.63 -0.93 1.46
N ASP A 36 -12.94 26.45 9.19
CA ASP A 36 -11.93 25.40 9.31
C ASP A 36 -12.20 24.36 8.28
N PRO A 37 -11.22 23.50 7.94
CA PRO A 37 -11.45 22.40 7.03
C PRO A 37 -12.50 21.46 7.61
N ASN A 38 -13.19 20.74 6.76
CA ASN A 38 -14.23 19.80 7.20
C ASN A 38 -13.57 18.71 8.01
N ALA A 39 -12.48 18.18 7.45
CA ALA A 39 -11.68 17.15 8.05
C ALA A 39 -12.48 15.87 8.24
N GLU A 40 -12.64 15.15 7.15
CA GLU A 40 -13.33 13.89 7.15
C GLU A 40 -12.36 12.83 7.65
N PHE A 41 -11.10 13.13 7.49
CA PHE A 41 -10.02 12.31 7.92
C PHE A 41 -9.57 12.75 9.30
N ASP A 42 -8.64 12.02 9.89
CA ASP A 42 -8.12 12.38 11.19
C ASP A 42 -6.81 13.11 10.99
N PRO A 43 -6.79 14.44 11.21
CA PRO A 43 -5.60 15.28 10.98
C PRO A 43 -4.37 14.90 11.84
N ASP A 44 -4.55 14.14 12.89
CA ASP A 44 -3.42 13.71 13.69
C ASP A 44 -2.68 12.61 12.98
N LEU A 45 -3.43 11.75 12.37
CA LEU A 45 -2.88 10.62 11.67
C LEU A 45 -2.24 11.04 10.35
N PRO A 46 -1.09 10.43 10.01
CA PRO A 46 -0.39 10.74 8.77
C PRO A 46 -1.29 10.51 7.56
N GLY A 47 -1.50 11.57 6.80
CA GLY A 47 -2.32 11.49 5.63
C GLY A 47 -3.77 11.30 5.98
N GLY A 48 -4.13 11.77 7.17
CA GLY A 48 -5.47 11.67 7.64
C GLY A 48 -5.78 10.26 8.12
N GLY A 49 -4.79 9.40 8.05
CA GLY A 49 -4.96 8.02 8.40
C GLY A 49 -5.55 7.24 7.26
N LEU A 50 -5.85 7.92 6.16
CA LEU A 50 -6.45 7.31 5.02
C LEU A 50 -5.41 6.80 4.07
N HIS A 51 -4.34 7.55 3.93
CA HIS A 51 -3.32 7.19 2.98
C HIS A 51 -2.31 6.30 3.63
N ARG A 52 -2.60 5.05 3.59
CA ARG A 52 -1.73 4.06 4.15
C ARG A 52 -1.55 2.89 3.25
N CYS A 53 -0.45 2.22 3.43
CA CYS A 53 -0.20 0.97 2.78
C CYS A 53 -0.58 -0.12 3.75
N LEU A 54 -1.56 -0.91 3.41
CA LEU A 54 -2.08 -1.94 4.28
C LEU A 54 -1.04 -3.00 4.49
N ALA A 55 -0.33 -3.29 3.43
CA ALA A 55 0.74 -4.28 3.45
C ALA A 55 1.88 -3.90 4.39
N CYS A 56 1.96 -2.62 4.77
CA CYS A 56 3.01 -2.17 5.67
C CYS A 56 2.48 -1.64 6.97
N ALA A 57 1.16 -1.45 7.04
CA ALA A 57 0.47 -0.91 8.22
C ALA A 57 0.98 0.50 8.57
N ARG A 58 1.64 1.13 7.61
CA ARG A 58 2.21 2.43 7.83
C ARG A 58 1.38 3.46 7.16
N TYR A 59 1.26 4.58 7.79
CA TYR A 59 0.51 5.68 7.34
C TYR A 59 1.47 6.72 6.84
N PHE A 60 1.17 7.32 5.72
CA PHE A 60 2.06 8.29 5.14
C PHE A 60 1.38 9.63 5.13
N ILE A 61 2.15 10.69 5.34
CA ILE A 61 1.61 12.03 5.49
C ILE A 61 0.90 12.53 4.25
N ASP A 62 1.25 12.00 3.11
CA ASP A 62 0.62 12.38 1.88
C ASP A 62 0.55 11.20 0.97
N SER A 63 -0.44 11.18 0.11
CA SER A 63 -0.65 10.10 -0.83
C SER A 63 0.56 9.91 -1.74
N THR A 64 1.26 10.99 -2.03
CA THR A 64 2.43 10.92 -2.89
C THR A 64 3.56 10.14 -2.20
N ASN A 65 3.63 10.25 -0.87
CA ASN A 65 4.61 9.52 -0.10
C ASN A 65 4.27 8.06 -0.12
N LEU A 66 3.00 7.79 0.02
CA LEU A 66 2.48 6.45 -0.03
C LEU A 66 2.74 5.82 -1.41
N LYS A 67 2.38 6.53 -2.44
CA LYS A 67 2.61 6.08 -3.83
C LYS A 67 4.10 5.86 -4.12
N THR A 68 4.95 6.79 -3.66
CA THR A 68 6.39 6.67 -3.85
C THR A 68 6.92 5.44 -3.10
N HIS A 69 6.28 5.14 -1.98
CA HIS A 69 6.58 3.97 -1.19
C HIS A 69 6.42 2.67 -1.99
N PHE A 70 5.53 2.66 -2.96
CA PHE A 70 5.34 1.44 -3.70
C PHE A 70 6.34 1.32 -4.83
N ARG A 71 7.27 2.28 -4.95
CA ARG A 71 8.29 2.19 -5.98
C ARG A 71 9.24 1.02 -5.71
N SER A 72 9.08 0.43 -4.54
CA SER A 72 9.71 -0.78 -4.19
C SER A 72 9.02 -1.90 -5.01
N LYS A 73 9.63 -2.26 -6.11
CA LYS A 73 9.10 -3.26 -7.02
C LYS A 73 9.02 -4.65 -6.39
N ASP A 74 9.86 -4.91 -5.41
CA ASP A 74 9.85 -6.17 -4.66
C ASP A 74 8.57 -6.26 -3.87
N HIS A 75 8.14 -5.12 -3.41
CA HIS A 75 6.94 -4.98 -2.63
C HIS A 75 5.74 -5.16 -3.48
N LYS A 76 5.70 -4.52 -4.58
CA LYS A 76 4.58 -4.65 -5.42
C LYS A 76 4.49 -6.05 -6.03
N LYS A 77 5.65 -6.67 -6.19
CA LYS A 77 5.76 -8.10 -6.49
C LYS A 77 5.04 -8.88 -5.37
N ARG A 78 5.39 -8.55 -4.14
CA ARG A 78 4.78 -9.11 -2.93
C ARG A 78 3.25 -8.96 -2.95
N LEU A 79 2.79 -7.85 -3.49
CA LEU A 79 1.39 -7.57 -3.61
C LEU A 79 0.75 -8.37 -4.73
N LYS A 80 1.47 -8.55 -5.81
CA LYS A 80 1.00 -9.40 -6.90
C LYS A 80 0.82 -10.82 -6.39
N GLN A 81 1.82 -11.31 -5.71
CA GLN A 81 1.79 -12.66 -5.16
C GLN A 81 0.70 -12.77 -4.11
N LEU A 82 0.46 -11.69 -3.38
CA LEU A 82 -0.60 -11.62 -2.38
C LEU A 82 -1.97 -11.76 -3.05
N SER A 83 -2.10 -11.16 -4.22
CA SER A 83 -3.36 -11.14 -4.94
C SER A 83 -3.56 -12.41 -5.78
N VAL A 84 -2.52 -13.19 -5.93
CA VAL A 84 -2.59 -14.43 -6.69
C VAL A 84 -2.58 -15.64 -5.76
N GLU A 85 -1.64 -15.65 -4.85
CA GLU A 85 -1.44 -16.77 -3.98
C GLU A 85 -2.06 -16.51 -2.61
N PRO A 86 -2.85 -17.44 -2.10
CA PRO A 86 -3.34 -17.35 -0.74
C PRO A 86 -2.18 -17.64 0.24
N TYR A 87 -2.29 -17.20 1.46
CA TYR A 87 -1.25 -17.44 2.44
C TYR A 87 -1.50 -18.74 3.19
N SER A 88 -0.51 -19.17 3.92
CA SER A 88 -0.62 -20.34 4.74
C SER A 88 -1.30 -20.00 6.07
N GLN A 89 -0.69 -19.11 6.78
CA GLN A 89 -1.24 -18.55 8.01
C GLN A 89 -1.06 -17.04 8.02
N GLU A 90 -1.42 -16.41 6.89
CA GLU A 90 -1.25 -14.96 6.65
C GLU A 90 0.26 -14.61 6.64
N GLU A 91 1.08 -15.67 6.49
CA GLU A 91 2.55 -15.59 6.55
C GLU A 91 2.97 -15.21 7.99
N ALA A 92 2.03 -15.39 8.89
CA ALA A 92 2.22 -15.06 10.27
C ALA A 92 3.00 -16.14 10.99
N GLU A 93 4.30 -16.08 10.85
CA GLU A 93 5.19 -16.95 11.57
C GLU A 93 5.73 -16.22 12.77
N ARG A 94 5.21 -15.04 12.95
CA ARG A 94 5.52 -14.19 14.05
C ARG A 94 4.22 -13.59 14.58
N ALA A 95 3.66 -14.21 15.58
CA ALA A 95 2.44 -13.69 16.16
C ALA A 95 2.76 -12.82 17.36
N ALA A 96 3.08 -13.46 18.46
CA ALA A 96 3.45 -12.81 19.70
C ALA A 96 3.90 -13.88 20.68
N GLY A 97 5.16 -14.18 20.63
CA GLY A 97 5.71 -15.18 21.49
C GLY A 97 6.85 -14.63 22.28
N MET A 98 8.04 -14.88 21.82
CA MET A 98 9.23 -14.42 22.47
C MET A 98 10.32 -14.22 21.45
N GLY A 99 10.75 -13.01 21.30
CA GLY A 99 11.78 -12.69 20.36
C GLY A 99 12.41 -11.37 20.66
N SER A 100 11.67 -10.32 20.42
CA SER A 100 12.15 -9.00 20.66
C SER A 100 11.72 -8.52 22.04
N TYR A 101 12.65 -7.95 22.78
CA TYR A 101 12.34 -7.43 24.05
C TYR A 101 12.00 -5.94 23.92
N VAL A 102 11.45 -5.37 24.99
CA VAL A 102 11.02 -3.95 25.08
C VAL A 102 10.10 -3.49 23.92
ZN ZN B . 4.04 -1.07 1.68
N ASP A 36 -9.07 20.14 8.71
CA ASP A 36 -8.94 20.96 7.51
C ASP A 36 -10.23 20.82 6.71
N PRO A 37 -10.70 21.88 5.98
CA PRO A 37 -11.94 21.82 5.22
C PRO A 37 -11.97 20.66 4.24
N ASN A 38 -12.99 19.83 4.40
CA ASN A 38 -13.24 18.62 3.62
C ASN A 38 -12.01 17.65 3.67
N ALA A 39 -11.21 17.81 4.68
CA ALA A 39 -10.03 17.03 4.87
C ALA A 39 -9.84 16.76 6.35
N GLU A 40 -10.45 15.69 6.79
CA GLU A 40 -10.42 15.30 8.16
C GLU A 40 -9.21 14.45 8.47
N PHE A 41 -8.50 14.85 9.48
CA PHE A 41 -7.31 14.14 9.88
C PHE A 41 -7.27 14.00 11.38
N ASP A 42 -6.30 13.28 11.85
CA ASP A 42 -6.06 13.09 13.26
C ASP A 42 -4.61 13.42 13.49
N PRO A 43 -4.30 14.25 14.48
CA PRO A 43 -2.92 14.70 14.71
C PRO A 43 -1.93 13.60 15.12
N ASP A 44 -2.42 12.41 15.47
CA ASP A 44 -1.50 11.33 15.82
C ASP A 44 -1.27 10.44 14.62
N LEU A 45 -2.26 10.38 13.76
CA LEU A 45 -2.21 9.54 12.58
C LEU A 45 -1.69 10.30 11.38
N PRO A 46 -0.60 9.83 10.78
CA PRO A 46 -0.03 10.44 9.60
C PRO A 46 -1.02 10.39 8.43
N GLY A 47 -1.31 11.56 7.87
CA GLY A 47 -2.24 11.66 6.76
C GLY A 47 -3.64 11.38 7.23
N GLY A 48 -3.86 11.52 8.55
CA GLY A 48 -5.13 11.25 9.17
C GLY A 48 -5.51 9.79 9.05
N GLY A 49 -4.53 8.96 8.71
CA GLY A 49 -4.77 7.56 8.53
C GLY A 49 -5.48 7.29 7.19
N LEU A 50 -5.66 8.32 6.37
CA LEU A 50 -6.35 8.21 5.10
C LEU A 50 -5.41 7.83 3.98
N HIS A 51 -4.14 7.83 4.25
CA HIS A 51 -3.16 7.45 3.26
C HIS A 51 -2.27 6.41 3.86
N ARG A 52 -2.53 5.18 3.55
CA ARG A 52 -1.76 4.11 4.09
C ARG A 52 -1.56 3.00 3.12
N CYS A 53 -0.47 2.33 3.32
CA CYS A 53 -0.17 1.13 2.61
C CYS A 53 -0.60 -0.03 3.48
N LEU A 54 -1.55 -0.79 3.02
CA LEU A 54 -2.15 -1.87 3.76
C LEU A 54 -1.13 -2.92 4.11
N ALA A 55 -0.28 -3.23 3.15
CA ALA A 55 0.75 -4.24 3.34
C ALA A 55 1.79 -3.82 4.37
N CYS A 56 1.99 -2.53 4.53
CA CYS A 56 2.95 -2.07 5.51
C CYS A 56 2.30 -1.69 6.81
N ALA A 57 0.96 -1.56 6.77
CA ALA A 57 0.13 -1.20 7.92
C ALA A 57 0.52 0.16 8.50
N ARG A 58 1.28 0.92 7.73
CA ARG A 58 1.77 2.18 8.16
C ARG A 58 0.99 3.25 7.48
N TYR A 59 0.83 4.34 8.16
CA TYR A 59 0.12 5.45 7.68
C TYR A 59 1.16 6.47 7.28
N PHE A 60 0.92 7.15 6.21
CA PHE A 60 1.88 8.11 5.74
C PHE A 60 1.23 9.46 5.66
N ILE A 61 2.03 10.48 5.79
CA ILE A 61 1.56 11.83 5.78
C ILE A 61 0.83 12.26 4.49
N ASP A 62 1.25 11.73 3.34
CA ASP A 62 0.63 12.17 2.09
C ASP A 62 0.65 11.06 1.04
N SER A 63 -0.20 11.16 0.02
CA SER A 63 -0.31 10.17 -1.05
C SER A 63 0.95 10.11 -1.89
N THR A 64 1.70 11.23 -1.96
CA THR A 64 2.93 11.26 -2.65
C THR A 64 3.89 10.26 -2.06
N ASN A 65 3.93 10.25 -0.76
CA ASN A 65 4.72 9.35 0.01
C ASN A 65 4.32 7.92 -0.24
N LEU A 66 3.04 7.66 -0.30
CA LEU A 66 2.55 6.32 -0.63
C LEU A 66 2.96 5.88 -1.98
N LYS A 67 2.65 6.68 -2.93
CA LYS A 67 2.94 6.37 -4.32
C LYS A 67 4.45 6.20 -4.57
N THR A 68 5.25 7.00 -3.88
CA THR A 68 6.69 6.88 -3.94
C THR A 68 7.15 5.61 -3.20
N HIS A 69 6.42 5.29 -2.15
CA HIS A 69 6.64 4.10 -1.36
C HIS A 69 6.38 2.81 -2.18
N PHE A 70 5.37 2.82 -3.04
CA PHE A 70 5.06 1.62 -3.80
C PHE A 70 5.95 1.49 -5.03
N ARG A 71 6.92 2.37 -5.19
CA ARG A 71 7.82 2.29 -6.34
C ARG A 71 8.77 1.09 -6.21
N SER A 72 8.71 0.44 -5.08
CA SER A 72 9.44 -0.77 -4.84
C SER A 72 8.74 -1.91 -5.59
N LYS A 73 9.35 -2.36 -6.68
CA LYS A 73 8.86 -3.46 -7.47
C LYS A 73 8.81 -4.72 -6.62
N ASP A 74 9.83 -4.87 -5.78
CA ASP A 74 9.94 -6.00 -4.85
C ASP A 74 8.73 -6.03 -3.92
N HIS A 75 8.29 -4.85 -3.53
CA HIS A 75 7.16 -4.69 -2.63
C HIS A 75 5.89 -5.06 -3.30
N LYS A 76 5.75 -4.58 -4.46
CA LYS A 76 4.55 -4.84 -5.17
C LYS A 76 4.48 -6.30 -5.62
N LYS A 77 5.62 -6.89 -5.84
CA LYS A 77 5.70 -8.33 -6.05
C LYS A 77 5.19 -9.03 -4.78
N ARG A 78 5.66 -8.54 -3.62
CA ARG A 78 5.21 -9.01 -2.30
C ARG A 78 3.70 -8.95 -2.19
N LEU A 79 3.13 -7.97 -2.82
CA LEU A 79 1.72 -7.75 -2.82
C LEU A 79 1.00 -8.83 -3.59
N LYS A 80 1.59 -9.28 -4.68
CA LYS A 80 1.01 -10.35 -5.47
C LYS A 80 1.18 -11.69 -4.74
N GLN A 81 2.26 -11.79 -3.96
CA GLN A 81 2.51 -12.97 -3.14
C GLN A 81 1.52 -13.03 -1.99
N LEU A 82 1.33 -11.88 -1.34
CA LEU A 82 0.40 -11.73 -0.23
C LEU A 82 -1.04 -11.80 -0.73
N SER A 83 -1.18 -11.58 -2.04
CA SER A 83 -2.42 -11.64 -2.77
C SER A 83 -3.28 -10.39 -2.60
N VAL A 84 -3.23 -9.55 -3.62
CA VAL A 84 -4.03 -8.34 -3.69
C VAL A 84 -5.48 -8.73 -3.95
N GLU A 85 -5.64 -9.82 -4.71
CA GLU A 85 -6.93 -10.37 -5.09
C GLU A 85 -7.64 -9.46 -6.09
N PRO A 86 -7.74 -9.88 -7.35
CA PRO A 86 -8.47 -9.13 -8.35
C PRO A 86 -9.95 -9.08 -7.98
N TYR A 87 -10.45 -7.88 -7.75
CA TYR A 87 -11.84 -7.68 -7.36
C TYR A 87 -12.81 -8.26 -8.39
N SER A 88 -13.91 -8.77 -7.88
CA SER A 88 -14.90 -9.41 -8.70
C SER A 88 -16.27 -9.04 -8.19
N GLN A 89 -16.91 -8.08 -8.87
CA GLN A 89 -18.23 -7.57 -8.53
C GLN A 89 -18.16 -6.88 -7.13
N GLU A 90 -19.30 -6.38 -6.63
CA GLU A 90 -19.43 -5.71 -5.31
C GLU A 90 -18.81 -4.31 -5.37
N GLU A 91 -17.57 -4.29 -5.70
CA GLU A 91 -16.81 -3.07 -5.84
C GLU A 91 -16.99 -2.53 -7.24
N ALA A 92 -17.14 -3.43 -8.16
CA ALA A 92 -17.40 -3.08 -9.53
C ALA A 92 -18.59 -3.89 -9.98
N GLU A 93 -19.75 -3.29 -9.90
CA GLU A 93 -20.97 -3.98 -10.25
C GLU A 93 -21.46 -3.54 -11.62
N ARG A 94 -20.73 -2.64 -12.22
CA ARG A 94 -21.07 -2.15 -13.54
C ARG A 94 -20.96 -3.27 -14.58
N ALA A 95 -21.86 -3.27 -15.52
CA ALA A 95 -21.82 -4.23 -16.58
C ALA A 95 -21.00 -3.65 -17.71
N ALA A 96 -21.31 -2.43 -18.09
CA ALA A 96 -20.64 -1.71 -19.14
C ALA A 96 -21.01 -0.26 -19.06
N GLY A 97 -22.27 0.00 -19.27
CA GLY A 97 -22.79 1.34 -19.22
C GLY A 97 -23.54 1.67 -20.47
N MET A 98 -24.76 1.18 -20.57
CA MET A 98 -25.59 1.42 -21.74
C MET A 98 -26.05 2.87 -21.81
N GLY A 99 -25.61 3.56 -22.83
CA GLY A 99 -26.01 4.91 -23.04
C GLY A 99 -27.19 4.98 -23.97
N SER A 100 -26.94 4.69 -25.24
CA SER A 100 -27.96 4.72 -26.29
C SER A 100 -28.68 6.08 -26.32
N TYR A 101 -28.00 7.07 -26.84
CA TYR A 101 -28.46 8.40 -26.82
C TYR A 101 -28.93 8.89 -28.19
N VAL A 102 -29.48 10.08 -28.22
CA VAL A 102 -29.96 10.66 -29.44
C VAL A 102 -28.97 11.73 -29.89
ZN ZN B . 4.13 -0.81 1.65
N ASP A 36 -12.30 26.26 13.04
CA ASP A 36 -10.96 25.65 13.17
C ASP A 36 -10.50 25.22 11.79
N PRO A 37 -9.19 25.39 11.46
CA PRO A 37 -8.61 24.97 10.17
C PRO A 37 -8.99 23.55 9.77
N ASN A 38 -8.71 23.22 8.53
CA ASN A 38 -9.04 21.92 8.01
C ASN A 38 -8.02 20.94 8.45
N ALA A 39 -8.13 20.61 9.68
CA ALA A 39 -7.37 19.58 10.32
C ALA A 39 -7.87 18.22 9.83
N GLU A 40 -7.72 18.02 8.55
CA GLU A 40 -8.11 16.83 7.85
C GLU A 40 -7.14 15.72 8.19
N PHE A 41 -6.00 16.13 8.64
CA PHE A 41 -4.95 15.28 9.09
C PHE A 41 -4.97 15.22 10.60
N ASP A 42 -4.09 14.45 11.18
CA ASP A 42 -4.03 14.30 12.62
C ASP A 42 -2.57 14.41 13.04
N PRO A 43 -2.27 15.01 14.20
CA PRO A 43 -0.90 15.17 14.66
C PRO A 43 -0.24 13.89 15.17
N ASP A 44 -1.01 12.92 15.57
CA ASP A 44 -0.43 11.69 16.07
C ASP A 44 -0.49 10.62 14.99
N LEU A 45 -1.41 10.81 14.10
CA LEU A 45 -1.58 9.90 13.01
C LEU A 45 -1.22 10.57 11.70
N PRO A 46 -0.11 10.17 11.09
CA PRO A 46 0.38 10.74 9.83
C PRO A 46 -0.69 10.72 8.75
N GLY A 47 -0.95 11.88 8.17
CA GLY A 47 -1.93 11.99 7.12
C GLY A 47 -3.35 12.00 7.65
N GLY A 48 -3.48 11.87 8.96
CA GLY A 48 -4.78 11.79 9.58
C GLY A 48 -5.14 10.36 9.84
N GLY A 49 -4.17 9.48 9.65
CA GLY A 49 -4.41 8.08 9.77
C GLY A 49 -4.90 7.56 8.45
N LEU A 50 -4.52 8.27 7.41
CA LEU A 50 -4.90 8.00 6.13
C LEU A 50 -3.63 7.73 5.40
N HIS A 51 -3.74 7.73 4.13
CA HIS A 51 -2.68 7.43 3.15
C HIS A 51 -1.83 6.28 3.64
N ARG A 52 -2.40 5.13 3.71
CA ARG A 52 -1.71 4.02 4.25
C ARG A 52 -1.70 2.83 3.35
N CYS A 53 -0.61 2.15 3.42
CA CYS A 53 -0.44 0.92 2.70
C CYS A 53 -0.79 -0.19 3.65
N LEU A 54 -1.82 -0.95 3.30
CA LEU A 54 -2.32 -2.01 4.16
C LEU A 54 -1.29 -3.09 4.35
N ALA A 55 -0.51 -3.31 3.32
CA ALA A 55 0.56 -4.28 3.35
C ALA A 55 1.69 -3.87 4.33
N CYS A 56 1.73 -2.60 4.70
CA CYS A 56 2.76 -2.13 5.60
C CYS A 56 2.22 -1.61 6.93
N ALA A 57 0.90 -1.37 6.98
CA ALA A 57 0.18 -0.90 8.18
C ALA A 57 0.70 0.46 8.68
N ARG A 58 1.45 1.14 7.84
CA ARG A 58 2.01 2.41 8.20
C ARG A 58 1.28 3.51 7.49
N TYR A 59 1.27 4.67 8.11
CA TYR A 59 0.56 5.78 7.63
C TYR A 59 1.55 6.74 7.02
N PHE A 60 1.14 7.41 5.99
CA PHE A 60 1.97 8.38 5.34
C PHE A 60 1.26 9.71 5.39
N ILE A 61 2.02 10.78 5.50
CA ILE A 61 1.44 12.07 5.62
C ILE A 61 0.82 12.53 4.31
N ASP A 62 1.32 12.02 3.20
CA ASP A 62 0.79 12.45 1.92
C ASP A 62 0.69 11.27 0.96
N SER A 63 -0.24 11.36 0.03
CA SER A 63 -0.47 10.32 -0.96
C SER A 63 0.76 10.16 -1.86
N THR A 64 1.49 11.25 -2.08
CA THR A 64 2.71 11.21 -2.87
C THR A 64 3.72 10.28 -2.21
N ASN A 65 3.82 10.40 -0.89
CA ASN A 65 4.73 9.63 -0.10
C ASN A 65 4.34 8.16 -0.11
N LEU A 66 3.06 7.92 0.00
CA LEU A 66 2.52 6.59 -0.05
C LEU A 66 2.72 5.97 -1.43
N LYS A 67 2.39 6.70 -2.44
CA LYS A 67 2.59 6.28 -3.84
C LYS A 67 4.07 5.99 -4.13
N THR A 68 4.95 6.87 -3.65
CA THR A 68 6.38 6.71 -3.79
C THR A 68 6.85 5.42 -3.07
N HIS A 69 6.13 5.07 -2.03
CA HIS A 69 6.38 3.87 -1.29
C HIS A 69 6.22 2.60 -2.16
N PHE A 70 5.38 2.64 -3.18
CA PHE A 70 5.22 1.44 -3.99
C PHE A 70 6.19 1.46 -5.16
N ARG A 71 7.12 2.40 -5.17
CA ARG A 71 8.14 2.43 -6.20
C ARG A 71 9.13 1.30 -5.98
N SER A 72 9.06 0.70 -4.81
CA SER A 72 9.79 -0.48 -4.50
C SER A 72 9.04 -1.66 -5.16
N LYS A 73 9.53 -2.09 -6.32
CA LYS A 73 8.86 -3.13 -7.09
C LYS A 73 8.81 -4.51 -6.40
N ASP A 74 9.76 -4.76 -5.50
CA ASP A 74 9.83 -6.02 -4.74
C ASP A 74 8.58 -6.19 -3.90
N HIS A 75 8.06 -5.07 -3.47
CA HIS A 75 6.88 -5.01 -2.64
C HIS A 75 5.70 -5.43 -3.42
N LYS A 76 5.55 -4.84 -4.55
CA LYS A 76 4.43 -5.07 -5.38
C LYS A 76 4.52 -6.47 -5.96
N LYS A 77 5.73 -6.94 -6.10
CA LYS A 77 6.02 -8.30 -6.44
C LYS A 77 5.48 -9.22 -5.35
N ARG A 78 5.71 -8.84 -4.08
CA ARG A 78 5.24 -9.63 -2.97
C ARG A 78 3.71 -9.60 -2.92
N LEU A 79 3.15 -8.52 -3.40
CA LEU A 79 1.74 -8.31 -3.40
C LEU A 79 1.07 -9.17 -4.46
N LYS A 80 1.64 -9.17 -5.67
CA LYS A 80 1.08 -9.93 -6.78
C LYS A 80 1.00 -11.40 -6.46
N GLN A 81 2.08 -11.95 -5.97
CA GLN A 81 2.17 -13.38 -5.70
C GLN A 81 1.32 -13.76 -4.50
N LEU A 82 1.03 -12.81 -3.66
CA LEU A 82 0.23 -13.06 -2.51
C LEU A 82 -1.22 -13.23 -2.89
N SER A 83 -1.70 -12.36 -3.79
CA SER A 83 -3.14 -12.31 -4.16
C SER A 83 -3.40 -11.33 -5.30
N VAL A 84 -2.68 -10.21 -5.31
CA VAL A 84 -2.94 -9.09 -6.23
C VAL A 84 -2.85 -9.50 -7.70
N GLU A 85 -1.92 -10.33 -8.07
CA GLU A 85 -1.77 -10.70 -9.45
C GLU A 85 -1.11 -12.08 -9.57
N PRO A 86 -1.91 -13.15 -9.52
CA PRO A 86 -1.43 -14.52 -9.69
C PRO A 86 -0.99 -14.74 -11.14
N TYR A 87 0.26 -15.17 -11.32
CA TYR A 87 0.88 -15.34 -12.65
C TYR A 87 1.01 -13.97 -13.29
N SER A 88 2.21 -13.50 -13.35
CA SER A 88 2.42 -12.15 -13.73
C SER A 88 2.99 -12.05 -15.13
N GLN A 89 2.14 -11.61 -16.04
CA GLN A 89 2.46 -11.35 -17.45
C GLN A 89 3.45 -12.30 -18.13
N GLU A 90 2.95 -13.52 -18.39
CA GLU A 90 3.70 -14.60 -19.05
C GLU A 90 5.02 -14.90 -18.28
N GLU A 91 4.96 -14.67 -16.97
CA GLU A 91 6.09 -14.81 -16.05
C GLU A 91 7.09 -13.70 -16.32
N ALA A 92 6.84 -12.61 -15.69
CA ALA A 92 7.58 -11.41 -15.84
C ALA A 92 8.86 -11.41 -15.01
N GLU A 93 9.68 -10.38 -15.20
CA GLU A 93 10.93 -10.20 -14.44
C GLU A 93 11.96 -11.28 -14.72
N ARG A 94 11.85 -11.94 -15.85
CA ARG A 94 12.82 -12.95 -16.21
C ARG A 94 13.61 -12.49 -17.44
N ALA A 95 14.89 -12.30 -17.27
CA ALA A 95 15.75 -11.85 -18.36
C ALA A 95 15.80 -12.90 -19.46
N ALA A 96 15.97 -14.16 -19.05
CA ALA A 96 16.05 -15.31 -19.96
C ALA A 96 17.19 -15.16 -20.97
N GLY A 97 18.37 -15.48 -20.51
CA GLY A 97 19.54 -15.36 -21.34
C GLY A 97 20.72 -14.88 -20.54
N MET A 98 21.05 -13.59 -20.69
CA MET A 98 22.17 -12.95 -19.99
C MET A 98 23.52 -13.55 -20.43
N GLY A 99 24.16 -12.91 -21.38
CA GLY A 99 25.42 -13.41 -21.89
C GLY A 99 26.60 -12.50 -21.62
N SER A 100 26.34 -11.36 -21.03
CA SER A 100 27.39 -10.42 -20.76
C SER A 100 28.16 -10.80 -19.48
N TYR A 101 29.34 -11.37 -19.67
CA TYR A 101 30.17 -11.80 -18.58
C TYR A 101 31.62 -11.78 -19.00
N VAL A 102 32.45 -11.25 -18.16
CA VAL A 102 33.85 -11.17 -18.42
C VAL A 102 34.54 -12.37 -17.80
ZN ZN B . 3.77 -1.13 1.56
#